data_5C2T
#
_entry.id   5C2T
#
_cell.length_a   122.813
_cell.length_b   123.632
_cell.length_c   219.812
_cell.angle_alpha   90.00
_cell.angle_beta   90.00
_cell.angle_gamma   90.00
#
_symmetry.space_group_name_H-M   'P 21 21 21'
#
loop_
_entity.id
_entity.type
_entity.pdbx_description
1 polymer 'Succinate dehydrogenase [ubiquinone] flavoprotein subunit, mitochondrial'
2 polymer 'Succinate dehydrogenase [ubiquinone] iron-sulfur subunit, mitochondrial'
3 polymer 'Cytochrome b-large subunit'
4 polymer 'Succinate dehydrogenase [ubiquinone] cytochrome b small subunit, mitochondrial'
5 non-polymer 'MALONATE ION'
6 non-polymer 'FLAVIN-ADENINE DINUCLEOTIDE'
7 non-polymer 'FE2/S2 (INORGANIC) CLUSTER'
8 non-polymer 'IRON/SULFUR CLUSTER'
9 non-polymer 'FE3-S4 CLUSTER'
10 non-polymer 'PROTOPORPHYRIN IX CONTAINING FE'
11 non-polymer 2-amino-5-[(2E)-3,7-dimethylocta-2,6-dien-1-yl]-3-methoxy-6-methylcyclohexa-2,5-diene-1,4-dione
12 non-polymer L-ALPHA-PHOSPHATIDYL-BETA-OLEOYL-GAMMA-PALMITOYL-PHOSPHATIDYLETHANOLAMINE
13 water water
#
loop_
_entity_poly.entity_id
_entity_poly.type
_entity_poly.pdbx_seq_one_letter_code
_entity_poly.pdbx_strand_id
1 'polypeptide(L)'
;MLRAVRALICRIGARRTLSVSSSRLDVSTSNIAQYKVIDHAYDVVIIGAGGAGLRAAMGLGEAGFKTAVVTKMFPTRSHT
TAAQGGINAALGSMNPDDWKWHFYDTVKGSDWLGDQNAMHYLTRNAVEAVTELENFGMPFSRTPEGKIYQRSFGGQSNNY
GKGGVAKRTCCVADRTGHSMLHTLYGNSLRCHCTFFIEYFALDLLMDKGRCVGVIALCLEDGTIHRFRSKRTIVATGGYG
RAYFSCTTAHMNTGDGTALATRAGIALEDLEFIQFHPTGIYGVGCLITEGSRGEGGFLVNSEGERFMERYAPKAKDLASR
DVVSRAETIEIMEGRGVGPEKDHIYLQLHHLPAEQLHQRLPGISETAKIFAGVDVTKEPIPVIPTVHYNMGGIPTNYKAQ
VIKYTKEGGDKIVPGLYACGECACHSVHGANRLGANSLLDAVVFGRACSINIKEELKPDEKIPELPEGAGEESIANLDAV
RYANGDVPTAELRLTMQKTMQKHAGVFRRGDILAEGVKKMMDLFKELKRLKTTDRSLIWNSDLTESLELQNLMLNATQTI
VAAENRKESRGAHARDDFPKREDEYDYSKPIEGQTKRPFEKHWRKHTLTKQDPRTGHITLDYRPVIDKTLDPAEVDWIPP
IIRSY
;
A,E
2 'polypeptide(L)'
;MLRGSTSVCRSLELVTQAARYASAATAAAPTGKRIKTFEIYRFNPEEPGAKPKLQKFDVDLDKCGTMVLDALIKIKNEVD
PTLTFRRSCREGICGSCAMNIAGENTLACICNIDQNTSKTTKIYPLPHMFVIKDLVPDMNLFYAQYASIQPWLQKKTKIN
LGEKQQYQSIKEQEKLDGLYECILCACCSASCPSYWWNADKYLGPAVLMQAYRWIIDSRDDSAAERLARMQDGFSAFKCH
TIMNCTKTCPKHLNPARAIGEIKMLLTKMKTKPAPLPTPANF
;
B,F
3 'polypeptide(L)'
;MSLLPYNATLCRVLRHNVKFIRSVQTSAARVSAEKTPIQVWGWDYLMRQRALKRPIAPHLTIYKPQMTWMVSGLHRVTGC
AMAGTLLIGGVGFSVLPLDFTTFVEFIRGLGIPWVILDTFKFIIAFPIAFHTLNGIRFIGFDMAKGTDIPSIYRGAYLVL
GLAALISLAVVVYPRWERHKKATLPTNH
;
C,G
4 'polypeptide(L)'
;MLSAVRRAIPLSARILRTSLIQRCAGATSAAVTGAAPPQFDPIAAEKGFKPLHSHGTLFKIERYFAAAMVPLIPAAYFIH
GREMDLCLALALTLHVHWGVWGVVNDYGRPFVLGDTLAAAVRVGAYIFTACLLAGLLYFNEHDVGLTRAFEMVWEL
;
D,H
#
# COMPACT_ATOMS: atom_id res chain seq x y z
N SER A 30 -14.04 -36.12 13.20
CA SER A 30 -14.03 -36.96 14.42
C SER A 30 -14.94 -38.17 14.23
N ASN A 31 -14.63 -39.24 14.95
CA ASN A 31 -15.38 -40.51 14.93
C ASN A 31 -15.70 -41.13 13.55
N ILE A 32 -16.98 -41.18 13.17
CA ILE A 32 -17.49 -42.20 12.21
C ILE A 32 -16.92 -42.14 10.77
N ALA A 33 -16.26 -41.04 10.40
CA ALA A 33 -15.52 -40.98 9.11
C ALA A 33 -14.21 -40.19 9.25
N GLN A 34 -13.44 -40.09 8.15
CA GLN A 34 -12.19 -39.30 8.15
C GLN A 34 -12.19 -38.18 7.11
N TYR A 35 -11.42 -37.14 7.40
CA TYR A 35 -11.49 -35.87 6.70
C TYR A 35 -10.12 -35.39 6.28
N LYS A 36 -9.99 -35.01 5.00
CA LYS A 36 -8.79 -34.33 4.53
C LYS A 36 -8.74 -32.91 5.11
N VAL A 37 -7.60 -32.50 5.61
CA VAL A 37 -7.47 -31.18 6.21
C VAL A 37 -6.33 -30.41 5.57
N ILE A 38 -6.65 -29.20 5.10
CA ILE A 38 -5.75 -28.37 4.32
C ILE A 38 -5.53 -27.03 5.01
N ASP A 39 -4.28 -26.66 5.22
CA ASP A 39 -3.95 -25.40 5.89
C ASP A 39 -3.52 -24.31 4.93
N HIS A 40 -3.89 -23.07 5.25
CA HIS A 40 -3.47 -21.89 4.51
C HIS A 40 -3.02 -20.80 5.46
N ALA A 41 -2.33 -19.83 4.88
CA ALA A 41 -1.81 -18.70 5.64
C ALA A 41 -2.14 -17.43 4.89
N TYR A 42 -2.81 -16.50 5.56
CA TYR A 42 -3.21 -15.25 4.93
C TYR A 42 -3.00 -14.10 5.89
N ASP A 43 -2.91 -12.89 5.36
CA ASP A 43 -2.86 -11.72 6.23
C ASP A 43 -4.21 -11.48 6.85
N VAL A 44 -5.25 -11.50 6.03
CA VAL A 44 -6.60 -11.41 6.55
C VAL A 44 -7.51 -12.37 5.80
N VAL A 45 -8.50 -12.89 6.52
CA VAL A 45 -9.52 -13.73 5.93
C VAL A 45 -10.85 -13.03 6.06
N ILE A 46 -11.59 -12.94 4.97
CA ILE A 46 -12.89 -12.28 4.97
C ILE A 46 -13.96 -13.36 4.78
N ILE A 47 -14.90 -13.44 5.71
CA ILE A 47 -15.95 -14.42 5.63
C ILE A 47 -17.20 -13.71 5.13
N GLY A 48 -17.31 -13.64 3.82
CA GLY A 48 -18.46 -13.05 3.16
C GLY A 48 -18.02 -12.23 1.98
N ALA A 49 -18.74 -12.35 0.87
CA ALA A 49 -18.50 -11.56 -0.32
C ALA A 49 -19.79 -10.87 -0.74
N GLY A 50 -20.50 -10.31 0.23
CA GLY A 50 -21.57 -9.39 -0.05
C GLY A 50 -20.92 -8.03 -0.29
N GLY A 51 -21.72 -6.96 -0.21
CA GLY A 51 -21.17 -5.61 -0.34
C GLY A 51 -20.10 -5.31 0.69
N ALA A 52 -20.30 -5.78 1.92
CA ALA A 52 -19.39 -5.47 2.99
C ALA A 52 -18.06 -6.16 2.80
N GLY A 53 -18.10 -7.47 2.60
CA GLY A 53 -16.87 -8.23 2.48
C GLY A 53 -16.07 -7.82 1.26
N LEU A 54 -16.74 -7.49 0.17
CA LEU A 54 -16.05 -7.13 -1.06
C LEU A 54 -15.40 -5.77 -0.93
N ARG A 55 -16.10 -4.82 -0.32
CA ARG A 55 -15.49 -3.50 -0.14
C ARG A 55 -14.25 -3.59 0.74
N ALA A 56 -14.28 -4.42 1.78
CA ALA A 56 -13.11 -4.62 2.62
C ALA A 56 -12.01 -5.30 1.79
N ALA A 57 -12.42 -6.26 0.96
CA ALA A 57 -11.48 -7.02 0.15
C ALA A 57 -10.78 -6.10 -0.88
N MET A 58 -11.54 -5.21 -1.50
CA MET A 58 -10.96 -4.19 -2.37
C MET A 58 -9.92 -3.36 -1.62
N GLY A 59 -10.32 -2.78 -0.49
CA GLY A 59 -9.42 -1.97 0.33
C GLY A 59 -8.13 -2.69 0.70
N LEU A 60 -8.26 -3.88 1.27
CA LEU A 60 -7.13 -4.65 1.77
C LEU A 60 -6.24 -5.17 0.66
N GLY A 61 -6.86 -5.65 -0.41
CA GLY A 61 -6.13 -6.19 -1.55
C GLY A 61 -5.18 -5.17 -2.13
N GLU A 62 -5.72 -4.00 -2.46
CA GLU A 62 -4.92 -2.96 -3.08
C GLU A 62 -3.90 -2.35 -2.10
N ALA A 63 -4.12 -2.54 -0.80
CA ALA A 63 -3.17 -2.10 0.22
C ALA A 63 -1.97 -3.05 0.40
N GLY A 64 -1.97 -4.17 -0.33
CA GLY A 64 -0.86 -5.09 -0.28
C GLY A 64 -1.12 -6.39 0.44
N PHE A 65 -2.13 -6.41 1.29
CA PHE A 65 -2.40 -7.60 2.11
C PHE A 65 -2.78 -8.83 1.28
N LYS A 66 -2.20 -9.96 1.64
CA LYS A 66 -2.57 -11.23 1.07
C LYS A 66 -3.92 -11.66 1.70
N THR A 67 -5.00 -11.45 0.94
CA THR A 67 -6.35 -11.39 1.48
C THR A 67 -7.15 -12.55 0.90
N ALA A 68 -7.82 -13.32 1.75
CA ALA A 68 -8.64 -14.44 1.26
C ALA A 68 -10.12 -14.19 1.51
N VAL A 69 -10.93 -14.46 0.49
CA VAL A 69 -12.36 -14.22 0.60
C VAL A 69 -13.09 -15.57 0.61
N VAL A 70 -13.56 -15.95 1.79
CA VAL A 70 -14.32 -17.17 1.96
C VAL A 70 -15.83 -16.86 1.90
N THR A 71 -16.53 -17.40 0.91
CA THR A 71 -17.96 -17.20 0.81
C THR A 71 -18.65 -18.51 0.44
N LYS A 72 -19.82 -18.78 1.04
CA LYS A 72 -20.55 -20.03 0.75
C LYS A 72 -21.33 -20.00 -0.57
N MET A 73 -21.37 -18.86 -1.24
CA MET A 73 -21.91 -18.79 -2.59
C MET A 73 -21.07 -17.85 -3.44
N PHE A 74 -21.16 -17.98 -4.76
CA PHE A 74 -20.52 -17.01 -5.67
C PHE A 74 -20.93 -15.60 -5.25
N PRO A 75 -19.97 -14.68 -5.12
CA PRO A 75 -20.23 -13.37 -4.50
C PRO A 75 -21.47 -12.63 -4.98
N THR A 76 -21.69 -12.71 -6.28
CA THR A 76 -22.81 -12.07 -7.00
C THR A 76 -24.18 -12.57 -6.57
N ARG A 77 -24.24 -13.73 -5.92
CA ARG A 77 -25.53 -14.30 -5.52
C ARG A 77 -25.86 -13.79 -4.13
N SER A 78 -24.94 -13.06 -3.50
CA SER A 78 -25.16 -12.60 -2.14
C SER A 78 -26.41 -11.77 -2.08
N HIS A 79 -26.97 -11.68 -0.91
CA HIS A 79 -28.23 -11.03 -0.74
C HIS A 79 -28.22 -9.56 -1.11
N THR A 80 -27.09 -8.90 -0.89
CA THR A 80 -26.89 -7.54 -1.35
C THR A 80 -27.43 -7.36 -2.77
N THR A 81 -27.28 -8.36 -3.62
CA THR A 81 -27.72 -8.20 -5.03
C THR A 81 -29.24 -8.07 -5.18
N ALA A 82 -29.99 -8.37 -4.13
CA ALA A 82 -31.43 -8.23 -4.13
C ALA A 82 -31.89 -6.84 -3.71
N ALA A 83 -31.00 -6.04 -3.13
CA ALA A 83 -31.37 -4.70 -2.70
C ALA A 83 -31.89 -3.88 -3.84
N GLN A 84 -32.83 -2.98 -3.57
CA GLN A 84 -33.63 -2.37 -4.62
C GLN A 84 -33.60 -0.85 -4.57
N GLY A 85 -34.20 -0.28 -3.52
CA GLY A 85 -34.61 1.10 -3.52
C GLY A 85 -33.50 2.11 -3.58
N GLY A 86 -32.35 1.81 -2.96
CA GLY A 86 -31.21 2.71 -3.05
C GLY A 86 -30.22 2.75 -1.91
N ILE A 87 -29.37 3.77 -1.97
CA ILE A 87 -28.30 3.96 -0.98
C ILE A 87 -28.18 5.47 -0.62
N ASN A 88 -28.14 5.76 0.68
CA ASN A 88 -28.22 7.15 1.13
C ASN A 88 -26.90 7.91 1.10
N ALA A 89 -26.95 9.12 0.55
CA ALA A 89 -25.85 10.07 0.69
C ALA A 89 -26.37 11.46 0.32
N ALA A 90 -26.00 12.45 1.13
CA ALA A 90 -26.43 13.82 0.89
C ALA A 90 -25.59 14.46 -0.21
N LEU A 91 -25.92 14.08 -1.45
CA LEU A 91 -25.23 14.56 -2.65
C LEU A 91 -25.74 15.93 -3.14
N GLY A 92 -27.00 16.23 -2.84
CA GLY A 92 -27.62 17.46 -3.34
C GLY A 92 -27.92 17.49 -4.84
N SER A 93 -28.00 16.33 -5.49
CA SER A 93 -28.38 16.28 -6.89
C SER A 93 -29.80 16.79 -7.17
N MET A 94 -30.69 16.72 -6.19
CA MET A 94 -32.09 17.15 -6.39
C MET A 94 -32.44 18.48 -5.67
N ASN A 95 -31.66 18.84 -4.67
CA ASN A 95 -31.91 20.03 -3.84
C ASN A 95 -30.79 20.15 -2.81
N PRO A 96 -30.62 21.34 -2.21
CA PRO A 96 -29.53 21.41 -1.22
C PRO A 96 -29.70 20.40 -0.07
N ASP A 97 -28.60 19.96 0.51
CA ASP A 97 -28.64 18.92 1.51
C ASP A 97 -27.39 19.03 2.38
N ASP A 98 -27.45 18.45 3.57
CA ASP A 98 -26.29 18.40 4.44
C ASP A 98 -26.23 17.00 5.03
N TRP A 99 -25.02 16.51 5.24
CA TRP A 99 -24.86 15.19 5.89
C TRP A 99 -25.30 15.19 7.37
N LYS A 100 -25.38 16.35 8.02
CA LYS A 100 -25.84 16.41 9.41
C LYS A 100 -27.36 16.21 9.53
N TRP A 101 -28.09 16.53 8.47
CA TRP A 101 -29.52 16.25 8.44
C TRP A 101 -29.73 14.73 8.37
N HIS A 102 -28.94 14.09 7.52
CA HIS A 102 -28.89 12.64 7.37
C HIS A 102 -28.59 12.00 8.73
N PHE A 103 -27.55 12.50 9.39
CA PHE A 103 -27.15 12.05 10.71
C PHE A 103 -28.31 12.10 11.70
N TYR A 104 -28.93 13.26 11.82
CA TYR A 104 -30.10 13.45 12.68
C TYR A 104 -31.17 12.41 12.39
N ASP A 105 -31.47 12.24 11.10
CA ASP A 105 -32.48 11.26 10.67
C ASP A 105 -32.11 9.84 11.09
N THR A 106 -30.82 9.53 11.07
CA THR A 106 -30.34 8.21 11.48
C THR A 106 -30.43 8.05 13.01
N VAL A 107 -30.09 9.10 13.75
CA VAL A 107 -30.19 9.00 15.22
C VAL A 107 -31.65 8.83 15.64
N LYS A 108 -32.52 9.69 15.11
CA LYS A 108 -33.96 9.61 15.40
C LYS A 108 -34.52 8.26 14.95
N GLY A 109 -34.13 7.84 13.74
CA GLY A 109 -34.49 6.52 13.23
C GLY A 109 -34.13 5.39 14.18
N SER A 110 -32.99 5.50 14.83
CA SER A 110 -32.52 4.46 15.75
C SER A 110 -33.27 4.48 17.08
N ASP A 111 -34.20 5.42 17.24
CA ASP A 111 -34.93 5.61 18.49
C ASP A 111 -33.92 5.55 19.65
N TRP A 112 -32.83 6.29 19.47
CA TRP A 112 -31.81 6.51 20.50
C TRP A 112 -31.23 5.25 21.16
N LEU A 113 -31.27 4.14 20.45
CA LEU A 113 -30.50 2.96 20.82
C LEU A 113 -29.25 2.90 19.95
N GLY A 114 -29.15 3.81 18.97
CA GLY A 114 -27.97 3.89 18.12
C GLY A 114 -26.81 4.58 18.81
N ASP A 115 -25.62 4.02 18.64
CA ASP A 115 -24.38 4.65 19.10
C ASP A 115 -23.98 5.81 18.17
N GLN A 116 -23.96 7.02 18.71
CA GLN A 116 -23.87 8.22 17.88
C GLN A 116 -22.50 8.45 17.24
N ASN A 117 -21.45 7.86 17.80
CA ASN A 117 -20.15 7.82 17.11
C ASN A 117 -20.15 7.08 15.79
N ALA A 118 -20.60 5.82 15.79
CA ALA A 118 -20.73 5.03 14.56
C ALA A 118 -21.67 5.70 13.55
N MET A 119 -22.78 6.25 14.03
CA MET A 119 -23.74 6.92 13.15
C MET A 119 -23.16 8.20 12.57
N HIS A 120 -22.23 8.78 13.29
CA HIS A 120 -21.60 10.01 12.86
C HIS A 120 -20.61 9.60 11.77
N TYR A 121 -19.84 8.56 12.03
CA TYR A 121 -18.91 8.02 11.05
C TYR A 121 -19.64 7.67 9.75
N LEU A 122 -20.80 7.05 9.87
CA LEU A 122 -21.57 6.59 8.72
C LEU A 122 -21.98 7.75 7.82
N THR A 123 -22.67 8.71 8.41
CA THR A 123 -23.25 9.82 7.68
C THR A 123 -22.17 10.80 7.17
N ARG A 124 -21.12 10.98 7.97
CA ARG A 124 -19.95 11.76 7.57
C ARG A 124 -19.34 11.27 6.24
N ASN A 125 -19.39 9.96 6.01
CA ASN A 125 -18.70 9.33 4.88
C ASN A 125 -19.60 8.95 3.72
N ALA A 126 -20.91 9.04 3.90
CA ALA A 126 -21.83 8.68 2.84
C ALA A 126 -21.45 9.26 1.48
N VAL A 127 -21.12 10.54 1.41
CA VAL A 127 -20.94 11.19 0.10
C VAL A 127 -19.70 10.64 -0.60
N GLU A 128 -18.60 10.54 0.13
CA GLU A 128 -17.39 9.94 -0.42
C GLU A 128 -17.63 8.50 -0.85
N ALA A 129 -18.37 7.75 -0.04
CA ALA A 129 -18.61 6.31 -0.27
C ALA A 129 -19.42 6.02 -1.53
N VAL A 130 -20.56 6.68 -1.67
CA VAL A 130 -21.40 6.58 -2.86
C VAL A 130 -20.71 7.07 -4.13
N THR A 131 -19.88 8.09 -3.97
CA THR A 131 -19.09 8.67 -5.06
C THR A 131 -18.07 7.66 -5.60
N GLU A 132 -17.35 7.00 -4.71
CA GLU A 132 -16.43 5.94 -5.10
C GLU A 132 -17.13 4.91 -5.98
N LEU A 133 -18.30 4.47 -5.53
CA LEU A 133 -19.11 3.52 -6.27
C LEU A 133 -19.36 4.00 -7.68
N GLU A 134 -19.75 5.28 -7.82
CA GLU A 134 -19.94 5.86 -9.16
C GLU A 134 -18.61 5.80 -9.93
N ASN A 135 -17.51 6.14 -9.26
CA ASN A 135 -16.19 6.07 -9.87
C ASN A 135 -15.74 4.63 -10.23
N PHE A 136 -16.18 3.63 -9.48
CA PHE A 136 -15.89 2.24 -9.85
C PHE A 136 -16.70 1.83 -11.07
N GLY A 137 -17.71 2.61 -11.40
CA GLY A 137 -18.52 2.36 -12.60
C GLY A 137 -19.95 1.99 -12.30
N MET A 138 -20.35 2.09 -11.04
CA MET A 138 -21.75 1.90 -10.70
C MET A 138 -22.55 2.86 -11.59
N PRO A 139 -23.45 2.30 -12.42
CA PRO A 139 -24.22 3.07 -13.37
C PRO A 139 -25.48 3.70 -12.80
N PHE A 140 -25.34 4.60 -11.84
CA PHE A 140 -26.49 5.30 -11.28
C PHE A 140 -27.40 5.94 -12.33
N SER A 141 -28.71 5.91 -12.05
CA SER A 141 -29.67 6.75 -12.75
C SER A 141 -29.23 8.21 -12.65
N ARG A 142 -29.43 8.97 -13.72
CA ARG A 142 -28.97 10.36 -13.77
C ARG A 142 -30.10 11.37 -13.79
N THR A 143 -29.74 12.60 -13.41
CA THR A 143 -30.60 13.77 -13.54
C THR A 143 -30.39 14.38 -14.92
N PRO A 144 -31.20 15.37 -15.29
CA PRO A 144 -30.91 16.10 -16.53
C PRO A 144 -29.60 16.90 -16.53
N GLU A 145 -28.92 17.00 -15.38
CA GLU A 145 -27.63 17.66 -15.28
C GLU A 145 -26.48 16.66 -15.30
N GLY A 146 -26.83 15.37 -15.36
CA GLY A 146 -25.84 14.29 -15.38
C GLY A 146 -25.26 13.93 -14.03
N LYS A 147 -25.98 14.33 -12.97
CA LYS A 147 -25.65 13.93 -11.61
C LYS A 147 -26.47 12.70 -11.24
N ILE A 148 -26.12 12.08 -10.12
CA ILE A 148 -26.77 10.85 -9.67
C ILE A 148 -28.18 11.20 -9.20
N TYR A 149 -29.17 10.63 -9.86
CA TYR A 149 -30.56 10.84 -9.48
C TYR A 149 -30.78 10.31 -8.07
N GLN A 150 -31.54 11.06 -7.28
CA GLN A 150 -31.92 10.63 -5.93
C GLN A 150 -33.42 10.63 -5.75
N ARG A 151 -33.89 9.85 -4.78
CA ARG A 151 -35.32 9.74 -4.53
C ARG A 151 -35.63 9.85 -3.05
N SER A 152 -36.89 10.06 -2.74
CA SER A 152 -37.33 10.12 -1.37
C SER A 152 -37.52 8.71 -0.85
N PHE A 153 -37.47 8.57 0.47
CA PHE A 153 -37.53 7.29 1.16
C PHE A 153 -38.15 7.50 2.56
N GLY A 154 -38.32 6.41 3.31
CA GLY A 154 -39.02 6.48 4.59
C GLY A 154 -38.14 6.96 5.75
N GLY A 155 -38.72 7.81 6.60
CA GLY A 155 -38.03 8.36 7.77
C GLY A 155 -36.94 9.39 7.54
N GLN A 156 -36.98 10.13 6.44
CA GLN A 156 -35.93 11.14 6.15
C GLN A 156 -36.46 12.56 5.84
N SER A 157 -35.75 13.54 6.37
CA SER A 157 -36.20 14.93 6.38
C SER A 157 -35.06 15.88 6.08
N ASN A 158 -35.41 17.11 5.72
CA ASN A 158 -34.45 18.20 5.65
C ASN A 158 -34.48 19.00 6.94
N ASN A 159 -33.33 19.59 7.28
CA ASN A 159 -33.22 20.57 8.36
C ASN A 159 -33.64 19.96 9.71
N TYR A 160 -32.84 19.00 10.16
CA TYR A 160 -32.98 18.40 11.48
C TYR A 160 -34.42 18.10 11.85
N GLY A 161 -35.17 17.52 10.92
CA GLY A 161 -36.56 17.15 11.16
C GLY A 161 -37.58 18.21 10.74
N LYS A 162 -37.14 19.46 10.70
CA LYS A 162 -38.06 20.59 10.57
C LYS A 162 -38.49 20.87 9.14
N GLY A 163 -37.62 20.58 8.18
CA GLY A 163 -37.92 20.83 6.76
C GLY A 163 -38.83 19.78 6.15
N GLY A 164 -38.77 19.68 4.82
CA GLY A 164 -39.58 18.70 4.08
C GLY A 164 -38.94 17.32 3.99
N VAL A 165 -39.62 16.42 3.25
CA VAL A 165 -39.11 15.08 2.97
C VAL A 165 -37.86 15.22 2.09
N ALA A 166 -36.84 14.42 2.39
CA ALA A 166 -35.57 14.54 1.70
C ALA A 166 -35.56 13.71 0.42
N LYS A 167 -34.69 14.11 -0.50
CA LYS A 167 -34.29 13.32 -1.66
C LYS A 167 -32.79 13.02 -1.57
N ARG A 168 -32.45 12.00 -0.79
CA ARG A 168 -31.07 11.66 -0.47
C ARG A 168 -30.68 10.27 -1.00
N THR A 169 -31.64 9.54 -1.57
CA THR A 169 -31.48 8.11 -1.76
C THR A 169 -31.12 7.83 -3.22
N CYS A 170 -29.85 7.51 -3.42
CA CYS A 170 -29.27 7.33 -4.76
C CYS A 170 -29.57 5.95 -5.28
N CYS A 171 -29.95 5.84 -6.54
CA CYS A 171 -30.39 4.56 -7.05
C CYS A 171 -29.96 4.24 -8.46
N VAL A 172 -29.96 2.96 -8.80
CA VAL A 172 -29.85 2.49 -10.16
C VAL A 172 -31.21 1.90 -10.38
N ALA A 173 -32.14 2.78 -10.77
CA ALA A 173 -33.56 2.45 -10.83
C ALA A 173 -34.01 1.65 -9.59
N ASP A 174 -34.40 0.42 -9.84
CA ASP A 174 -35.08 -0.47 -8.94
C ASP A 174 -34.15 -1.62 -8.52
N ARG A 175 -32.85 -1.45 -8.82
CA ARG A 175 -31.88 -2.55 -8.76
C ARG A 175 -30.55 -2.05 -8.24
N THR A 176 -30.56 -1.35 -7.12
CA THR A 176 -29.39 -0.60 -6.68
C THR A 176 -28.31 -1.54 -6.12
N GLY A 177 -28.74 -2.50 -5.32
CA GLY A 177 -27.85 -3.51 -4.76
C GLY A 177 -27.31 -4.47 -5.81
N HIS A 178 -28.19 -4.95 -6.67
CA HIS A 178 -27.73 -5.73 -7.82
C HIS A 178 -26.52 -5.04 -8.47
N SER A 179 -26.74 -3.80 -8.89
CA SER A 179 -25.75 -2.99 -9.53
C SER A 179 -24.49 -2.76 -8.68
N MET A 180 -24.69 -2.55 -7.38
CA MET A 180 -23.59 -2.28 -6.48
C MET A 180 -22.77 -3.52 -6.28
N LEU A 181 -23.43 -4.66 -6.13
CA LEU A 181 -22.70 -5.89 -5.88
C LEU A 181 -21.85 -6.28 -7.08
N HIS A 182 -22.45 -6.24 -8.27
CA HIS A 182 -21.68 -6.42 -9.50
C HIS A 182 -20.56 -5.41 -9.71
N THR A 183 -20.75 -4.18 -9.24
CA THR A 183 -19.69 -3.20 -9.40
C THR A 183 -18.57 -3.58 -8.42
N LEU A 184 -18.91 -3.74 -7.14
CA LEU A 184 -17.92 -4.23 -6.17
C LEU A 184 -17.24 -5.55 -6.58
N TYR A 185 -17.98 -6.54 -7.08
CA TYR A 185 -17.33 -7.80 -7.46
C TYR A 185 -16.33 -7.57 -8.61
N GLY A 186 -16.79 -6.84 -9.63
CA GLY A 186 -15.95 -6.52 -10.79
C GLY A 186 -14.65 -5.88 -10.36
N ASN A 187 -14.73 -4.86 -9.51
CA ASN A 187 -13.55 -4.14 -9.05
C ASN A 187 -12.70 -4.96 -8.11
N SER A 188 -13.29 -5.90 -7.41
CA SER A 188 -12.51 -6.78 -6.53
C SER A 188 -11.52 -7.59 -7.36
N LEU A 189 -11.85 -7.86 -8.62
CA LEU A 189 -11.00 -8.71 -9.45
C LEU A 189 -9.69 -8.06 -9.86
N ARG A 190 -9.59 -6.76 -9.57
CA ARG A 190 -8.49 -5.89 -9.92
C ARG A 190 -7.61 -5.62 -8.68
N CYS A 191 -8.04 -6.16 -7.53
CA CYS A 191 -7.36 -5.97 -6.25
C CYS A 191 -6.77 -7.27 -5.69
N HIS A 192 -6.39 -8.19 -6.57
CA HIS A 192 -5.55 -9.36 -6.20
C HIS A 192 -5.94 -10.12 -4.92
N CYS A 193 -7.24 -10.31 -4.71
CA CYS A 193 -7.73 -11.16 -3.64
C CYS A 193 -7.69 -12.61 -4.09
N THR A 194 -7.91 -13.52 -3.16
CA THR A 194 -8.05 -14.92 -3.56
C THR A 194 -9.38 -15.50 -3.00
N PHE A 195 -10.22 -15.97 -3.90
CA PHE A 195 -11.56 -16.37 -3.56
C PHE A 195 -11.71 -17.87 -3.26
N PHE A 196 -12.22 -18.16 -2.06
CA PHE A 196 -12.64 -19.51 -1.74
C PHE A 196 -14.17 -19.52 -1.82
N ILE A 197 -14.63 -19.75 -3.04
CA ILE A 197 -16.04 -19.72 -3.40
C ILE A 197 -16.69 -21.08 -3.16
N GLU A 198 -17.90 -21.06 -2.60
CA GLU A 198 -18.60 -22.26 -2.10
C GLU A 198 -17.75 -23.00 -1.05
N TYR A 199 -17.23 -22.22 -0.11
CA TYR A 199 -16.66 -22.71 1.12
C TYR A 199 -17.59 -22.25 2.25
N PHE A 200 -17.95 -23.19 3.13
CA PHE A 200 -18.91 -22.95 4.20
C PHE A 200 -18.19 -22.90 5.54
N ALA A 201 -18.06 -21.70 6.11
CA ALA A 201 -17.31 -21.54 7.35
C ALA A 201 -18.05 -22.21 8.50
N LEU A 202 -17.29 -22.90 9.35
CA LEU A 202 -17.85 -23.71 10.44
C LEU A 202 -17.61 -23.09 11.80
N ASP A 203 -16.44 -22.48 11.98
CA ASP A 203 -16.08 -21.78 13.22
C ASP A 203 -14.92 -20.81 13.00
N LEU A 204 -14.83 -19.77 13.82
CA LEU A 204 -13.57 -19.02 13.95
C LEU A 204 -12.61 -19.90 14.72
N LEU A 205 -11.31 -19.71 14.49
CA LEU A 205 -10.27 -20.41 15.22
C LEU A 205 -9.70 -19.47 16.30
N MET A 206 -10.00 -19.77 17.56
CA MET A 206 -9.59 -18.93 18.67
C MET A 206 -8.40 -19.54 19.42
N ASP A 207 -7.49 -18.68 19.86
CA ASP A 207 -6.42 -19.10 20.76
C ASP A 207 -6.34 -18.10 21.91
N LYS A 208 -7.01 -18.44 23.01
CA LYS A 208 -7.02 -17.63 24.23
C LYS A 208 -7.39 -16.17 23.97
N GLY A 209 -8.64 -15.97 23.55
CA GLY A 209 -9.19 -14.64 23.33
C GLY A 209 -8.80 -13.96 22.02
N ARG A 210 -7.94 -14.60 21.22
CA ARG A 210 -7.55 -14.08 19.91
C ARG A 210 -8.13 -14.93 18.80
N CYS A 211 -8.50 -14.30 17.70
CA CYS A 211 -8.93 -15.01 16.51
C CYS A 211 -7.75 -15.07 15.58
N VAL A 212 -7.39 -16.30 15.19
CA VAL A 212 -6.21 -16.57 14.39
C VAL A 212 -6.58 -17.29 13.09
N GLY A 213 -7.87 -17.35 12.79
CA GLY A 213 -8.29 -17.84 11.49
C GLY A 213 -9.74 -18.27 11.42
N VAL A 214 -10.01 -19.18 10.50
CA VAL A 214 -11.35 -19.69 10.23
C VAL A 214 -11.20 -21.13 9.75
N ILE A 215 -12.21 -21.96 10.00
CA ILE A 215 -12.25 -23.31 9.44
C ILE A 215 -13.55 -23.47 8.64
N ALA A 216 -13.43 -24.13 7.49
CA ALA A 216 -14.52 -24.22 6.52
C ALA A 216 -14.51 -25.54 5.74
N LEU A 217 -15.67 -25.94 5.26
CA LEU A 217 -15.83 -27.11 4.42
C LEU A 217 -15.89 -26.67 2.96
N CYS A 218 -15.07 -27.30 2.13
CA CYS A 218 -15.13 -27.05 0.70
C CYS A 218 -16.22 -27.90 0.10
N LEU A 219 -17.26 -27.27 -0.39
CA LEU A 219 -18.37 -28.02 -0.96
C LEU A 219 -17.97 -28.87 -2.15
N GLU A 220 -17.01 -28.40 -2.95
CA GLU A 220 -16.71 -29.05 -4.22
C GLU A 220 -16.20 -30.48 -4.06
N ASP A 221 -15.30 -30.68 -3.11
CA ASP A 221 -14.59 -31.93 -2.94
C ASP A 221 -14.62 -32.45 -1.49
N GLY A 222 -15.51 -31.88 -0.68
CA GLY A 222 -15.72 -32.38 0.68
C GLY A 222 -14.59 -32.21 1.68
N THR A 223 -13.54 -31.48 1.31
CA THR A 223 -12.37 -31.31 2.16
C THR A 223 -12.58 -30.21 3.21
N ILE A 224 -11.62 -30.10 4.13
CA ILE A 224 -11.74 -29.22 5.30
C ILE A 224 -10.53 -28.32 5.37
N HIS A 225 -10.77 -27.01 5.30
CA HIS A 225 -9.70 -26.05 5.18
C HIS A 225 -9.63 -25.19 6.39
N ARG A 226 -8.43 -25.04 6.94
CA ARG A 226 -8.14 -24.08 7.99
C ARG A 226 -7.33 -22.98 7.37
N PHE A 227 -7.81 -21.76 7.52
CA PHE A 227 -7.11 -20.60 7.05
C PHE A 227 -6.55 -19.99 8.31
N ARG A 228 -5.28 -19.64 8.30
CA ARG A 228 -4.67 -18.90 9.40
C ARG A 228 -4.63 -17.49 8.96
N SER A 229 -4.94 -16.57 9.84
CA SER A 229 -4.79 -15.16 9.49
C SER A 229 -4.54 -14.30 10.70
N LYS A 230 -3.95 -13.14 10.41
CA LYS A 230 -3.65 -12.15 11.41
C LYS A 230 -4.93 -11.41 11.79
N ARG A 231 -5.78 -11.16 10.79
CA ARG A 231 -7.10 -10.55 11.01
C ARG A 231 -8.16 -11.40 10.32
N THR A 232 -9.36 -11.37 10.86
CA THR A 232 -10.51 -12.03 10.28
C THR A 232 -11.67 -11.04 10.30
N ILE A 233 -12.29 -10.88 9.15
CA ILE A 233 -13.44 -10.01 9.02
C ILE A 233 -14.71 -10.85 8.84
N VAL A 234 -15.68 -10.66 9.72
CA VAL A 234 -17.00 -11.30 9.56
C VAL A 234 -17.97 -10.36 8.82
N ALA A 235 -18.47 -10.82 7.68
CA ALA A 235 -19.39 -10.04 6.85
C ALA A 235 -20.46 -10.97 6.25
N THR A 236 -21.14 -11.71 7.12
CA THR A 236 -21.95 -12.86 6.73
C THR A 236 -23.43 -12.59 6.43
N GLY A 237 -23.86 -11.33 6.50
CA GLY A 237 -25.27 -10.98 6.28
C GLY A 237 -26.13 -11.18 7.53
N GLY A 238 -27.45 -11.36 7.33
CA GLY A 238 -28.41 -11.52 8.43
C GLY A 238 -29.00 -12.91 8.64
N TYR A 239 -30.10 -12.97 9.41
CA TYR A 239 -30.79 -14.24 9.70
C TYR A 239 -32.31 -14.22 9.53
N GLY A 240 -32.77 -13.60 8.44
CA GLY A 240 -34.17 -13.64 8.11
C GLY A 240 -34.82 -15.01 8.08
N ARG A 241 -34.10 -16.07 7.69
CA ARG A 241 -34.74 -17.39 7.61
C ARG A 241 -35.04 -18.00 9.00
N ALA A 242 -34.72 -17.30 10.09
CA ALA A 242 -35.21 -17.73 11.41
C ALA A 242 -36.74 -17.60 11.51
N TYR A 243 -37.33 -16.84 10.60
CA TYR A 243 -38.76 -16.65 10.53
C TYR A 243 -39.37 -17.41 9.38
N PHE A 244 -40.69 -17.55 9.41
CA PHE A 244 -41.42 -18.37 8.45
C PHE A 244 -41.60 -17.61 7.15
N SER A 245 -41.82 -16.31 7.26
CA SER A 245 -41.95 -15.44 6.11
C SER A 245 -40.95 -14.29 6.21
N CYS A 246 -40.19 -14.08 5.14
CA CYS A 246 -39.19 -13.03 5.12
C CYS A 246 -38.86 -12.63 3.68
N THR A 247 -38.20 -11.47 3.50
CA THR A 247 -37.77 -11.07 2.16
C THR A 247 -36.42 -11.67 1.85
N THR A 248 -35.75 -12.22 2.86
CA THR A 248 -34.33 -12.52 2.72
C THR A 248 -34.07 -13.76 1.90
N ALA A 249 -32.82 -14.02 1.59
CA ALA A 249 -32.44 -15.17 0.78
C ALA A 249 -32.39 -16.42 1.65
N HIS A 250 -32.37 -17.59 1.00
CA HIS A 250 -32.28 -18.88 1.71
C HIS A 250 -30.98 -18.97 2.49
N MET A 251 -30.00 -18.19 2.09
CA MET A 251 -28.68 -18.27 2.67
C MET A 251 -28.55 -17.40 3.91
N ASN A 252 -29.61 -16.66 4.25
CA ASN A 252 -29.59 -15.78 5.40
C ASN A 252 -29.90 -16.54 6.66
N THR A 253 -28.90 -17.26 7.15
CA THR A 253 -29.08 -18.21 8.25
C THR A 253 -28.24 -17.88 9.48
N GLY A 254 -27.72 -16.65 9.54
CA GLY A 254 -26.98 -16.15 10.69
C GLY A 254 -25.76 -16.92 11.10
N ASP A 255 -25.01 -17.43 10.13
CA ASP A 255 -23.84 -18.25 10.43
C ASP A 255 -22.79 -17.43 11.11
N GLY A 256 -22.72 -16.13 10.79
CA GLY A 256 -21.68 -15.27 11.35
C GLY A 256 -21.93 -15.02 12.81
N THR A 257 -23.12 -14.54 13.13
CA THR A 257 -23.52 -14.37 14.51
C THR A 257 -23.30 -15.69 15.25
N ALA A 258 -23.62 -16.81 14.61
CA ALA A 258 -23.47 -18.12 15.25
C ALA A 258 -21.99 -18.45 15.52
N LEU A 259 -21.16 -18.19 14.52
CA LEU A 259 -19.71 -18.32 14.69
C LEU A 259 -19.23 -17.63 15.95
N ALA A 260 -19.72 -16.42 16.17
CA ALA A 260 -19.31 -15.60 17.30
C ALA A 260 -19.83 -16.20 18.60
N THR A 261 -21.07 -16.69 18.61
CA THR A 261 -21.61 -17.38 19.78
C THR A 261 -20.69 -18.53 20.16
N ARG A 262 -20.33 -19.35 19.17
CA ARG A 262 -19.45 -20.50 19.41
C ARG A 262 -18.05 -20.11 19.85
N ALA A 263 -17.61 -18.90 19.54
CA ALA A 263 -16.32 -18.45 20.02
C ALA A 263 -16.44 -17.81 21.40
N GLY A 264 -17.62 -17.92 22.03
CA GLY A 264 -17.87 -17.28 23.32
C GLY A 264 -17.96 -15.76 23.29
N ILE A 265 -18.60 -15.21 22.27
CA ILE A 265 -18.80 -13.77 22.16
C ILE A 265 -20.29 -13.52 22.24
N ALA A 266 -20.71 -12.46 22.93
CA ALA A 266 -22.12 -12.17 23.11
C ALA A 266 -22.64 -11.34 21.95
N LEU A 267 -23.85 -11.65 21.49
CA LEU A 267 -24.47 -10.88 20.40
C LEU A 267 -25.31 -9.70 20.93
N GLU A 268 -25.53 -8.69 20.09
CA GLU A 268 -26.15 -7.45 20.54
C GLU A 268 -27.46 -7.17 19.84
N ASP A 269 -28.45 -6.73 20.62
CA ASP A 269 -29.71 -6.18 20.08
C ASP A 269 -30.46 -7.09 19.11
N LEU A 270 -30.36 -8.40 19.32
CA LEU A 270 -30.99 -9.36 18.42
C LEU A 270 -32.52 -9.30 18.36
N GLU A 271 -33.15 -8.77 19.40
CA GLU A 271 -34.60 -8.62 19.45
C GLU A 271 -35.14 -7.57 18.45
N PHE A 272 -34.27 -6.71 17.94
CA PHE A 272 -34.67 -5.66 17.04
C PHE A 272 -34.61 -6.15 15.59
N ILE A 273 -35.76 -6.63 15.13
CA ILE A 273 -35.96 -7.27 13.83
C ILE A 273 -36.85 -6.39 12.95
N GLN A 274 -36.32 -5.86 11.86
CA GLN A 274 -37.11 -5.00 10.99
C GLN A 274 -38.11 -5.79 10.17
N PHE A 275 -39.38 -5.37 10.25
CA PHE A 275 -40.41 -5.84 9.35
C PHE A 275 -40.54 -4.77 8.30
N HIS A 276 -40.31 -5.14 7.03
CA HIS A 276 -40.52 -4.22 5.94
C HIS A 276 -42.04 -4.15 5.67
N PRO A 277 -42.57 -2.95 5.49
CA PRO A 277 -43.97 -2.73 5.23
C PRO A 277 -44.56 -3.52 4.06
N THR A 278 -43.80 -3.70 3.00
CA THR A 278 -44.33 -4.19 1.72
C THR A 278 -43.55 -5.38 1.14
N GLY A 279 -43.66 -6.54 1.77
CA GLY A 279 -43.39 -7.79 1.10
C GLY A 279 -44.70 -8.19 0.43
N ILE A 280 -44.64 -8.83 -0.73
CA ILE A 280 -45.83 -9.30 -1.43
C ILE A 280 -46.53 -10.33 -0.55
N TYR A 281 -47.86 -10.26 -0.50
CA TYR A 281 -48.67 -11.04 0.43
C TYR A 281 -48.37 -12.56 0.47
N GLY A 282 -48.39 -13.22 -0.68
CA GLY A 282 -48.27 -14.67 -0.66
C GLY A 282 -46.88 -15.24 -0.45
N VAL A 283 -45.87 -14.49 -0.90
CA VAL A 283 -44.56 -15.05 -1.24
C VAL A 283 -43.35 -14.45 -0.53
N GLY A 284 -43.55 -13.33 0.16
CA GLY A 284 -42.48 -12.67 0.90
C GLY A 284 -41.55 -11.76 0.10
N CYS A 285 -41.65 -11.78 -1.22
CA CYS A 285 -40.84 -10.93 -2.09
C CYS A 285 -40.95 -9.45 -1.74
N LEU A 286 -39.83 -8.76 -1.66
CA LEU A 286 -39.81 -7.33 -1.41
C LEU A 286 -40.44 -6.53 -2.55
N ILE A 287 -41.21 -5.50 -2.17
CA ILE A 287 -41.54 -4.39 -3.06
C ILE A 287 -40.96 -3.12 -2.44
N THR A 288 -39.99 -2.52 -3.12
CA THR A 288 -39.23 -1.43 -2.53
C THR A 288 -40.08 -0.29 -1.99
N GLU A 289 -39.73 0.13 -0.79
CA GLU A 289 -40.12 1.43 -0.25
C GLU A 289 -39.89 2.61 -1.23
N GLY A 290 -39.05 2.39 -2.24
CA GLY A 290 -38.87 3.36 -3.31
C GLY A 290 -40.15 3.60 -4.09
N SER A 291 -41.04 2.62 -4.07
CA SER A 291 -42.31 2.76 -4.76
C SER A 291 -43.17 3.78 -4.02
N ARG A 292 -43.00 3.87 -2.70
CA ARG A 292 -43.62 4.95 -1.91
C ARG A 292 -42.84 6.26 -2.05
N GLY A 293 -41.52 6.19 -2.11
CA GLY A 293 -40.71 7.38 -2.37
C GLY A 293 -41.03 8.06 -3.69
N GLU A 294 -41.41 7.27 -4.69
CA GLU A 294 -41.76 7.79 -6.00
C GLU A 294 -43.21 8.28 -6.08
N GLY A 295 -44.00 8.06 -5.02
CA GLY A 295 -45.37 8.60 -4.93
C GLY A 295 -46.51 7.62 -4.71
N GLY A 296 -46.17 6.35 -4.52
CA GLY A 296 -47.17 5.33 -4.17
C GLY A 296 -47.61 5.47 -2.73
N PHE A 297 -48.70 4.80 -2.37
CA PHE A 297 -49.19 4.81 -1.00
C PHE A 297 -50.04 3.59 -0.68
N LEU A 298 -50.20 3.38 0.62
CA LEU A 298 -50.89 2.21 1.18
C LEU A 298 -52.40 2.47 1.29
N VAL A 299 -53.20 1.42 1.21
CA VAL A 299 -54.67 1.56 1.18
C VAL A 299 -55.38 0.36 1.84
N ASN A 300 -56.34 0.66 2.72
CA ASN A 300 -57.18 -0.37 3.35
C ASN A 300 -58.46 -0.66 2.57
N SER A 301 -59.24 -1.63 3.05
CA SER A 301 -60.49 -2.04 2.38
C SER A 301 -61.56 -0.95 2.34
N GLU A 302 -61.39 0.11 3.12
CA GLU A 302 -62.27 1.27 3.07
C GLU A 302 -61.75 2.28 2.05
N GLY A 303 -60.75 1.89 1.27
CA GLY A 303 -60.14 2.77 0.27
C GLY A 303 -59.48 4.01 0.87
N GLU A 304 -58.91 3.86 2.06
CA GLU A 304 -58.32 5.00 2.76
C GLU A 304 -56.79 4.93 2.74
N ARG A 305 -56.19 6.06 2.41
CA ARG A 305 -54.78 6.27 2.57
C ARG A 305 -54.50 6.44 4.07
N PHE A 306 -54.59 5.32 4.79
CA PHE A 306 -54.58 5.34 6.25
C PHE A 306 -53.32 5.91 6.91
N MET A 307 -52.18 5.88 6.21
CA MET A 307 -50.96 6.47 6.79
C MET A 307 -51.06 8.00 6.99
N GLU A 308 -52.08 8.62 6.42
CA GLU A 308 -52.43 10.04 6.69
C GLU A 308 -52.85 10.18 8.17
N ARG A 309 -53.41 9.10 8.70
CA ARG A 309 -53.96 9.07 10.04
C ARG A 309 -52.92 8.72 11.09
N TYR A 310 -52.08 7.74 10.75
CA TYR A 310 -51.05 7.24 11.64
C TYR A 310 -49.79 8.12 11.67
N ALA A 311 -49.60 8.95 10.65
CA ALA A 311 -48.39 9.78 10.57
C ALA A 311 -48.63 10.99 9.65
N PRO A 312 -49.30 12.02 10.17
CA PRO A 312 -49.79 13.12 9.34
C PRO A 312 -48.73 13.83 8.48
N LYS A 313 -47.51 13.97 8.98
CA LYS A 313 -46.46 14.68 8.24
C LYS A 313 -45.88 13.77 7.16
N ALA A 314 -45.13 12.76 7.60
CA ALA A 314 -44.39 11.87 6.70
C ALA A 314 -45.32 10.96 5.90
N LYS A 315 -46.43 10.55 6.50
CA LYS A 315 -47.43 9.71 5.85
C LYS A 315 -46.86 8.33 5.52
N ASP A 316 -46.89 7.98 4.23
CA ASP A 316 -46.44 6.69 3.75
C ASP A 316 -44.91 6.60 3.76
N LEU A 317 -44.24 7.72 3.99
CA LEU A 317 -42.80 7.73 4.13
C LEU A 317 -42.38 7.97 5.58
N ALA A 318 -43.12 7.39 6.52
CA ALA A 318 -42.67 7.33 7.90
C ALA A 318 -41.64 6.21 8.01
N SER A 319 -41.03 6.09 9.18
CA SER A 319 -40.10 4.99 9.46
C SER A 319 -40.78 3.62 9.32
N ARG A 320 -39.99 2.62 8.99
CA ARG A 320 -40.49 1.26 8.75
C ARG A 320 -41.22 0.63 9.93
N ASP A 321 -40.73 0.84 11.15
CA ASP A 321 -41.39 0.24 12.34
C ASP A 321 -42.80 0.79 12.51
N VAL A 322 -42.93 2.10 12.31
CA VAL A 322 -44.22 2.79 12.40
C VAL A 322 -45.17 2.30 11.29
N VAL A 323 -44.71 2.31 10.05
CA VAL A 323 -45.59 1.95 8.93
C VAL A 323 -46.06 0.51 9.04
N SER A 324 -45.15 -0.40 9.38
CA SER A 324 -45.53 -1.81 9.48
C SER A 324 -46.59 -2.05 10.58
N ARG A 325 -46.49 -1.29 11.68
CA ARG A 325 -47.46 -1.38 12.78
C ARG A 325 -48.82 -0.81 12.35
N ALA A 326 -48.80 0.39 11.78
CA ALA A 326 -49.99 0.97 11.19
C ALA A 326 -50.68 -0.05 10.30
N GLU A 327 -49.90 -0.76 9.48
CA GLU A 327 -50.48 -1.78 8.58
C GLU A 327 -51.16 -2.88 9.40
N THR A 328 -50.49 -3.33 10.44
CA THR A 328 -50.94 -4.49 11.19
C THR A 328 -52.22 -4.16 11.93
N ILE A 329 -52.27 -2.99 12.56
CA ILE A 329 -53.50 -2.55 13.25
C ILE A 329 -54.67 -2.60 12.27
N GLU A 330 -54.60 -1.86 11.18
CA GLU A 330 -55.63 -1.94 10.13
C GLU A 330 -56.14 -3.36 9.96
N ILE A 331 -55.24 -4.34 9.87
CA ILE A 331 -55.63 -5.75 9.64
C ILE A 331 -56.41 -6.31 10.85
N MET A 332 -55.84 -6.10 12.03
CA MET A 332 -56.47 -6.48 13.28
C MET A 332 -57.82 -5.81 13.49
N GLU A 333 -57.99 -4.60 12.96
CA GLU A 333 -59.21 -3.83 13.14
C GLU A 333 -60.16 -3.93 11.95
N GLY A 334 -60.20 -5.11 11.32
CA GLY A 334 -61.19 -5.38 10.27
C GLY A 334 -61.06 -4.67 8.94
N ARG A 335 -60.08 -3.79 8.78
CA ARG A 335 -59.89 -3.07 7.51
C ARG A 335 -58.86 -3.72 6.58
N GLY A 336 -58.58 -5.00 6.79
CA GLY A 336 -57.71 -5.77 5.92
C GLY A 336 -58.34 -6.03 4.57
N VAL A 337 -57.49 -6.34 3.59
CA VAL A 337 -57.90 -6.40 2.19
C VAL A 337 -57.81 -7.83 1.67
N GLY A 338 -58.53 -8.10 0.59
CA GLY A 338 -58.55 -9.41 -0.06
C GLY A 338 -59.54 -10.40 0.51
N PRO A 339 -59.55 -11.64 -0.02
CA PRO A 339 -60.46 -12.68 0.43
C PRO A 339 -60.54 -12.81 1.95
N GLU A 340 -59.40 -12.98 2.61
CA GLU A 340 -59.37 -13.14 4.09
C GLU A 340 -59.18 -11.82 4.85
N LYS A 341 -59.19 -10.68 4.15
CA LYS A 341 -59.00 -9.37 4.78
C LYS A 341 -57.78 -9.38 5.72
N ASP A 342 -56.67 -9.94 5.22
CA ASP A 342 -55.49 -10.23 6.05
C ASP A 342 -54.16 -9.68 5.51
N HIS A 343 -54.25 -8.77 4.55
CA HIS A 343 -53.08 -8.05 4.06
C HIS A 343 -53.51 -6.65 3.66
N ILE A 344 -52.80 -5.99 2.76
CA ILE A 344 -53.13 -4.59 2.40
C ILE A 344 -52.61 -4.25 0.99
N TYR A 345 -53.11 -3.18 0.38
CA TYR A 345 -52.71 -2.82 -0.99
C TYR A 345 -51.66 -1.70 -1.05
N LEU A 346 -50.65 -1.93 -1.88
CA LEU A 346 -49.76 -0.85 -2.30
C LEU A 346 -50.31 -0.34 -3.63
N GLN A 347 -50.50 0.96 -3.73
CA GLN A 347 -51.05 1.55 -4.95
C GLN A 347 -50.07 2.45 -5.68
N LEU A 348 -49.77 2.07 -6.92
CA LEU A 348 -48.95 2.85 -7.83
C LEU A 348 -49.69 3.29 -9.10
N HIS A 349 -50.88 2.73 -9.35
CA HIS A 349 -51.50 2.88 -10.68
C HIS A 349 -51.91 4.30 -11.05
N HIS A 350 -51.97 5.18 -10.07
CA HIS A 350 -52.11 6.63 -10.31
C HIS A 350 -50.84 7.32 -10.79
N LEU A 351 -49.72 6.62 -10.82
CA LEU A 351 -48.43 7.22 -11.23
C LEU A 351 -48.27 7.04 -12.74
N PRO A 352 -47.67 8.05 -13.43
CA PRO A 352 -47.46 7.89 -14.88
C PRO A 352 -46.65 6.62 -15.22
N ALA A 353 -47.08 5.90 -16.26
CA ALA A 353 -46.48 4.62 -16.67
C ALA A 353 -45.03 4.75 -17.14
N GLU A 354 -44.64 5.93 -17.62
CA GLU A 354 -43.23 6.21 -17.93
C GLU A 354 -42.41 6.36 -16.66
N GLN A 355 -43.04 6.71 -15.55
CA GLN A 355 -42.33 6.80 -14.27
C GLN A 355 -42.12 5.40 -13.69
N LEU A 356 -43.17 4.58 -13.77
CA LEU A 356 -43.10 3.21 -13.29
C LEU A 356 -42.02 2.39 -13.99
N HIS A 357 -41.97 2.50 -15.32
CA HIS A 357 -40.96 1.80 -16.12
C HIS A 357 -39.54 2.37 -15.89
N GLN A 358 -39.45 3.68 -15.77
CA GLN A 358 -38.18 4.39 -15.60
C GLN A 358 -37.62 4.19 -14.19
N ARG A 359 -38.50 4.26 -13.20
CA ARG A 359 -38.08 4.25 -11.80
C ARG A 359 -38.28 2.91 -11.06
N LEU A 360 -39.23 2.09 -11.50
CA LEU A 360 -39.54 0.81 -10.81
C LEU A 360 -39.76 -0.36 -11.77
N PRO A 361 -38.85 -0.54 -12.73
CA PRO A 361 -39.05 -1.63 -13.67
C PRO A 361 -38.99 -3.03 -13.01
N GLY A 362 -38.05 -3.21 -12.10
CA GLY A 362 -37.91 -4.47 -11.36
C GLY A 362 -39.15 -4.95 -10.62
N ILE A 363 -39.76 -4.08 -9.82
CA ILE A 363 -40.94 -4.49 -9.05
C ILE A 363 -42.18 -4.60 -9.94
N SER A 364 -42.25 -3.77 -10.99
CA SER A 364 -43.28 -3.97 -12.03
C SER A 364 -43.26 -5.40 -12.52
N GLU A 365 -42.05 -5.94 -12.68
CA GLU A 365 -41.89 -7.30 -13.18
C GLU A 365 -42.18 -8.38 -12.13
N THR A 366 -41.53 -8.24 -10.97
CA THR A 366 -41.83 -9.09 -9.83
C THR A 366 -43.32 -9.15 -9.49
N ALA A 367 -43.99 -8.00 -9.49
CA ALA A 367 -45.43 -7.94 -9.18
C ALA A 367 -46.30 -8.73 -10.17
N LYS A 368 -46.00 -8.60 -11.46
CA LYS A 368 -46.65 -9.42 -12.47
C LYS A 368 -46.35 -10.91 -12.29
N ILE A 369 -45.07 -11.27 -12.11
CA ILE A 369 -44.69 -12.69 -12.02
C ILE A 369 -45.36 -13.37 -10.83
N PHE A 370 -45.33 -12.72 -9.67
CA PHE A 370 -45.72 -13.34 -8.40
C PHE A 370 -47.11 -13.01 -7.89
N ALA A 371 -47.75 -11.97 -8.42
CA ALA A 371 -49.11 -11.61 -8.01
C ALA A 371 -50.11 -11.43 -9.17
N GLY A 372 -49.68 -11.69 -10.40
CA GLY A 372 -50.54 -11.48 -11.58
C GLY A 372 -50.95 -10.04 -11.78
N VAL A 373 -50.26 -9.11 -11.11
CA VAL A 373 -50.70 -7.72 -10.99
C VAL A 373 -49.97 -6.86 -12.00
N ASP A 374 -50.73 -5.98 -12.67
CA ASP A 374 -50.16 -4.98 -13.56
C ASP A 374 -50.20 -3.65 -12.80
N VAL A 375 -49.04 -3.19 -12.37
CA VAL A 375 -48.93 -2.00 -11.52
C VAL A 375 -49.50 -0.72 -12.14
N THR A 376 -49.67 -0.68 -13.46
CA THR A 376 -50.27 0.50 -14.14
C THR A 376 -51.79 0.56 -13.98
N LYS A 377 -52.39 -0.55 -13.55
CA LYS A 377 -53.85 -0.73 -13.50
C LYS A 377 -54.38 -1.25 -12.15
N GLU A 378 -53.66 -2.20 -11.54
CA GLU A 378 -54.08 -2.81 -10.28
C GLU A 378 -53.06 -2.47 -9.19
N PRO A 379 -53.47 -2.54 -7.90
CA PRO A 379 -52.55 -2.39 -6.79
C PRO A 379 -52.01 -3.74 -6.31
N ILE A 380 -50.87 -3.69 -5.64
CA ILE A 380 -50.12 -4.88 -5.24
C ILE A 380 -50.54 -5.33 -3.85
N PRO A 381 -50.81 -6.64 -3.68
CA PRO A 381 -51.14 -7.09 -2.36
C PRO A 381 -49.86 -7.22 -1.56
N VAL A 382 -49.81 -6.58 -0.40
CA VAL A 382 -48.59 -6.50 0.41
C VAL A 382 -48.88 -6.62 1.88
N ILE A 383 -47.85 -6.99 2.63
CA ILE A 383 -47.98 -7.24 4.06
C ILE A 383 -46.60 -7.05 4.72
N PRO A 384 -46.55 -6.58 5.98
CA PRO A 384 -45.23 -6.47 6.56
C PRO A 384 -44.53 -7.82 6.66
N THR A 385 -43.21 -7.81 6.53
CA THR A 385 -42.42 -9.02 6.33
C THR A 385 -41.02 -8.84 6.92
N VAL A 386 -40.53 -9.87 7.61
CA VAL A 386 -39.16 -9.85 8.15
C VAL A 386 -38.19 -9.59 7.01
N HIS A 387 -37.21 -8.71 7.28
CA HIS A 387 -36.41 -8.08 6.22
C HIS A 387 -34.95 -7.84 6.58
N TYR A 388 -34.71 -7.23 7.74
CA TYR A 388 -33.38 -6.79 8.11
C TYR A 388 -33.12 -6.97 9.61
N ASN A 389 -31.89 -7.34 9.98
CA ASN A 389 -31.50 -7.49 11.37
C ASN A 389 -30.57 -6.37 11.85
N MET A 390 -31.06 -5.42 12.63
CA MET A 390 -30.15 -4.44 13.21
C MET A 390 -29.25 -5.06 14.31
N GLY A 391 -29.68 -6.20 14.85
CA GLY A 391 -28.85 -6.95 15.77
C GLY A 391 -27.67 -7.60 15.08
N GLY A 392 -26.80 -8.22 15.87
CA GLY A 392 -25.55 -8.78 15.38
C GLY A 392 -24.37 -8.83 16.33
N ILE A 393 -23.18 -9.01 15.74
CA ILE A 393 -21.95 -9.09 16.51
C ILE A 393 -21.61 -7.69 16.97
N PRO A 394 -21.36 -7.52 18.27
CA PRO A 394 -21.09 -6.17 18.76
C PRO A 394 -19.68 -5.71 18.37
N THR A 395 -19.56 -4.48 17.86
CA THR A 395 -18.26 -3.88 17.56
C THR A 395 -18.14 -2.46 18.13
N ASN A 396 -16.94 -1.88 18.06
CA ASN A 396 -16.78 -0.43 18.29
C ASN A 396 -16.97 0.29 16.95
N TYR A 397 -16.70 1.59 16.89
CA TYR A 397 -16.84 2.34 15.62
C TYR A 397 -15.71 2.05 14.63
N LYS A 398 -14.67 1.33 15.07
CA LYS A 398 -13.64 0.88 14.14
C LYS A 398 -13.96 -0.50 13.57
N ALA A 399 -15.13 -1.03 13.92
CA ALA A 399 -15.62 -2.33 13.44
C ALA A 399 -14.86 -3.51 14.03
N GLN A 400 -14.12 -3.26 15.11
CA GLN A 400 -13.43 -4.31 15.86
C GLN A 400 -14.42 -4.93 16.83
N VAL A 401 -14.49 -6.26 16.85
CA VAL A 401 -15.44 -6.96 17.71
C VAL A 401 -15.05 -6.81 19.20
N ILE A 402 -16.07 -6.69 20.05
CA ILE A 402 -15.87 -6.35 21.46
C ILE A 402 -16.60 -7.31 22.40
N LYS A 403 -16.05 -7.52 23.58
CA LYS A 403 -16.77 -8.13 24.69
C LYS A 403 -16.92 -7.04 25.72
N TYR A 404 -17.92 -7.16 26.58
CA TYR A 404 -18.20 -6.13 27.56
C TYR A 404 -18.47 -6.71 28.94
N THR A 405 -18.01 -6.00 29.97
CA THR A 405 -18.47 -6.21 31.34
C THR A 405 -18.71 -4.84 31.97
N LYS A 406 -19.53 -4.78 33.02
CA LYS A 406 -19.68 -3.54 33.79
C LYS A 406 -18.32 -3.09 34.33
N GLU A 407 -17.56 -4.04 34.86
CA GLU A 407 -16.29 -3.77 35.54
C GLU A 407 -15.21 -3.40 34.53
N GLY A 408 -15.04 -4.23 33.51
CA GLY A 408 -14.01 -4.01 32.49
C GLY A 408 -14.37 -3.01 31.40
N GLY A 409 -15.66 -2.90 31.09
CA GLY A 409 -16.12 -2.12 29.92
C GLY A 409 -15.93 -2.88 28.61
N ASP A 410 -15.90 -2.11 27.51
CA ASP A 410 -15.70 -2.64 26.16
C ASP A 410 -14.26 -3.07 25.94
N LYS A 411 -14.06 -4.39 25.79
CA LYS A 411 -12.75 -4.97 25.52
C LYS A 411 -12.72 -5.58 24.11
N ILE A 412 -11.83 -5.11 23.24
CA ILE A 412 -11.82 -5.60 21.86
C ILE A 412 -11.27 -7.04 21.83
N VAL A 413 -11.81 -7.84 20.92
CA VAL A 413 -11.36 -9.21 20.69
C VAL A 413 -10.26 -9.16 19.62
N PRO A 414 -9.01 -9.42 20.02
CA PRO A 414 -7.90 -9.30 19.06
C PRO A 414 -8.04 -10.16 17.78
N GLY A 415 -7.75 -9.53 16.65
CA GLY A 415 -7.76 -10.17 15.34
C GLY A 415 -9.10 -10.21 14.60
N LEU A 416 -10.15 -9.63 15.20
CA LEU A 416 -11.52 -9.90 14.75
C LEU A 416 -12.31 -8.63 14.49
N TYR A 417 -12.76 -8.49 13.26
CA TYR A 417 -13.57 -7.37 12.82
C TYR A 417 -14.88 -7.95 12.31
N ALA A 418 -15.92 -7.13 12.30
CA ALA A 418 -17.23 -7.58 11.83
C ALA A 418 -17.88 -6.41 11.15
N CYS A 419 -18.52 -6.64 10.01
CA CYS A 419 -19.20 -5.55 9.34
C CYS A 419 -20.35 -5.99 8.44
N GLY A 420 -21.17 -5.03 8.03
CA GLY A 420 -22.42 -5.36 7.35
C GLY A 420 -23.54 -5.77 8.32
N GLU A 421 -24.55 -6.45 7.78
CA GLU A 421 -25.73 -6.83 8.55
C GLU A 421 -25.43 -7.76 9.72
N CYS A 422 -24.36 -8.54 9.64
CA CYS A 422 -24.00 -9.45 10.73
C CYS A 422 -23.49 -8.68 11.93
N ALA A 423 -23.13 -7.42 11.70
CA ALA A 423 -22.55 -6.60 12.71
C ALA A 423 -23.60 -5.76 13.42
N CYS A 424 -23.24 -5.30 14.62
CA CYS A 424 -23.98 -4.30 15.36
C CYS A 424 -23.00 -3.25 15.89
N HIS A 425 -22.91 -2.14 15.15
CA HIS A 425 -21.88 -1.12 15.38
C HIS A 425 -22.06 -0.16 16.53
N SER A 426 -23.26 0.34 16.84
CA SER A 426 -24.52 0.12 16.10
C SER A 426 -24.98 1.39 15.40
N VAL A 427 -25.08 1.34 14.08
CA VAL A 427 -25.50 2.50 13.30
C VAL A 427 -27.02 2.59 13.08
N HIS A 428 -27.76 1.59 13.55
CA HIS A 428 -29.22 1.56 13.35
C HIS A 428 -30.04 1.45 14.64
N GLY A 429 -29.39 1.10 15.75
CA GLY A 429 -30.10 0.95 17.01
C GLY A 429 -31.30 0.06 16.90
N ALA A 430 -32.48 0.61 17.22
CA ALA A 430 -33.75 -0.15 17.28
C ALA A 430 -34.58 -0.09 16.03
N ASN A 431 -34.13 0.66 15.03
CA ASN A 431 -34.81 0.73 13.74
C ASN A 431 -33.87 1.32 12.71
N ARG A 432 -33.64 0.54 11.66
CA ARG A 432 -32.75 0.90 10.59
C ARG A 432 -33.53 1.74 9.59
N LEU A 433 -32.91 2.81 9.15
CA LEU A 433 -33.47 3.65 8.12
C LEU A 433 -33.25 2.98 6.76
N GLY A 434 -34.26 3.01 5.89
CA GLY A 434 -34.12 2.51 4.53
C GLY A 434 -32.98 3.20 3.80
N ALA A 435 -32.29 2.45 2.93
CA ALA A 435 -31.09 2.91 2.19
C ALA A 435 -29.85 3.24 3.03
N ASN A 436 -29.88 2.90 4.32
CA ASN A 436 -28.70 3.06 5.19
C ASN A 436 -27.87 1.77 5.31
N SER A 437 -28.32 0.68 4.70
CA SER A 437 -27.65 -0.61 4.95
C SER A 437 -26.62 -0.93 3.88
N LEU A 438 -26.99 -0.75 2.62
CA LEU A 438 -26.00 -0.78 1.55
C LEU A 438 -24.88 0.20 1.95
N LEU A 439 -25.28 1.35 2.47
CA LEU A 439 -24.37 2.37 2.94
C LEU A 439 -23.45 1.86 4.03
N ASP A 440 -24.01 1.21 5.06
CA ASP A 440 -23.19 0.80 6.22
C ASP A 440 -22.26 -0.36 5.87
N ALA A 441 -22.67 -1.15 4.88
CA ALA A 441 -21.85 -2.24 4.31
C ALA A 441 -20.60 -1.67 3.68
N VAL A 442 -20.79 -0.67 2.84
CA VAL A 442 -19.70 -0.04 2.11
C VAL A 442 -18.80 0.77 3.04
N VAL A 443 -19.41 1.65 3.84
CA VAL A 443 -18.62 2.54 4.68
C VAL A 443 -17.79 1.76 5.69
N PHE A 444 -18.41 0.84 6.42
CA PHE A 444 -17.67 0.06 7.42
C PHE A 444 -16.93 -1.14 6.85
N GLY A 445 -17.34 -1.60 5.67
CA GLY A 445 -16.50 -2.51 4.89
C GLY A 445 -15.20 -1.82 4.56
N ARG A 446 -15.31 -0.60 4.02
CA ARG A 446 -14.14 0.21 3.75
C ARG A 446 -13.34 0.48 5.04
N ALA A 447 -14.03 0.77 6.15
CA ALA A 447 -13.35 1.12 7.40
C ALA A 447 -12.48 -0.02 7.89
N CYS A 448 -12.95 -1.24 7.68
CA CYS A 448 -12.20 -2.41 8.07
C CYS A 448 -10.82 -2.38 7.42
N SER A 449 -10.75 -2.02 6.14
CA SER A 449 -9.47 -2.00 5.44
C SER A 449 -8.60 -0.84 5.90
N ILE A 450 -9.21 0.33 6.06
CA ILE A 450 -8.49 1.49 6.57
C ILE A 450 -7.91 1.18 7.94
N ASN A 451 -8.73 0.65 8.82
CA ASN A 451 -8.30 0.50 10.20
C ASN A 451 -7.28 -0.62 10.36
N ILE A 452 -7.34 -1.63 9.49
CA ILE A 452 -6.39 -2.74 9.58
C ILE A 452 -5.05 -2.33 8.99
N LYS A 453 -5.06 -1.58 7.90
CA LYS A 453 -3.80 -1.13 7.33
C LYS A 453 -3.04 -0.18 8.28
N GLU A 454 -3.74 0.51 9.18
CA GLU A 454 -3.12 1.44 10.14
C GLU A 454 -2.56 0.75 11.38
N GLU A 455 -3.29 -0.22 11.91
CA GLU A 455 -2.90 -0.89 13.17
C GLU A 455 -2.07 -2.16 12.96
N LEU A 456 -2.12 -2.76 11.77
CA LEU A 456 -1.36 -3.98 11.52
C LEU A 456 0.01 -3.63 10.93
N LYS A 457 1.07 -4.10 11.58
CA LYS A 457 2.43 -3.82 11.12
C LYS A 457 3.07 -5.10 10.57
N PRO A 458 4.02 -4.96 9.63
CA PRO A 458 4.79 -6.12 9.08
C PRO A 458 5.55 -6.86 10.18
N ASP A 459 5.78 -6.13 11.26
CA ASP A 459 6.12 -6.64 12.60
C ASP A 459 5.45 -7.98 12.96
N GLU A 460 4.14 -8.06 12.76
CA GLU A 460 3.35 -9.22 13.17
C GLU A 460 3.34 -10.29 12.11
N LYS A 461 3.43 -11.55 12.52
CA LYS A 461 3.51 -12.66 11.58
C LYS A 461 2.28 -13.58 11.68
N ILE A 462 2.02 -14.34 10.62
CA ILE A 462 0.81 -15.15 10.54
C ILE A 462 0.80 -16.18 11.67
N PRO A 463 -0.07 -15.98 12.68
CA PRO A 463 0.00 -16.79 13.89
C PRO A 463 -0.12 -18.27 13.58
N GLU A 464 0.44 -19.09 14.46
CA GLU A 464 0.40 -20.55 14.30
C GLU A 464 -0.82 -21.13 15.02
N LEU A 465 -1.37 -22.21 14.48
CA LEU A 465 -2.53 -22.84 15.10
C LEU A 465 -2.15 -23.69 16.31
N PRO A 466 -2.92 -23.59 17.40
CA PRO A 466 -2.77 -24.49 18.54
C PRO A 466 -3.10 -25.93 18.19
N GLU A 467 -2.63 -26.87 19.01
CA GLU A 467 -2.73 -28.29 18.68
C GLU A 467 -4.19 -28.72 18.86
N GLY A 468 -4.76 -29.31 17.81
CA GLY A 468 -6.16 -29.74 17.80
C GLY A 468 -7.16 -28.74 17.24
N ALA A 469 -6.69 -27.52 16.96
CA ALA A 469 -7.54 -26.43 16.42
C ALA A 469 -8.48 -26.88 15.30
N GLY A 470 -9.78 -26.78 15.56
CA GLY A 470 -10.79 -27.13 14.58
C GLY A 470 -11.44 -28.47 14.80
N GLU A 471 -10.87 -29.26 15.70
CA GLU A 471 -11.39 -30.60 15.94
C GLU A 471 -12.86 -30.59 16.34
N GLU A 472 -13.25 -29.64 17.20
CA GLU A 472 -14.64 -29.53 17.66
C GLU A 472 -15.59 -29.33 16.49
N SER A 473 -15.24 -28.37 15.63
CA SER A 473 -16.04 -28.07 14.45
C SER A 473 -16.16 -29.29 13.53
N ILE A 474 -15.07 -30.04 13.37
CA ILE A 474 -15.10 -31.24 12.52
C ILE A 474 -16.03 -32.29 13.14
N ALA A 475 -15.93 -32.44 14.45
CA ALA A 475 -16.75 -33.40 15.17
C ALA A 475 -18.22 -33.12 14.98
N ASN A 476 -18.57 -31.84 15.11
CA ASN A 476 -19.93 -31.42 14.87
C ASN A 476 -20.37 -31.74 13.46
N LEU A 477 -19.49 -31.46 12.50
CA LEU A 477 -19.78 -31.71 11.08
C LEU A 477 -20.13 -33.18 10.87
N ASP A 478 -19.23 -34.06 11.35
CA ASP A 478 -19.45 -35.51 11.32
C ASP A 478 -20.78 -35.93 11.96
N ALA A 479 -21.06 -35.42 13.15
CA ALA A 479 -22.29 -35.76 13.85
C ALA A 479 -23.52 -35.45 13.02
N VAL A 480 -23.51 -34.29 12.39
CA VAL A 480 -24.67 -33.83 11.62
C VAL A 480 -24.79 -34.62 10.32
N ARG A 481 -23.63 -35.00 9.80
CA ARG A 481 -23.52 -35.75 8.56
C ARG A 481 -24.16 -37.11 8.71
N TYR A 482 -23.83 -37.81 9.79
CA TYR A 482 -24.35 -39.14 10.03
C TYR A 482 -25.51 -39.19 11.00
N ALA A 483 -26.08 -38.03 11.34
CA ALA A 483 -27.13 -37.97 12.36
C ALA A 483 -28.32 -38.85 11.98
N ASN A 484 -28.59 -39.84 12.84
CA ASN A 484 -29.63 -40.84 12.55
C ASN A 484 -30.74 -40.87 13.60
N GLY A 485 -31.06 -39.72 14.19
CA GLY A 485 -32.19 -39.60 15.10
C GLY A 485 -33.49 -39.65 14.30
N ASP A 486 -34.54 -39.06 14.83
CA ASP A 486 -35.87 -39.23 14.24
C ASP A 486 -36.59 -37.96 13.78
N VAL A 487 -35.95 -36.80 13.95
CA VAL A 487 -36.53 -35.55 13.44
C VAL A 487 -35.73 -35.02 12.24
N PRO A 488 -36.32 -35.09 11.03
CA PRO A 488 -35.65 -34.55 9.86
C PRO A 488 -35.52 -33.04 9.98
N THR A 489 -34.40 -32.50 9.52
CA THR A 489 -34.08 -31.10 9.78
C THR A 489 -35.12 -30.15 9.15
N ALA A 490 -35.62 -30.49 7.97
CA ALA A 490 -36.64 -29.68 7.31
C ALA A 490 -37.83 -29.40 8.22
N GLU A 491 -38.26 -30.41 8.97
CA GLU A 491 -39.44 -30.26 9.83
C GLU A 491 -39.07 -29.53 11.12
N LEU A 492 -37.90 -29.81 11.66
CA LEU A 492 -37.46 -29.07 12.83
C LEU A 492 -37.31 -27.57 12.50
N ARG A 493 -36.65 -27.28 11.40
CA ARG A 493 -36.57 -25.91 10.89
C ARG A 493 -37.94 -25.30 10.80
N LEU A 494 -38.86 -25.99 10.14
CA LEU A 494 -40.18 -25.45 9.87
C LEU A 494 -40.93 -25.07 11.16
N THR A 495 -40.84 -25.91 12.19
CA THR A 495 -41.47 -25.58 13.47
C THR A 495 -40.81 -24.34 14.09
N MET A 496 -39.50 -24.21 13.98
CA MET A 496 -38.80 -23.02 14.50
C MET A 496 -39.32 -21.76 13.79
N GLN A 497 -39.36 -21.79 12.48
CA GLN A 497 -39.79 -20.65 11.70
C GLN A 497 -41.21 -20.22 12.06
N LYS A 498 -42.08 -21.21 12.31
CA LYS A 498 -43.48 -20.95 12.67
C LYS A 498 -43.60 -20.46 14.12
N THR A 499 -42.84 -21.08 15.02
CA THR A 499 -42.77 -20.60 16.40
C THR A 499 -42.40 -19.13 16.44
N MET A 500 -41.45 -18.77 15.59
CA MET A 500 -40.87 -17.45 15.61
C MET A 500 -41.83 -16.41 15.01
N GLN A 501 -42.48 -16.79 13.92
CA GLN A 501 -43.51 -15.95 13.30
C GLN A 501 -44.61 -15.65 14.29
N LYS A 502 -44.91 -16.62 15.16
CA LYS A 502 -46.04 -16.51 16.08
C LYS A 502 -45.73 -15.71 17.34
N HIS A 503 -44.60 -16.00 17.98
CA HIS A 503 -44.29 -15.45 19.31
C HIS A 503 -43.39 -14.22 19.32
N ALA A 504 -42.80 -13.86 18.19
CA ALA A 504 -41.89 -12.71 18.10
C ALA A 504 -42.18 -11.79 16.89
N GLY A 505 -43.45 -11.52 16.65
CA GLY A 505 -43.90 -10.75 15.49
C GLY A 505 -43.98 -9.26 15.77
N VAL A 506 -44.73 -8.56 14.92
CA VAL A 506 -44.80 -7.08 14.95
C VAL A 506 -45.15 -6.50 16.34
N PHE A 507 -46.16 -7.09 16.98
CA PHE A 507 -46.56 -6.78 18.36
C PHE A 507 -46.27 -7.99 19.22
N ARG A 508 -45.73 -7.76 20.40
CA ARG A 508 -45.32 -8.84 21.29
C ARG A 508 -45.94 -8.66 22.67
N ARG A 509 -46.12 -9.77 23.39
CA ARG A 509 -46.70 -9.74 24.74
C ARG A 509 -45.96 -10.75 25.61
N GLY A 510 -45.67 -10.35 26.85
CA GLY A 510 -44.94 -11.17 27.81
C GLY A 510 -45.39 -12.62 27.90
N ASP A 511 -46.69 -12.86 27.90
CA ASP A 511 -47.21 -14.23 28.00
C ASP A 511 -46.98 -15.01 26.70
N ILE A 512 -47.28 -14.40 25.56
CA ILE A 512 -46.99 -14.99 24.24
C ILE A 512 -45.47 -15.18 24.05
N LEU A 513 -44.67 -14.23 24.54
CA LEU A 513 -43.21 -14.31 24.48
C LEU A 513 -42.63 -15.41 25.37
N ALA A 514 -43.12 -15.50 26.61
CA ALA A 514 -42.69 -16.54 27.54
C ALA A 514 -43.02 -17.91 26.99
N GLU A 515 -44.20 -18.01 26.39
CA GLU A 515 -44.65 -19.27 25.80
C GLU A 515 -43.69 -19.65 24.69
N GLY A 516 -43.46 -18.69 23.79
CA GLY A 516 -42.52 -18.85 22.67
C GLY A 516 -41.15 -19.31 23.09
N VAL A 517 -40.62 -18.70 24.15
CA VAL A 517 -39.29 -19.03 24.65
C VAL A 517 -39.22 -20.51 25.05
N LYS A 518 -40.22 -20.97 25.78
CA LYS A 518 -40.22 -22.36 26.26
C LYS A 518 -40.25 -23.31 25.07
N LYS A 519 -41.02 -22.97 24.04
CA LYS A 519 -41.08 -23.83 22.84
C LYS A 519 -39.73 -23.86 22.14
N MET A 520 -39.11 -22.68 22.00
CA MET A 520 -37.81 -22.54 21.32
C MET A 520 -36.71 -23.37 21.98
N MET A 521 -36.63 -23.32 23.31
CA MET A 521 -35.64 -24.12 24.05
C MET A 521 -35.96 -25.62 23.98
N ASP A 522 -37.23 -25.97 23.81
CA ASP A 522 -37.59 -27.36 23.56
C ASP A 522 -37.09 -27.80 22.19
N LEU A 523 -37.38 -27.01 21.15
CA LEU A 523 -36.85 -27.27 19.82
C LEU A 523 -35.33 -27.45 19.82
N PHE A 524 -34.63 -26.61 20.59
CA PHE A 524 -33.18 -26.69 20.70
C PHE A 524 -32.75 -28.02 21.31
N LYS A 525 -33.55 -28.52 22.24
CA LYS A 525 -33.35 -29.87 22.78
C LYS A 525 -33.55 -30.93 21.68
N GLU A 526 -34.46 -30.69 20.73
CA GLU A 526 -34.70 -31.65 19.65
C GLU A 526 -33.56 -31.77 18.63
N LEU A 527 -32.61 -30.84 18.64
CA LEU A 527 -31.36 -30.95 17.87
C LEU A 527 -30.64 -32.29 18.04
N LYS A 528 -30.77 -32.89 19.22
CA LYS A 528 -30.13 -34.17 19.51
C LYS A 528 -30.82 -35.30 18.75
N ARG A 529 -32.13 -35.16 18.54
CA ARG A 529 -32.93 -36.13 17.78
C ARG A 529 -32.89 -35.85 16.27
N LEU A 530 -31.74 -35.42 15.76
CA LEU A 530 -31.69 -34.89 14.41
C LEU A 530 -31.48 -35.98 13.37
N LYS A 531 -32.30 -35.94 12.33
CA LYS A 531 -32.18 -36.85 11.21
C LYS A 531 -31.74 -36.15 9.93
N THR A 532 -30.60 -36.60 9.38
CA THR A 532 -30.18 -36.27 8.03
C THR A 532 -30.18 -37.56 7.19
N THR A 533 -30.09 -37.42 5.87
CA THR A 533 -30.10 -38.56 4.94
C THR A 533 -28.85 -38.65 4.06
N ASP A 534 -28.49 -37.56 3.38
CA ASP A 534 -27.28 -37.51 2.54
C ASP A 534 -26.03 -37.68 3.38
N ARG A 535 -25.17 -38.62 3.00
CA ARG A 535 -23.93 -38.92 3.72
C ARG A 535 -22.67 -38.58 2.93
N SER A 536 -22.85 -38.02 1.73
CA SER A 536 -21.70 -37.63 0.92
C SER A 536 -20.97 -36.42 1.50
N LEU A 537 -19.70 -36.28 1.12
CA LEU A 537 -18.93 -35.10 1.46
C LEU A 537 -19.01 -34.05 0.35
N ILE A 538 -19.34 -34.50 -0.86
CA ILE A 538 -19.41 -33.61 -2.01
C ILE A 538 -20.80 -33.00 -2.16
N TRP A 539 -20.82 -31.67 -2.27
CA TRP A 539 -22.05 -30.86 -2.44
C TRP A 539 -23.28 -31.39 -1.70
N ASN A 540 -23.08 -31.62 -0.41
CA ASN A 540 -24.10 -32.17 0.44
C ASN A 540 -24.83 -31.01 1.06
N SER A 541 -25.93 -30.61 0.45
CA SER A 541 -26.67 -29.45 0.94
C SER A 541 -27.72 -29.83 1.97
N ASP A 542 -27.90 -31.13 2.19
CA ASP A 542 -28.69 -31.61 3.30
C ASP A 542 -27.87 -31.34 4.55
N LEU A 543 -26.55 -31.49 4.43
CA LEU A 543 -25.62 -31.26 5.55
C LEU A 543 -25.43 -29.78 5.89
N THR A 544 -25.01 -28.99 4.93
CA THR A 544 -24.88 -27.54 5.11
C THR A 544 -26.18 -26.89 5.57
N GLU A 545 -27.32 -27.35 5.06
CA GLU A 545 -28.60 -26.82 5.52
C GLU A 545 -28.88 -27.24 6.98
N SER A 546 -28.24 -28.32 7.42
CA SER A 546 -28.38 -28.76 8.79
C SER A 546 -27.49 -27.94 9.67
N LEU A 547 -26.22 -27.85 9.32
CA LEU A 547 -25.33 -26.85 9.92
C LEU A 547 -26.03 -25.49 10.03
N GLU A 548 -26.68 -25.06 8.95
CA GLU A 548 -27.36 -23.79 8.93
C GLU A 548 -28.45 -23.72 10.01
N LEU A 549 -29.26 -24.79 10.13
CA LEU A 549 -30.29 -24.90 11.18
C LEU A 549 -29.69 -24.71 12.57
N GLN A 550 -28.56 -25.34 12.82
CA GLN A 550 -27.87 -25.12 14.10
C GLN A 550 -27.63 -23.62 14.32
N ASN A 551 -27.14 -22.94 13.29
CA ASN A 551 -26.76 -21.54 13.41
C ASN A 551 -28.01 -20.70 13.59
N LEU A 552 -29.02 -21.00 12.80
CA LEU A 552 -30.35 -20.38 12.94
C LEU A 552 -30.93 -20.51 14.34
N MET A 553 -30.85 -21.70 14.91
CA MET A 553 -31.42 -21.96 16.24
C MET A 553 -30.73 -21.10 17.28
N LEU A 554 -29.41 -20.95 17.17
CA LEU A 554 -28.67 -20.11 18.11
C LEU A 554 -29.18 -18.67 18.02
N ASN A 555 -29.23 -18.15 16.81
CA ASN A 555 -29.77 -16.82 16.60
C ASN A 555 -31.18 -16.68 17.11
N ALA A 556 -32.04 -17.62 16.72
CA ALA A 556 -33.47 -17.56 17.05
C ALA A 556 -33.73 -17.65 18.58
N THR A 557 -33.04 -18.55 19.26
CA THR A 557 -33.23 -18.66 20.70
C THR A 557 -32.78 -17.39 21.36
N GLN A 558 -31.62 -16.88 20.96
CA GLN A 558 -31.11 -15.64 21.54
C GLN A 558 -32.07 -14.49 21.28
N THR A 559 -32.56 -14.41 20.05
CA THR A 559 -33.48 -13.35 19.68
C THR A 559 -34.67 -13.28 20.61
N ILE A 560 -35.30 -14.43 20.83
CA ILE A 560 -36.52 -14.46 21.62
C ILE A 560 -36.34 -14.22 23.12
N VAL A 561 -35.29 -14.75 23.76
CA VAL A 561 -35.16 -14.47 25.20
C VAL A 561 -34.78 -13.00 25.42
N ALA A 562 -34.04 -12.40 24.50
CA ALA A 562 -33.75 -10.96 24.57
C ALA A 562 -35.03 -10.13 24.43
N ALA A 563 -35.87 -10.50 23.47
CA ALA A 563 -37.14 -9.79 23.23
C ALA A 563 -38.10 -10.00 24.39
N GLU A 564 -38.12 -11.23 24.92
CA GLU A 564 -38.95 -11.56 26.09
C GLU A 564 -38.61 -10.67 27.28
N ASN A 565 -37.32 -10.45 27.50
CA ASN A 565 -36.88 -9.70 28.66
C ASN A 565 -36.93 -8.17 28.55
N ARG A 566 -37.07 -7.62 27.36
CA ARG A 566 -37.10 -6.15 27.19
C ARG A 566 -38.53 -5.63 27.38
N LYS A 567 -38.79 -5.00 28.52
CA LYS A 567 -40.13 -4.56 28.88
C LYS A 567 -40.34 -3.11 28.51
N GLU A 568 -40.17 -2.80 27.24
CA GLU A 568 -40.44 -1.48 26.71
C GLU A 568 -40.78 -1.64 25.25
N SER A 569 -41.21 -0.55 24.64
CA SER A 569 -41.47 -0.47 23.22
C SER A 569 -40.52 0.56 22.61
N ARG A 570 -39.62 0.08 21.75
CA ARG A 570 -38.61 0.94 21.15
C ARG A 570 -38.34 0.50 19.72
N GLY A 571 -38.41 1.44 18.80
CA GLY A 571 -38.28 1.13 17.39
C GLY A 571 -39.12 -0.08 16.99
N ALA A 572 -38.45 -1.10 16.45
CA ALA A 572 -39.13 -2.28 15.93
C ALA A 572 -39.65 -3.22 17.01
N HIS A 573 -39.14 -3.08 18.24
CA HIS A 573 -39.62 -3.89 19.36
C HIS A 573 -40.84 -3.25 20.02
N ALA A 574 -42.03 -3.75 19.69
CA ALA A 574 -43.29 -3.26 20.25
C ALA A 574 -43.91 -4.29 21.21
N ARG A 575 -43.93 -3.93 22.49
CA ARG A 575 -44.54 -4.74 23.55
C ARG A 575 -45.90 -4.18 23.92
N ASP A 576 -46.96 -4.98 23.72
CA ASP A 576 -48.35 -4.55 24.04
C ASP A 576 -48.56 -4.31 25.54
N ASP A 577 -47.86 -5.09 26.36
CA ASP A 577 -47.89 -4.92 27.82
C ASP A 577 -47.02 -3.77 28.31
N PHE A 578 -46.23 -3.14 27.45
CA PHE A 578 -45.33 -2.04 27.87
C PHE A 578 -45.18 -1.09 26.71
N PRO A 579 -46.20 -0.29 26.46
CA PRO A 579 -46.17 0.48 25.21
C PRO A 579 -45.24 1.70 25.23
N LYS A 580 -44.56 1.94 26.35
CA LYS A 580 -43.72 3.14 26.51
C LYS A 580 -42.27 2.87 26.17
N ARG A 581 -41.64 3.86 25.55
CA ARG A 581 -40.20 3.92 25.43
C ARG A 581 -39.62 4.33 26.79
N GLU A 582 -38.87 3.41 27.41
CA GLU A 582 -38.33 3.63 28.75
C GLU A 582 -36.90 4.14 28.70
N ASP A 583 -36.72 5.45 28.89
CA ASP A 583 -35.40 6.10 28.92
C ASP A 583 -34.95 6.49 30.36
N GLU A 584 -33.71 6.97 30.52
CA GLU A 584 -33.22 7.42 31.84
C GLU A 584 -34.06 8.56 32.43
N TYR A 585 -34.50 9.49 31.59
CA TYR A 585 -35.48 10.49 31.96
C TYR A 585 -36.78 10.17 31.24
N ASP A 586 -37.79 11.01 31.45
CA ASP A 586 -38.99 10.97 30.66
C ASP A 586 -38.87 12.12 29.67
N TYR A 587 -38.40 11.83 28.46
CA TYR A 587 -38.13 12.88 27.49
C TYR A 587 -39.39 13.52 26.90
N SER A 588 -40.57 13.10 27.36
CA SER A 588 -41.83 13.74 26.96
C SER A 588 -42.17 14.97 27.79
N LYS A 589 -41.52 15.11 28.95
CA LYS A 589 -41.65 16.29 29.80
C LYS A 589 -40.34 17.05 29.78
N PRO A 590 -40.32 18.29 30.27
CA PRO A 590 -39.03 18.98 30.45
C PRO A 590 -38.10 18.24 31.42
N ILE A 591 -36.80 18.38 31.19
CA ILE A 591 -35.79 17.63 31.94
C ILE A 591 -35.62 18.19 33.35
N GLU A 592 -35.39 19.49 33.45
CA GLU A 592 -35.07 20.13 34.73
C GLU A 592 -36.08 19.76 35.82
N GLY A 593 -35.58 19.30 36.95
CA GLY A 593 -36.44 18.83 38.03
C GLY A 593 -36.69 17.34 38.03
N GLN A 594 -36.31 16.65 36.94
CA GLN A 594 -36.34 15.19 36.91
C GLN A 594 -35.02 14.67 37.44
N THR A 595 -35.07 13.52 38.08
CA THR A 595 -33.87 12.84 38.53
C THR A 595 -33.65 11.63 37.62
N LYS A 596 -32.46 11.50 37.06
CA LYS A 596 -32.14 10.38 36.18
C LYS A 596 -32.39 9.03 36.87
N ARG A 597 -33.10 8.15 36.18
CA ARG A 597 -33.26 6.78 36.62
C ARG A 597 -31.94 6.04 36.47
N PRO A 598 -31.62 5.15 37.42
CA PRO A 598 -30.37 4.41 37.30
C PRO A 598 -30.40 3.36 36.16
N PHE A 599 -29.21 3.02 35.66
CA PHE A 599 -29.04 2.15 34.49
C PHE A 599 -29.93 0.91 34.56
N GLU A 600 -29.92 0.25 35.72
CA GLU A 600 -30.66 -1.01 35.88
C GLU A 600 -32.17 -0.85 35.78
N LYS A 601 -32.67 0.39 35.82
CA LYS A 601 -34.12 0.61 35.90
C LYS A 601 -34.79 1.02 34.58
N HIS A 602 -34.05 1.69 33.70
CA HIS A 602 -34.55 2.02 32.35
C HIS A 602 -34.03 1.04 31.28
N TRP A 603 -34.43 1.24 30.02
CA TRP A 603 -34.11 0.30 28.94
C TRP A 603 -33.37 0.93 27.72
N ARG A 604 -32.92 2.18 27.86
CA ARG A 604 -32.09 2.79 26.84
C ARG A 604 -30.66 2.29 26.99
N LYS A 605 -30.50 1.04 26.57
CA LYS A 605 -29.25 0.30 26.69
C LYS A 605 -29.29 -0.87 25.70
N HIS A 606 -28.12 -1.33 25.25
CA HIS A 606 -28.05 -2.46 24.32
C HIS A 606 -28.24 -3.81 25.06
N THR A 607 -28.90 -4.77 24.42
CA THR A 607 -29.01 -6.14 24.92
C THR A 607 -27.85 -7.02 24.46
N LEU A 608 -27.22 -7.71 25.40
CA LEU A 608 -26.13 -8.62 25.11
C LEU A 608 -26.55 -10.02 25.52
N THR A 609 -26.53 -10.97 24.60
CA THR A 609 -26.88 -12.35 24.89
C THR A 609 -25.69 -13.29 24.73
N LYS A 610 -25.32 -13.96 25.82
CA LYS A 610 -24.34 -15.04 25.82
C LYS A 610 -25.10 -16.35 25.80
N GLN A 611 -24.72 -17.24 24.91
CA GLN A 611 -25.37 -18.52 24.80
C GLN A 611 -24.32 -19.60 24.86
N ASP A 612 -24.58 -20.61 25.69
CA ASP A 612 -23.81 -21.84 25.67
C ASP A 612 -24.40 -22.67 24.53
N PRO A 613 -23.58 -23.00 23.52
CA PRO A 613 -24.08 -23.69 22.31
C PRO A 613 -24.38 -25.19 22.44
N ARG A 614 -23.78 -25.88 23.40
CA ARG A 614 -24.12 -27.29 23.65
C ARG A 614 -25.47 -27.38 24.37
N THR A 615 -25.57 -26.66 25.49
CA THR A 615 -26.78 -26.74 26.33
C THR A 615 -27.92 -25.87 25.80
N GLY A 616 -27.58 -24.70 25.26
CA GLY A 616 -28.58 -23.73 24.83
C GLY A 616 -28.84 -22.65 25.87
N HIS A 617 -28.27 -22.79 27.06
CA HIS A 617 -28.54 -21.84 28.12
C HIS A 617 -28.05 -20.44 27.75
N ILE A 618 -28.92 -19.45 27.91
CA ILE A 618 -28.64 -18.07 27.57
C ILE A 618 -28.61 -17.19 28.82
N THR A 619 -27.58 -16.36 28.97
CA THR A 619 -27.57 -15.32 30.00
C THR A 619 -27.57 -13.95 29.34
N LEU A 620 -28.15 -12.97 30.02
CA LEU A 620 -28.28 -11.62 29.49
C LEU A 620 -27.37 -10.69 30.28
N ASP A 621 -27.03 -9.58 29.66
CA ASP A 621 -26.35 -8.48 30.33
C ASP A 621 -26.73 -7.26 29.50
N TYR A 622 -26.47 -6.06 30.01
CA TYR A 622 -26.78 -4.87 29.24
C TYR A 622 -25.60 -3.91 29.21
N ARG A 623 -25.45 -3.21 28.09
CA ARG A 623 -24.31 -2.37 27.86
C ARG A 623 -24.82 -0.96 27.51
N PRO A 624 -24.16 0.09 28.02
CA PRO A 624 -24.69 1.43 27.74
C PRO A 624 -24.57 1.83 26.28
N VAL A 625 -25.57 2.55 25.80
CA VAL A 625 -25.52 3.19 24.50
C VAL A 625 -24.45 4.26 24.53
N ILE A 626 -23.68 4.37 23.45
CA ILE A 626 -22.73 5.48 23.31
C ILE A 626 -23.47 6.70 22.76
N ASP A 627 -23.46 7.80 23.51
CA ASP A 627 -24.16 9.03 23.11
C ASP A 627 -23.29 10.11 22.47
N LYS A 628 -22.02 10.14 22.82
CA LYS A 628 -21.07 11.09 22.24
C LYS A 628 -20.88 10.83 20.73
N THR A 629 -20.54 11.89 20.00
CA THR A 629 -20.04 11.77 18.63
C THR A 629 -18.53 11.54 18.64
N LEU A 630 -17.93 11.38 17.46
CA LEU A 630 -16.48 11.32 17.29
C LEU A 630 -15.75 12.65 17.53
N ASP A 631 -16.46 13.76 17.38
CA ASP A 631 -15.89 15.10 17.57
C ASP A 631 -17.03 16.09 17.76
N PRO A 632 -17.13 16.68 18.97
CA PRO A 632 -18.20 17.66 19.19
C PRO A 632 -18.03 18.92 18.34
N ALA A 633 -16.79 19.23 17.96
CA ALA A 633 -16.49 20.33 17.03
C ALA A 633 -17.07 20.12 15.63
N GLU A 634 -17.08 18.88 15.13
CA GLU A 634 -17.64 18.60 13.80
C GLU A 634 -19.16 18.54 13.87
N VAL A 635 -19.70 17.84 14.86
CA VAL A 635 -21.16 17.82 15.06
C VAL A 635 -21.55 17.52 16.51
N ASP A 636 -22.64 18.15 16.93
CA ASP A 636 -23.22 17.95 18.26
C ASP A 636 -23.85 16.58 18.36
N TRP A 637 -24.00 16.06 19.58
CA TRP A 637 -24.87 14.89 19.75
C TRP A 637 -26.31 15.36 19.65
N ILE A 638 -27.23 14.40 19.66
CA ILE A 638 -28.65 14.67 19.51
C ILE A 638 -29.42 14.00 20.64
N PRO A 639 -29.87 14.78 21.64
CA PRO A 639 -30.51 14.14 22.78
C PRO A 639 -31.91 13.57 22.46
N PRO A 640 -32.29 12.48 23.13
CA PRO A 640 -33.57 11.88 22.86
C PRO A 640 -34.72 12.88 22.88
N ILE A 641 -35.73 12.61 22.06
CA ILE A 641 -37.01 13.32 22.08
C ILE A 641 -38.07 12.29 21.69
N ILE A 642 -39.33 12.63 21.89
CA ILE A 642 -40.39 11.72 21.47
C ILE A 642 -40.27 11.50 19.96
N ARG A 643 -40.53 10.28 19.53
CA ARG A 643 -40.31 9.92 18.15
C ARG A 643 -41.62 10.03 17.38
N SER A 644 -41.79 11.11 16.62
CA SER A 644 -42.96 11.25 15.75
C SER A 644 -42.62 11.39 14.28
N TYR A 645 -43.64 11.19 13.46
CA TYR A 645 -43.55 11.24 12.00
C TYR A 645 -44.92 11.66 11.46
N LYS B 33 -56.97 -34.47 -6.18
CA LYS B 33 -55.49 -34.44 -5.97
C LYS B 33 -54.78 -34.33 -7.31
N ARG B 34 -54.30 -33.12 -7.63
CA ARG B 34 -53.55 -32.89 -8.88
C ARG B 34 -52.08 -33.20 -8.67
N ILE B 35 -51.68 -34.43 -8.99
CA ILE B 35 -50.32 -34.91 -8.79
C ILE B 35 -49.46 -34.68 -10.03
N LYS B 36 -48.63 -33.64 -9.98
CA LYS B 36 -47.64 -33.36 -11.03
C LYS B 36 -46.44 -34.26 -10.82
N THR B 37 -45.80 -34.63 -11.92
CA THR B 37 -44.69 -35.55 -11.89
C THR B 37 -43.47 -34.93 -12.58
N PHE B 38 -42.30 -35.07 -11.93
CA PHE B 38 -41.06 -34.43 -12.38
C PHE B 38 -39.96 -35.45 -12.64
N GLU B 39 -39.41 -35.44 -13.85
CA GLU B 39 -38.23 -36.24 -14.18
C GLU B 39 -36.99 -35.36 -14.04
N ILE B 40 -36.16 -35.64 -13.03
CA ILE B 40 -35.01 -34.81 -12.71
C ILE B 40 -33.70 -35.56 -12.87
N TYR B 41 -32.81 -34.99 -13.68
CA TYR B 41 -31.46 -35.50 -13.85
C TYR B 41 -30.77 -35.75 -12.52
N ARG B 42 -30.00 -36.81 -12.41
CA ARG B 42 -29.30 -37.19 -11.16
C ARG B 42 -27.89 -37.65 -11.46
N PHE B 43 -26.96 -37.26 -10.59
CA PHE B 43 -25.60 -37.71 -10.71
C PHE B 43 -24.95 -37.65 -9.35
N ASN B 44 -24.23 -38.70 -9.00
CA ASN B 44 -23.68 -38.87 -7.69
C ASN B 44 -22.19 -39.17 -7.83
N PRO B 45 -21.33 -38.15 -7.65
CA PRO B 45 -19.91 -38.35 -7.92
C PRO B 45 -19.23 -39.27 -6.93
N GLU B 46 -19.84 -39.45 -5.76
CA GLU B 46 -19.30 -40.30 -4.68
C GLU B 46 -19.37 -41.77 -5.07
N GLU B 47 -20.29 -42.12 -5.97
CA GLU B 47 -20.55 -43.51 -6.33
C GLU B 47 -19.44 -44.08 -7.23
N PRO B 48 -18.98 -45.33 -6.94
CA PRO B 48 -17.95 -45.98 -7.78
C PRO B 48 -18.38 -46.11 -9.25
N GLY B 49 -17.62 -45.50 -10.15
CA GLY B 49 -17.99 -45.47 -11.56
C GLY B 49 -19.43 -45.02 -11.76
N ALA B 50 -19.76 -43.86 -11.20
CA ALA B 50 -21.10 -43.31 -11.28
C ALA B 50 -21.46 -42.91 -12.72
N LYS B 51 -22.77 -42.84 -12.99
CA LYS B 51 -23.26 -42.36 -14.28
C LYS B 51 -24.62 -41.64 -14.17
N PRO B 52 -24.84 -40.60 -15.01
CA PRO B 52 -26.08 -39.83 -15.04
C PRO B 52 -27.33 -40.69 -15.18
N LYS B 53 -28.47 -40.17 -14.70
CA LYS B 53 -29.73 -40.92 -14.58
C LYS B 53 -30.91 -39.97 -14.36
N LEU B 54 -32.06 -40.19 -14.99
CA LEU B 54 -33.28 -39.43 -14.67
C LEU B 54 -34.10 -40.09 -13.56
N GLN B 55 -34.60 -39.30 -12.60
CA GLN B 55 -35.46 -39.84 -11.55
C GLN B 55 -36.80 -39.18 -11.62
N LYS B 56 -37.85 -39.90 -11.25
CA LYS B 56 -39.19 -39.37 -11.31
C LYS B 56 -39.68 -39.15 -9.89
N PHE B 57 -40.32 -38.01 -9.69
CA PHE B 57 -40.86 -37.63 -8.39
C PHE B 57 -42.27 -37.16 -8.60
N ASP B 58 -43.16 -37.52 -7.68
CA ASP B 58 -44.54 -37.08 -7.75
C ASP B 58 -44.74 -35.99 -6.71
N VAL B 59 -45.40 -34.89 -7.11
CA VAL B 59 -45.64 -33.79 -6.19
C VAL B 59 -47.11 -33.41 -6.22
N ASP B 60 -47.70 -33.28 -5.04
CA ASP B 60 -49.08 -32.84 -4.93
C ASP B 60 -49.09 -31.32 -5.06
N LEU B 61 -49.53 -30.83 -6.21
CA LEU B 61 -49.54 -29.39 -6.50
C LEU B 61 -50.31 -28.57 -5.50
N ASP B 62 -51.34 -29.14 -4.89
CA ASP B 62 -52.10 -28.43 -3.87
C ASP B 62 -51.30 -28.27 -2.58
N LYS B 63 -50.23 -29.06 -2.44
CA LYS B 63 -49.32 -28.98 -1.28
C LYS B 63 -48.00 -28.27 -1.63
N CYS B 64 -48.01 -27.41 -2.65
CA CYS B 64 -46.77 -26.87 -3.22
C CYS B 64 -46.95 -25.46 -3.80
N GLY B 65 -45.84 -24.73 -3.88
CA GLY B 65 -45.84 -23.42 -4.48
C GLY B 65 -45.95 -23.47 -5.99
N THR B 66 -46.29 -22.32 -6.55
CA THR B 66 -46.53 -22.15 -7.98
C THR B 66 -45.29 -22.44 -8.86
N MET B 67 -44.08 -22.25 -8.32
CA MET B 67 -42.82 -22.30 -9.10
C MET B 67 -42.04 -23.61 -8.97
N VAL B 68 -41.28 -23.91 -10.03
CA VAL B 68 -40.51 -25.15 -10.14
C VAL B 68 -39.52 -25.34 -8.99
N LEU B 69 -38.85 -24.25 -8.62
CA LEU B 69 -37.99 -24.25 -7.43
C LEU B 69 -38.75 -24.73 -6.16
N ASP B 70 -40.02 -24.34 -6.04
CA ASP B 70 -40.85 -24.78 -4.95
C ASP B 70 -40.98 -26.31 -4.90
N ALA B 71 -41.15 -26.90 -6.08
CA ALA B 71 -41.27 -28.35 -6.18
C ALA B 71 -39.97 -29.06 -5.79
N LEU B 72 -38.83 -28.49 -6.21
CA LEU B 72 -37.53 -29.08 -5.92
C LEU B 72 -37.23 -29.03 -4.44
N ILE B 73 -37.54 -27.91 -3.81
CA ILE B 73 -37.38 -27.79 -2.37
C ILE B 73 -38.32 -28.76 -1.66
N LYS B 74 -39.58 -28.84 -2.12
CA LYS B 74 -40.57 -29.73 -1.52
C LYS B 74 -40.09 -31.16 -1.51
N ILE B 75 -39.65 -31.61 -2.68
CA ILE B 75 -39.02 -32.92 -2.81
C ILE B 75 -37.91 -33.03 -1.78
N LYS B 76 -36.89 -32.17 -1.90
CA LYS B 76 -35.75 -32.28 -0.99
C LYS B 76 -36.20 -32.32 0.48
N ASN B 77 -37.19 -31.50 0.80
CA ASN B 77 -37.71 -31.41 2.16
C ASN B 77 -38.51 -32.62 2.61
N GLU B 78 -39.20 -33.29 1.70
CA GLU B 78 -40.17 -34.31 2.07
C GLU B 78 -39.86 -35.71 1.55
N VAL B 79 -39.33 -35.81 0.34
CA VAL B 79 -39.09 -37.08 -0.31
C VAL B 79 -37.61 -37.48 -0.25
N ASP B 80 -36.73 -36.68 -0.87
CA ASP B 80 -35.31 -37.03 -1.00
C ASP B 80 -34.38 -35.86 -0.68
N PRO B 81 -33.87 -35.79 0.56
CA PRO B 81 -32.98 -34.68 0.90
C PRO B 81 -31.56 -34.76 0.30
N THR B 82 -31.30 -35.77 -0.52
CA THR B 82 -29.99 -35.89 -1.16
C THR B 82 -29.99 -35.14 -2.47
N LEU B 83 -31.18 -34.70 -2.90
CA LEU B 83 -31.35 -33.96 -4.14
C LEU B 83 -30.76 -32.56 -3.99
N THR B 84 -29.92 -32.18 -4.97
CA THR B 84 -28.97 -31.09 -4.80
C THR B 84 -29.00 -30.06 -5.93
N PHE B 85 -29.16 -28.79 -5.56
CA PHE B 85 -29.24 -27.72 -6.54
C PHE B 85 -28.91 -26.37 -5.89
N ARG B 86 -28.55 -25.41 -6.71
CA ARG B 86 -28.28 -24.06 -6.23
C ARG B 86 -29.54 -23.23 -6.20
N ARG B 87 -29.65 -22.40 -5.17
CA ARG B 87 -30.71 -21.40 -5.06
C ARG B 87 -30.33 -20.40 -3.97
N SER B 88 -30.91 -19.20 -4.03
CA SER B 88 -30.68 -18.20 -2.98
C SER B 88 -31.81 -17.20 -2.83
N CYS B 89 -32.06 -16.43 -3.89
CA CYS B 89 -33.09 -15.38 -3.87
C CYS B 89 -34.47 -16.03 -3.86
N ARG B 90 -35.52 -15.22 -3.84
CA ARG B 90 -36.87 -15.72 -4.13
C ARG B 90 -37.43 -15.14 -5.45
N GLU B 91 -36.83 -14.07 -5.94
CA GLU B 91 -37.42 -13.24 -6.99
C GLU B 91 -36.68 -13.21 -8.32
N GLY B 92 -35.70 -14.09 -8.50
CA GLY B 92 -35.00 -14.20 -9.77
C GLY B 92 -33.99 -13.11 -10.04
N ILE B 93 -33.24 -12.75 -9.00
CA ILE B 93 -32.21 -11.70 -9.10
C ILE B 93 -30.79 -12.23 -8.86
N CYS B 94 -30.64 -13.27 -8.03
CA CYS B 94 -29.32 -13.82 -7.71
C CYS B 94 -28.63 -14.50 -8.91
N GLY B 95 -29.40 -15.25 -9.69
CA GLY B 95 -28.90 -16.04 -10.83
C GLY B 95 -28.45 -17.48 -10.53
N SER B 96 -28.64 -17.93 -9.29
CA SER B 96 -28.11 -19.21 -8.81
C SER B 96 -28.82 -20.42 -9.39
N CYS B 97 -30.14 -20.33 -9.58
CA CYS B 97 -30.96 -21.52 -9.82
C CYS B 97 -31.14 -21.88 -11.29
N ALA B 98 -30.19 -21.46 -12.13
CA ALA B 98 -30.31 -21.64 -13.57
C ALA B 98 -30.26 -23.11 -13.92
N MET B 99 -31.21 -23.55 -14.73
CA MET B 99 -31.25 -24.95 -15.18
C MET B 99 -32.10 -25.13 -16.45
N ASN B 100 -32.18 -26.37 -16.93
CA ASN B 100 -32.98 -26.67 -18.10
C ASN B 100 -34.27 -27.29 -17.66
N ILE B 101 -35.37 -26.60 -17.96
CA ILE B 101 -36.70 -26.99 -17.54
C ILE B 101 -37.61 -27.05 -18.74
N ALA B 102 -38.16 -28.24 -18.98
CA ALA B 102 -39.02 -28.48 -20.15
C ALA B 102 -38.26 -28.07 -21.41
N GLY B 103 -36.98 -28.41 -21.46
CA GLY B 103 -36.19 -28.20 -22.65
C GLY B 103 -35.57 -26.83 -22.84
N GLU B 104 -35.95 -25.84 -22.03
CA GLU B 104 -35.34 -24.50 -22.13
C GLU B 104 -34.51 -24.17 -20.89
N ASN B 105 -33.51 -23.30 -21.05
CA ASN B 105 -32.74 -22.80 -19.91
C ASN B 105 -33.48 -21.64 -19.28
N THR B 106 -33.74 -21.73 -17.98
CA THR B 106 -34.40 -20.66 -17.25
C THR B 106 -34.07 -20.77 -15.78
N LEU B 107 -34.65 -19.88 -14.98
CA LEU B 107 -34.45 -19.92 -13.54
C LEU B 107 -35.63 -20.62 -12.93
N ALA B 108 -35.36 -21.54 -12.02
CA ALA B 108 -36.41 -22.34 -11.44
C ALA B 108 -37.36 -21.49 -10.60
N CYS B 109 -36.81 -20.45 -9.97
CA CYS B 109 -37.52 -19.71 -8.94
C CYS B 109 -38.63 -18.83 -9.49
N ILE B 110 -38.57 -18.56 -10.79
CA ILE B 110 -39.60 -17.79 -11.47
C ILE B 110 -40.17 -18.50 -12.69
N CYS B 111 -39.92 -19.81 -12.80
CA CYS B 111 -40.54 -20.65 -13.83
C CYS B 111 -41.78 -21.33 -13.27
N ASN B 112 -42.96 -20.92 -13.74
CA ASN B 112 -44.21 -21.53 -13.28
C ASN B 112 -44.26 -22.98 -13.67
N ILE B 113 -44.63 -23.81 -12.71
CA ILE B 113 -44.90 -25.22 -12.96
C ILE B 113 -46.04 -25.33 -13.96
N ASP B 114 -45.91 -26.27 -14.92
CA ASP B 114 -47.01 -26.58 -15.85
C ASP B 114 -48.06 -27.43 -15.13
N GLN B 115 -49.30 -26.94 -15.13
CA GLN B 115 -50.43 -27.52 -14.38
C GLN B 115 -50.87 -28.85 -14.97
N ASN B 116 -50.79 -28.96 -16.30
CA ASN B 116 -51.13 -30.19 -17.00
C ASN B 116 -50.43 -31.39 -16.34
N THR B 117 -51.13 -32.03 -15.40
CA THR B 117 -50.60 -33.18 -14.66
C THR B 117 -50.43 -34.43 -15.54
N SER B 118 -51.10 -34.44 -16.68
CA SER B 118 -50.94 -35.49 -17.68
C SER B 118 -49.55 -35.52 -18.33
N LYS B 119 -48.94 -34.37 -18.60
CA LYS B 119 -47.54 -34.33 -19.05
C LYS B 119 -46.64 -34.36 -17.83
N THR B 120 -45.44 -34.92 -17.97
CA THR B 120 -44.41 -34.74 -16.94
C THR B 120 -43.59 -33.53 -17.32
N THR B 121 -42.68 -33.12 -16.43
CA THR B 121 -41.73 -32.03 -16.71
C THR B 121 -40.33 -32.54 -16.45
N LYS B 122 -39.48 -32.41 -17.47
CA LYS B 122 -38.08 -32.83 -17.41
C LYS B 122 -37.16 -31.69 -16.96
N ILE B 123 -36.29 -31.99 -15.99
CA ILE B 123 -35.39 -31.01 -15.41
C ILE B 123 -33.94 -31.51 -15.47
N TYR B 124 -33.11 -30.84 -16.28
CA TYR B 124 -31.68 -31.14 -16.41
C TYR B 124 -30.84 -29.95 -15.96
N PRO B 125 -29.51 -30.15 -15.74
CA PRO B 125 -28.63 -29.02 -15.48
C PRO B 125 -28.48 -28.14 -16.70
N LEU B 126 -27.58 -27.16 -16.61
CA LEU B 126 -27.27 -26.30 -17.73
C LEU B 126 -26.59 -27.15 -18.79
N PRO B 127 -27.05 -27.06 -20.04
CA PRO B 127 -26.46 -27.89 -21.06
C PRO B 127 -24.97 -27.73 -21.27
N HIS B 128 -24.35 -28.89 -21.49
CA HIS B 128 -22.95 -28.99 -21.83
C HIS B 128 -22.01 -28.41 -20.82
N MET B 129 -22.41 -28.34 -19.56
CA MET B 129 -21.45 -28.04 -18.51
C MET B 129 -21.06 -29.37 -17.86
N PHE B 130 -19.86 -29.40 -17.29
CA PHE B 130 -19.44 -30.50 -16.46
C PHE B 130 -20.22 -30.43 -15.17
N VAL B 131 -20.85 -31.54 -14.75
CA VAL B 131 -21.65 -31.51 -13.53
C VAL B 131 -20.86 -32.00 -12.32
N ILE B 132 -21.10 -31.33 -11.20
CA ILE B 132 -20.51 -31.70 -9.93
C ILE B 132 -21.37 -32.78 -9.28
N LYS B 133 -22.67 -32.51 -9.15
CA LYS B 133 -23.59 -33.43 -8.51
C LYS B 133 -25.02 -32.97 -8.75
N ASP B 134 -25.84 -33.87 -9.28
CA ASP B 134 -27.23 -33.58 -9.64
C ASP B 134 -27.32 -32.35 -10.55
N LEU B 135 -28.08 -31.33 -10.16
CA LEU B 135 -28.32 -30.16 -11.00
C LEU B 135 -27.24 -29.06 -10.90
N VAL B 136 -26.17 -29.30 -10.15
CA VAL B 136 -25.13 -28.30 -9.89
C VAL B 136 -23.96 -28.40 -10.89
N PRO B 137 -23.83 -27.40 -11.79
CA PRO B 137 -22.70 -27.43 -12.72
C PRO B 137 -21.43 -26.82 -12.15
N ASP B 138 -20.26 -27.25 -12.63
CA ASP B 138 -19.04 -26.52 -12.31
C ASP B 138 -19.07 -25.26 -13.17
N MET B 139 -18.93 -24.13 -12.50
CA MET B 139 -19.24 -22.83 -13.07
C MET B 139 -17.99 -21.98 -13.26
N ASN B 140 -16.82 -22.58 -13.06
CA ASN B 140 -15.59 -21.80 -12.87
C ASN B 140 -14.96 -21.19 -14.11
N LEU B 141 -15.27 -21.72 -15.30
CA LEU B 141 -14.75 -21.17 -16.54
C LEU B 141 -15.53 -19.91 -16.88
N PHE B 142 -16.86 -20.04 -16.85
CA PHE B 142 -17.78 -18.91 -16.95
C PHE B 142 -17.27 -17.75 -16.11
N TYR B 143 -16.87 -18.00 -14.87
CA TYR B 143 -16.39 -16.91 -14.01
C TYR B 143 -15.02 -16.40 -14.45
N ALA B 144 -14.15 -17.31 -14.83
CA ALA B 144 -12.83 -16.94 -15.37
C ALA B 144 -12.96 -16.01 -16.60
N GLN B 145 -13.81 -16.42 -17.53
CA GLN B 145 -14.03 -15.66 -18.74
C GLN B 145 -14.56 -14.27 -18.41
N TYR B 146 -15.42 -14.20 -17.39
CA TYR B 146 -15.96 -12.94 -16.93
C TYR B 146 -14.86 -12.04 -16.37
N ALA B 147 -13.96 -12.60 -15.58
CA ALA B 147 -12.83 -11.83 -15.05
C ALA B 147 -11.96 -11.25 -16.18
N SER B 148 -11.89 -11.98 -17.30
CA SER B 148 -10.99 -11.64 -18.40
C SER B 148 -11.41 -10.37 -19.15
N ILE B 149 -12.70 -10.01 -19.14
CA ILE B 149 -13.11 -8.76 -19.78
C ILE B 149 -12.71 -7.51 -18.99
N GLN B 150 -12.18 -7.71 -17.78
CA GLN B 150 -11.79 -6.64 -16.88
C GLN B 150 -13.00 -5.78 -16.57
N PRO B 151 -13.95 -6.31 -15.79
CA PRO B 151 -15.24 -5.66 -15.58
C PRO B 151 -15.20 -4.59 -14.50
N TRP B 152 -14.45 -3.53 -14.74
CA TRP B 152 -14.44 -2.36 -13.85
C TRP B 152 -14.11 -1.14 -14.69
N LEU B 153 -14.55 0.03 -14.23
CA LEU B 153 -14.32 1.31 -14.93
C LEU B 153 -12.84 1.62 -15.03
N GLN B 154 -12.41 2.01 -16.22
CA GLN B 154 -11.01 2.33 -16.48
C GLN B 154 -10.88 3.73 -17.08
N LYS B 155 -9.93 4.48 -16.55
CA LYS B 155 -9.69 5.89 -16.87
C LYS B 155 -8.28 6.07 -17.39
N LYS B 156 -8.13 6.86 -18.46
CA LYS B 156 -6.82 7.16 -19.03
C LYS B 156 -6.05 8.12 -18.11
N THR B 157 -6.74 9.15 -17.63
CA THR B 157 -6.17 10.11 -16.68
C THR B 157 -6.60 9.68 -15.30
N LYS B 158 -5.65 9.29 -14.45
CA LYS B 158 -5.99 8.95 -13.08
C LYS B 158 -6.88 10.06 -12.45
N ILE B 159 -7.92 9.64 -11.73
CA ILE B 159 -8.81 10.55 -11.00
C ILE B 159 -8.67 10.25 -9.51
N ASN B 160 -8.87 11.26 -8.68
CA ASN B 160 -8.83 11.05 -7.24
C ASN B 160 -10.15 10.46 -6.77
N LEU B 161 -10.08 9.22 -6.32
CA LEU B 161 -11.25 8.41 -5.97
C LEU B 161 -12.10 9.03 -4.86
N GLY B 162 -13.39 9.16 -5.13
CA GLY B 162 -14.36 9.62 -4.13
C GLY B 162 -14.62 11.12 -4.14
N GLU B 163 -13.78 11.85 -4.86
CA GLU B 163 -13.77 13.30 -4.77
C GLU B 163 -14.92 13.96 -5.53
N LYS B 164 -15.27 13.45 -6.71
CA LYS B 164 -16.41 13.97 -7.46
C LYS B 164 -17.03 12.97 -8.43
N GLN B 165 -18.34 13.12 -8.63
CA GLN B 165 -19.06 12.29 -9.56
C GLN B 165 -18.55 12.61 -10.95
N GLN B 166 -18.42 11.59 -11.79
CA GLN B 166 -18.12 11.80 -13.19
C GLN B 166 -19.43 12.14 -13.86
N TYR B 167 -19.37 12.99 -14.88
CA TYR B 167 -20.56 13.38 -15.63
C TYR B 167 -20.93 12.24 -16.57
N GLN B 168 -22.23 11.98 -16.66
CA GLN B 168 -22.81 11.12 -17.70
C GLN B 168 -24.25 11.57 -17.99
N SER B 169 -24.58 11.80 -19.26
CA SER B 169 -25.93 12.22 -19.61
C SER B 169 -26.92 11.07 -19.45
N ILE B 170 -28.20 11.42 -19.33
CA ILE B 170 -29.25 10.42 -19.30
C ILE B 170 -29.14 9.49 -20.49
N LYS B 171 -29.12 10.06 -21.69
CA LYS B 171 -29.01 9.31 -22.94
C LYS B 171 -27.83 8.33 -22.91
N GLU B 172 -26.72 8.76 -22.32
CA GLU B 172 -25.52 7.93 -22.19
C GLU B 172 -25.70 6.80 -21.18
N GLN B 173 -26.13 7.12 -19.97
CA GLN B 173 -26.42 6.04 -19.01
C GLN B 173 -27.52 5.10 -19.52
N GLU B 174 -28.51 5.63 -20.25
CA GLU B 174 -29.60 4.78 -20.77
C GLU B 174 -29.13 3.74 -21.80
N LYS B 175 -27.96 3.93 -22.37
CA LYS B 175 -27.31 2.93 -23.22
C LYS B 175 -27.01 1.64 -22.44
N LEU B 176 -26.76 1.78 -21.15
CA LEU B 176 -26.57 0.61 -20.28
C LEU B 176 -27.85 -0.16 -20.02
N ASP B 177 -29.02 0.46 -20.21
CA ASP B 177 -30.25 -0.30 -20.01
C ASP B 177 -30.29 -1.50 -20.96
N GLY B 178 -30.69 -2.64 -20.42
CA GLY B 178 -30.63 -3.92 -21.15
C GLY B 178 -29.28 -4.61 -21.13
N LEU B 179 -28.28 -3.94 -20.55
CA LEU B 179 -26.94 -4.50 -20.38
C LEU B 179 -26.61 -4.72 -18.89
N TYR B 180 -26.74 -3.68 -18.07
CA TYR B 180 -26.31 -3.78 -16.67
C TYR B 180 -27.13 -4.80 -15.85
N GLU B 181 -28.29 -5.21 -16.38
CA GLU B 181 -29.23 -6.04 -15.61
C GLU B 181 -28.82 -7.50 -15.47
N CYS B 182 -27.84 -7.92 -16.25
CA CYS B 182 -27.46 -9.32 -16.27
C CYS B 182 -27.06 -9.83 -14.88
N ILE B 183 -27.60 -11.00 -14.53
CA ILE B 183 -27.44 -11.58 -13.20
C ILE B 183 -26.42 -12.71 -13.19
N LEU B 184 -25.73 -12.91 -14.32
CA LEU B 184 -24.69 -13.92 -14.47
C LEU B 184 -25.19 -15.34 -14.22
N CYS B 185 -26.41 -15.63 -14.66
CA CYS B 185 -27.00 -16.96 -14.49
C CYS B 185 -26.44 -17.99 -15.47
N ALA B 186 -25.94 -17.50 -16.61
CA ALA B 186 -25.36 -18.33 -17.66
C ALA B 186 -26.37 -19.14 -18.45
N CYS B 187 -27.65 -18.74 -18.43
CA CYS B 187 -28.65 -19.48 -19.19
C CYS B 187 -28.38 -19.41 -20.69
N CYS B 188 -27.93 -18.23 -21.12
CA CYS B 188 -27.67 -17.94 -22.53
C CYS B 188 -26.47 -18.75 -23.05
N SER B 189 -25.34 -18.66 -22.37
CA SER B 189 -24.13 -19.38 -22.79
C SER B 189 -24.33 -20.89 -22.79
N ALA B 190 -25.14 -21.39 -21.86
CA ALA B 190 -25.46 -22.81 -21.80
C ALA B 190 -26.53 -23.22 -22.81
N SER B 191 -26.92 -22.27 -23.69
CA SER B 191 -27.92 -22.53 -24.75
C SER B 191 -27.33 -22.38 -26.16
N CYS B 192 -26.07 -21.96 -26.24
CA CYS B 192 -25.42 -21.56 -27.49
C CYS B 192 -24.52 -22.70 -27.95
N PRO B 193 -24.93 -23.40 -29.04
CA PRO B 193 -24.12 -24.51 -29.57
C PRO B 193 -22.67 -24.14 -29.85
N SER B 194 -22.47 -22.91 -30.30
CA SER B 194 -21.12 -22.44 -30.54
C SER B 194 -20.28 -22.53 -29.26
N TYR B 195 -20.90 -22.27 -28.12
CA TYR B 195 -20.21 -22.25 -26.84
C TYR B 195 -20.10 -23.68 -26.32
N TRP B 196 -21.11 -24.49 -26.61
CA TRP B 196 -21.07 -25.92 -26.34
C TRP B 196 -19.80 -26.56 -26.88
N TRP B 197 -19.49 -26.27 -28.14
CA TRP B 197 -18.32 -26.87 -28.78
C TRP B 197 -17.02 -26.17 -28.46
N ASN B 198 -17.01 -24.86 -28.27
CA ASN B 198 -15.74 -24.17 -28.05
C ASN B 198 -15.68 -23.25 -26.84
N ALA B 199 -16.37 -23.62 -25.76
CA ALA B 199 -16.37 -22.83 -24.53
C ALA B 199 -14.97 -22.38 -24.10
N ASP B 200 -13.96 -23.19 -24.38
CA ASP B 200 -12.59 -22.83 -23.99
C ASP B 200 -12.01 -21.64 -24.78
N LYS B 201 -12.54 -21.40 -25.97
CA LYS B 201 -12.02 -20.36 -26.87
C LYS B 201 -13.01 -19.22 -27.14
N TYR B 202 -14.27 -19.57 -27.32
CA TYR B 202 -15.34 -18.59 -27.53
C TYR B 202 -15.86 -18.06 -26.19
N LEU B 203 -15.91 -16.74 -26.01
CA LEU B 203 -16.29 -16.16 -24.70
C LEU B 203 -17.75 -16.43 -24.29
N GLY B 204 -18.68 -16.42 -25.25
CA GLY B 204 -20.10 -16.69 -24.98
C GLY B 204 -20.94 -15.42 -24.89
N PRO B 205 -22.27 -15.56 -25.06
CA PRO B 205 -23.19 -14.44 -25.00
C PRO B 205 -23.11 -13.64 -23.71
N ALA B 206 -23.09 -14.32 -22.56
CA ALA B 206 -23.12 -13.59 -21.27
C ALA B 206 -21.89 -12.70 -21.10
N VAL B 207 -20.70 -13.27 -21.32
CA VAL B 207 -19.45 -12.56 -21.06
C VAL B 207 -19.25 -11.44 -22.08
N LEU B 208 -19.70 -11.69 -23.31
CA LEU B 208 -19.57 -10.73 -24.39
C LEU B 208 -20.49 -9.54 -24.19
N MET B 209 -21.74 -9.80 -23.79
CA MET B 209 -22.64 -8.70 -23.46
C MET B 209 -22.05 -7.81 -22.34
N GLN B 210 -21.36 -8.41 -21.38
CA GLN B 210 -20.71 -7.60 -20.34
C GLN B 210 -19.48 -6.89 -20.89
N ALA B 211 -18.76 -7.57 -21.77
CA ALA B 211 -17.65 -6.94 -22.48
C ALA B 211 -18.14 -5.66 -23.18
N TYR B 212 -19.28 -5.78 -23.86
CA TYR B 212 -19.93 -4.66 -24.52
C TYR B 212 -20.44 -3.59 -23.54
N ARG B 213 -21.01 -4.03 -22.41
CA ARG B 213 -21.50 -3.13 -21.38
C ARG B 213 -20.40 -2.17 -20.93
N TRP B 214 -19.16 -2.67 -20.87
CA TRP B 214 -18.03 -1.84 -20.48
C TRP B 214 -17.47 -1.04 -21.67
N ILE B 215 -17.62 -1.58 -22.88
CA ILE B 215 -17.22 -0.84 -24.08
C ILE B 215 -18.09 0.41 -24.33
N ILE B 216 -19.43 0.32 -24.29
CA ILE B 216 -20.26 1.53 -24.55
C ILE B 216 -20.47 2.44 -23.35
N ASP B 217 -19.78 2.19 -22.24
CA ASP B 217 -19.92 3.09 -21.10
C ASP B 217 -19.22 4.41 -21.43
N SER B 218 -20.00 5.47 -21.60
CA SER B 218 -19.41 6.79 -21.89
C SER B 218 -18.28 7.19 -20.93
N ARG B 219 -18.23 6.63 -19.73
CA ARG B 219 -17.21 7.02 -18.74
C ARG B 219 -15.93 6.21 -18.84
N ASP B 220 -15.93 5.13 -19.62
CA ASP B 220 -14.80 4.21 -19.66
C ASP B 220 -13.93 4.55 -20.85
N ASP B 221 -12.62 4.65 -20.62
CA ASP B 221 -11.68 5.11 -21.65
C ASP B 221 -10.94 4.03 -22.42
N SER B 222 -11.19 2.75 -22.13
CA SER B 222 -10.41 1.64 -22.71
C SER B 222 -11.13 0.83 -23.79
N ALA B 223 -12.14 1.41 -24.42
CA ALA B 223 -12.88 0.69 -25.46
C ALA B 223 -11.99 -0.02 -26.48
N ALA B 224 -10.85 0.56 -26.84
CA ALA B 224 -9.93 -0.08 -27.81
C ALA B 224 -9.23 -1.34 -27.24
N GLU B 225 -8.66 -1.22 -26.04
CA GLU B 225 -8.03 -2.36 -25.39
C GLU B 225 -9.04 -3.48 -25.16
N ARG B 226 -10.26 -3.09 -24.83
CA ARG B 226 -11.36 -4.02 -24.61
C ARG B 226 -11.68 -4.85 -25.84
N LEU B 227 -11.47 -4.27 -27.03
CA LEU B 227 -11.69 -4.98 -28.29
C LEU B 227 -10.44 -5.76 -28.70
N ALA B 228 -9.26 -5.18 -28.46
CA ALA B 228 -8.00 -5.88 -28.75
C ALA B 228 -7.98 -7.25 -28.07
N ARG B 229 -8.50 -7.32 -26.85
CA ARG B 229 -8.64 -8.57 -26.09
C ARG B 229 -9.43 -9.64 -26.83
N MET B 230 -10.37 -9.25 -27.67
CA MET B 230 -11.19 -10.23 -28.36
C MET B 230 -11.20 -10.01 -29.90
N GLN B 231 -9.99 -9.85 -30.46
CA GLN B 231 -9.77 -9.68 -31.91
C GLN B 231 -9.64 -10.98 -32.70
N ASP B 232 -9.31 -12.07 -32.04
CA ASP B 232 -8.93 -13.31 -32.73
C ASP B 232 -10.13 -13.99 -33.39
N GLY B 233 -9.92 -15.11 -34.05
CA GLY B 233 -11.01 -15.78 -34.74
C GLY B 233 -12.10 -16.42 -33.89
N PHE B 234 -11.89 -16.54 -32.58
CA PHE B 234 -12.80 -17.30 -31.71
C PHE B 234 -13.54 -16.47 -30.66
N SER B 235 -12.80 -15.62 -29.95
CA SER B 235 -13.31 -14.91 -28.77
C SER B 235 -14.73 -14.39 -28.91
N ALA B 236 -14.97 -13.58 -29.93
CA ALA B 236 -16.30 -13.08 -30.24
C ALA B 236 -16.83 -13.63 -31.55
N PHE B 237 -15.96 -13.74 -32.57
CA PHE B 237 -16.39 -14.06 -33.94
C PHE B 237 -16.87 -15.50 -34.16
N LYS B 238 -16.75 -16.37 -33.16
CA LYS B 238 -17.41 -17.67 -33.26
C LYS B 238 -18.91 -17.59 -33.00
N CYS B 239 -19.46 -16.37 -32.93
CA CYS B 239 -20.91 -16.23 -32.89
C CYS B 239 -21.57 -16.50 -34.25
N HIS B 240 -22.28 -17.62 -34.36
CA HIS B 240 -22.96 -17.98 -35.59
C HIS B 240 -24.41 -17.50 -35.68
N THR B 241 -24.76 -16.46 -34.92
CA THR B 241 -26.08 -15.86 -34.91
C THR B 241 -27.20 -16.92 -34.84
N ILE B 242 -27.07 -17.82 -33.85
CA ILE B 242 -28.08 -18.84 -33.63
C ILE B 242 -29.31 -18.22 -32.98
N MET B 243 -29.11 -17.17 -32.18
CA MET B 243 -30.20 -16.47 -31.48
C MET B 243 -30.84 -17.21 -30.30
N ASN B 244 -30.25 -18.32 -29.87
CA ASN B 244 -30.74 -19.02 -28.68
C ASN B 244 -30.58 -18.20 -27.43
N CYS B 245 -29.45 -17.51 -27.32
CA CYS B 245 -29.14 -16.70 -26.13
C CYS B 245 -30.28 -15.76 -25.82
N THR B 246 -30.72 -15.01 -26.82
CA THR B 246 -31.79 -14.06 -26.64
C THR B 246 -33.14 -14.75 -26.42
N LYS B 247 -33.42 -15.79 -27.18
CA LYS B 247 -34.64 -16.57 -26.94
C LYS B 247 -34.77 -17.02 -25.48
N THR B 248 -33.66 -17.48 -24.86
CA THR B 248 -33.72 -18.16 -23.56
C THR B 248 -33.51 -17.27 -22.33
N CYS B 249 -33.03 -16.05 -22.52
CA CYS B 249 -32.65 -15.24 -21.37
C CYS B 249 -33.85 -14.94 -20.47
N PRO B 250 -33.83 -15.43 -19.23
CA PRO B 250 -34.96 -15.22 -18.33
C PRO B 250 -35.16 -13.77 -17.85
N LYS B 251 -34.23 -12.87 -18.13
CA LYS B 251 -34.46 -11.44 -17.83
C LYS B 251 -34.74 -10.62 -19.07
N HIS B 252 -35.13 -11.27 -20.17
CA HIS B 252 -35.54 -10.56 -21.39
C HIS B 252 -34.47 -9.58 -21.91
N LEU B 253 -33.22 -10.03 -21.94
CA LEU B 253 -32.13 -9.22 -22.48
C LEU B 253 -31.72 -9.76 -23.84
N ASN B 254 -30.79 -9.06 -24.49
CA ASN B 254 -30.44 -9.40 -25.88
C ASN B 254 -28.92 -9.43 -26.14
N PRO B 255 -28.26 -10.50 -25.70
CA PRO B 255 -26.82 -10.63 -25.90
C PRO B 255 -26.44 -10.70 -27.37
N ALA B 256 -27.36 -11.16 -28.22
CA ALA B 256 -27.10 -11.19 -29.66
C ALA B 256 -26.89 -9.78 -30.22
N ARG B 257 -27.77 -8.85 -29.90
CA ARG B 257 -27.63 -7.46 -30.34
C ARG B 257 -26.25 -6.93 -29.97
N ALA B 258 -25.79 -7.26 -28.78
CA ALA B 258 -24.53 -6.74 -28.27
C ALA B 258 -23.37 -7.34 -29.00
N ILE B 259 -23.52 -8.57 -29.46
CA ILE B 259 -22.45 -9.27 -30.17
C ILE B 259 -22.36 -8.70 -31.58
N GLY B 260 -23.50 -8.56 -32.25
CA GLY B 260 -23.54 -7.80 -33.51
C GLY B 260 -22.87 -6.44 -33.34
N GLU B 261 -23.29 -5.74 -32.30
CA GLU B 261 -22.67 -4.48 -31.95
C GLU B 261 -21.14 -4.65 -31.87
N ILE B 262 -20.65 -5.70 -31.22
CA ILE B 262 -19.20 -5.92 -31.09
C ILE B 262 -18.56 -6.28 -32.42
N LYS B 263 -19.21 -7.14 -33.19
CA LYS B 263 -18.75 -7.45 -34.54
C LYS B 263 -18.55 -6.19 -35.38
N MET B 264 -19.51 -5.26 -35.31
CA MET B 264 -19.36 -3.96 -35.97
C MET B 264 -18.11 -3.21 -35.48
N LEU B 265 -17.84 -3.26 -34.19
CA LEU B 265 -16.69 -2.54 -33.64
C LEU B 265 -15.38 -3.16 -34.08
N LEU B 266 -15.25 -4.47 -33.89
CA LEU B 266 -14.06 -5.21 -34.35
C LEU B 266 -13.76 -4.98 -35.84
N THR B 267 -14.79 -4.98 -36.67
CA THR B 267 -14.63 -4.74 -38.11
C THR B 267 -14.56 -3.25 -38.49
N LYS B 268 -14.53 -2.35 -37.50
CA LYS B 268 -14.47 -0.92 -37.77
C LYS B 268 -15.62 -0.34 -38.61
N MET B 269 -16.73 -1.08 -38.75
CA MET B 269 -17.92 -0.55 -39.43
C MET B 269 -18.52 0.60 -38.62
N LYS B 270 -18.55 0.43 -37.30
CA LYS B 270 -18.95 1.48 -36.38
C LYS B 270 -17.79 1.85 -35.47
N THR B 271 -17.97 2.96 -34.75
CA THR B 271 -17.02 3.40 -33.73
C THR B 271 -17.77 3.90 -32.49
N LYS B 272 -17.15 3.76 -31.33
CA LYS B 272 -17.73 4.24 -30.09
C LYS B 272 -17.69 5.76 -30.09
N PRO B 273 -18.85 6.42 -29.92
CA PRO B 273 -18.87 7.86 -29.76
C PRO B 273 -17.95 8.37 -28.67
N ALA B 274 -17.50 9.60 -28.80
CA ALA B 274 -16.76 10.26 -27.73
C ALA B 274 -17.74 10.51 -26.62
N PRO B 275 -17.24 10.64 -25.38
CA PRO B 275 -18.11 11.08 -24.30
C PRO B 275 -18.61 12.51 -24.52
N LEU B 276 -19.89 12.76 -24.27
CA LEU B 276 -20.37 14.13 -24.25
C LEU B 276 -19.57 14.92 -23.22
N PRO B 277 -19.23 16.18 -23.55
CA PRO B 277 -18.35 16.94 -22.67
C PRO B 277 -19.07 17.30 -21.38
N THR B 278 -18.35 17.29 -20.28
CA THR B 278 -18.93 17.62 -19.00
C THR B 278 -19.34 19.11 -18.99
N PRO B 279 -20.52 19.45 -18.40
CA PRO B 279 -20.96 20.85 -18.43
C PRO B 279 -20.15 21.77 -17.54
N ALA B 280 -20.20 23.06 -17.88
CA ALA B 280 -19.35 24.10 -17.29
C ALA B 280 -19.48 24.25 -15.78
N ASN B 281 -20.73 24.27 -15.30
CA ASN B 281 -21.00 24.47 -13.87
C ASN B 281 -21.44 23.17 -13.19
N PHE B 282 -20.89 22.06 -13.69
CA PHE B 282 -21.08 20.72 -13.12
C PHE B 282 -20.08 20.55 -11.99
N GLU C 34 -1.82 -19.46 -31.57
CA GLU C 34 -1.48 -18.42 -30.56
C GLU C 34 -2.74 -17.95 -29.85
N LYS C 35 -2.86 -18.31 -28.57
CA LYS C 35 -4.07 -18.14 -27.78
C LYS C 35 -3.99 -16.94 -26.86
N THR C 36 -5.15 -16.41 -26.48
CA THR C 36 -5.22 -15.39 -25.43
C THR C 36 -5.03 -16.07 -24.09
N PRO C 37 -4.60 -15.33 -23.07
CA PRO C 37 -4.40 -15.97 -21.76
C PRO C 37 -5.61 -16.77 -21.24
N ILE C 38 -6.83 -16.22 -21.33
CA ILE C 38 -8.05 -16.97 -20.96
C ILE C 38 -8.25 -18.23 -21.84
N GLN C 39 -7.85 -18.15 -23.09
CA GLN C 39 -7.92 -19.33 -23.95
C GLN C 39 -6.97 -20.44 -23.47
N VAL C 40 -5.82 -20.07 -22.93
CA VAL C 40 -4.91 -21.06 -22.35
C VAL C 40 -5.58 -21.67 -21.12
N TRP C 41 -5.89 -20.80 -20.16
CA TRP C 41 -6.62 -21.15 -18.95
C TRP C 41 -7.82 -22.04 -19.28
N GLY C 42 -8.58 -21.60 -20.29
CA GLY C 42 -9.72 -22.37 -20.77
C GLY C 42 -9.35 -23.81 -21.09
N TRP C 43 -8.23 -23.99 -21.78
CA TRP C 43 -7.76 -25.32 -22.13
C TRP C 43 -7.41 -26.14 -20.89
N ASP C 44 -6.66 -25.55 -19.97
CA ASP C 44 -6.32 -26.26 -18.73
C ASP C 44 -7.57 -26.63 -17.92
N TYR C 45 -8.59 -25.76 -17.93
CA TYR C 45 -9.86 -26.07 -17.26
C TYR C 45 -10.45 -27.37 -17.84
N LEU C 46 -10.45 -27.49 -19.17
CA LEU C 46 -11.03 -28.67 -19.79
C LEU C 46 -10.31 -29.94 -19.37
N MET C 47 -8.98 -29.87 -19.28
CA MET C 47 -8.19 -31.02 -18.89
C MET C 47 -8.43 -31.36 -17.43
N ARG C 48 -8.42 -30.34 -16.59
CA ARG C 48 -8.83 -30.51 -15.20
C ARG C 48 -10.18 -31.26 -15.11
N GLN C 49 -11.16 -30.92 -15.95
CA GLN C 49 -12.50 -31.54 -15.82
C GLN C 49 -12.55 -32.99 -16.30
N ARG C 50 -11.83 -33.28 -17.38
CA ARG C 50 -11.66 -34.64 -17.89
C ARG C 50 -10.98 -35.53 -16.84
N ALA C 51 -9.90 -35.04 -16.25
CA ALA C 51 -9.21 -35.72 -15.17
C ALA C 51 -10.16 -36.15 -14.02
N LEU C 52 -11.10 -35.28 -13.64
CA LEU C 52 -12.08 -35.61 -12.61
C LEU C 52 -13.19 -36.53 -13.14
N LYS C 53 -13.09 -36.97 -14.40
CA LYS C 53 -14.13 -37.78 -15.02
C LYS C 53 -15.52 -37.31 -14.59
N ARG C 54 -15.77 -36.01 -14.68
CA ARG C 54 -17.11 -35.47 -14.47
C ARG C 54 -17.90 -35.63 -15.76
N PRO C 55 -19.18 -35.97 -15.67
CA PRO C 55 -19.94 -36.10 -16.91
C PRO C 55 -20.21 -34.73 -17.51
N ILE C 56 -20.68 -34.73 -18.77
CA ILE C 56 -21.09 -33.50 -19.42
C ILE C 56 -22.61 -33.51 -19.49
N ALA C 57 -23.20 -32.41 -19.08
CA ALA C 57 -24.64 -32.35 -19.02
C ALA C 57 -25.15 -32.43 -20.45
N PRO C 58 -26.18 -33.26 -20.68
CA PRO C 58 -26.74 -33.40 -22.01
C PRO C 58 -27.27 -32.08 -22.59
N HIS C 59 -27.41 -32.04 -23.91
CA HIS C 59 -27.64 -30.80 -24.63
C HIS C 59 -28.49 -31.05 -25.88
N LEU C 60 -27.88 -31.59 -26.93
CA LEU C 60 -28.57 -31.83 -28.20
C LEU C 60 -29.85 -32.63 -27.99
N THR C 61 -29.71 -33.74 -27.26
CA THR C 61 -30.80 -34.70 -27.07
C THR C 61 -31.95 -34.15 -26.24
N ILE C 62 -31.71 -33.09 -25.46
CA ILE C 62 -32.71 -32.54 -24.51
C ILE C 62 -33.15 -31.10 -24.75
N TYR C 63 -32.40 -30.32 -25.54
CA TYR C 63 -32.81 -28.93 -25.75
C TYR C 63 -34.05 -28.89 -26.63
N LYS C 64 -35.02 -28.06 -26.24
CA LYS C 64 -36.27 -27.90 -26.97
C LYS C 64 -36.01 -27.42 -28.40
N PRO C 65 -36.70 -28.03 -29.39
CA PRO C 65 -36.59 -27.50 -30.75
C PRO C 65 -37.25 -26.13 -30.84
N GLN C 66 -36.56 -25.18 -31.47
CA GLN C 66 -37.09 -23.82 -31.59
C GLN C 66 -36.68 -23.22 -32.90
N MET C 67 -37.36 -22.17 -33.32
CA MET C 67 -37.14 -21.55 -34.62
C MET C 67 -35.82 -20.77 -34.75
N THR C 68 -35.02 -20.78 -33.70
CA THR C 68 -33.75 -20.08 -33.72
C THR C 68 -32.63 -21.00 -34.17
N TRP C 69 -32.44 -22.11 -33.44
CA TRP C 69 -31.37 -23.05 -33.75
C TRP C 69 -31.75 -24.09 -34.81
N MET C 70 -33.04 -24.34 -35.02
CA MET C 70 -33.49 -25.20 -36.12
C MET C 70 -33.17 -24.55 -37.45
N VAL C 71 -33.43 -23.26 -37.55
CA VAL C 71 -33.18 -22.49 -38.76
C VAL C 71 -31.70 -22.15 -38.94
N SER C 72 -30.93 -22.17 -37.85
CA SER C 72 -29.47 -22.14 -37.93
C SER C 72 -28.96 -23.52 -38.39
N GLY C 73 -29.55 -24.57 -37.82
CA GLY C 73 -29.21 -25.92 -38.20
C GLY C 73 -29.34 -26.10 -39.69
N LEU C 74 -30.50 -25.70 -40.20
CA LEU C 74 -30.82 -25.85 -41.61
C LEU C 74 -29.90 -25.01 -42.49
N HIS C 75 -29.44 -23.87 -41.97
CA HIS C 75 -28.51 -23.05 -42.74
C HIS C 75 -27.18 -23.75 -42.94
N ARG C 76 -26.75 -24.51 -41.94
CA ARG C 76 -25.50 -25.23 -42.00
C ARG C 76 -25.67 -26.51 -42.83
N VAL C 77 -26.71 -27.29 -42.55
CA VAL C 77 -27.00 -28.49 -43.34
C VAL C 77 -27.04 -28.17 -44.84
N THR C 78 -27.84 -27.18 -45.21
CA THR C 78 -27.90 -26.72 -46.60
C THR C 78 -26.52 -26.27 -47.13
N GLY C 79 -25.86 -25.34 -46.46
CA GLY C 79 -24.52 -24.92 -46.88
C GLY C 79 -23.64 -26.12 -47.15
N CYS C 80 -23.61 -27.05 -46.21
CA CYS C 80 -22.73 -28.23 -46.27
C CYS C 80 -23.21 -29.24 -47.30
N ALA C 81 -24.52 -29.47 -47.36
CA ALA C 81 -25.10 -30.36 -48.36
C ALA C 81 -24.76 -29.92 -49.79
N MET C 82 -24.86 -28.62 -50.06
CA MET C 82 -24.61 -28.09 -51.39
C MET C 82 -23.14 -28.17 -51.74
N ALA C 83 -22.28 -27.93 -50.75
CA ALA C 83 -20.83 -28.06 -50.91
C ALA C 83 -20.46 -29.53 -51.12
N GLY C 84 -21.08 -30.42 -50.34
CA GLY C 84 -20.86 -31.85 -50.48
C GLY C 84 -21.17 -32.31 -51.89
N THR C 85 -22.29 -31.80 -52.42
CA THR C 85 -22.75 -32.14 -53.76
C THR C 85 -21.75 -31.64 -54.81
N LEU C 86 -21.35 -30.40 -54.70
CA LEU C 86 -20.38 -29.83 -55.66
C LEU C 86 -19.02 -30.54 -55.64
N LEU C 87 -18.70 -31.24 -54.56
CA LEU C 87 -17.47 -32.02 -54.52
C LEU C 87 -17.72 -33.37 -55.18
N ILE C 88 -18.77 -34.06 -54.75
CA ILE C 88 -19.09 -35.39 -55.27
C ILE C 88 -19.53 -35.33 -56.73
N GLY C 89 -20.03 -34.18 -57.17
CA GLY C 89 -20.34 -33.93 -58.57
C GLY C 89 -19.09 -33.64 -59.38
N GLY C 90 -18.27 -32.71 -58.90
CA GLY C 90 -17.09 -32.25 -59.63
C GLY C 90 -16.02 -33.32 -59.71
N VAL C 91 -15.56 -33.79 -58.56
CA VAL C 91 -14.59 -34.88 -58.49
C VAL C 91 -15.20 -36.19 -59.01
N GLY C 92 -16.45 -36.46 -58.67
CA GLY C 92 -17.09 -37.71 -59.09
C GLY C 92 -17.06 -37.96 -60.59
N PHE C 93 -17.57 -37.01 -61.36
CA PHE C 93 -17.65 -37.16 -62.82
C PHE C 93 -16.27 -37.09 -63.51
N SER C 94 -15.29 -36.44 -62.87
CA SER C 94 -13.97 -36.33 -63.46
C SER C 94 -13.17 -37.61 -63.26
N VAL C 95 -13.32 -38.20 -62.09
CA VAL C 95 -12.65 -39.44 -61.74
C VAL C 95 -13.30 -40.64 -62.47
N LEU C 96 -14.62 -40.60 -62.68
CA LEU C 96 -15.34 -41.72 -63.29
C LEU C 96 -15.45 -41.59 -64.82
N PRO C 97 -15.47 -42.74 -65.54
CA PRO C 97 -15.61 -42.71 -67.01
C PRO C 97 -16.89 -42.02 -67.44
N LEU C 98 -17.93 -42.19 -66.63
CA LEU C 98 -19.22 -41.52 -66.80
C LEU C 98 -19.06 -40.00 -66.99
N ASP C 99 -19.99 -39.41 -67.74
CA ASP C 99 -20.09 -37.94 -67.88
C ASP C 99 -21.54 -37.51 -67.59
N PHE C 100 -21.74 -36.21 -67.41
CA PHE C 100 -23.05 -35.72 -66.93
C PHE C 100 -24.18 -36.08 -67.89
N THR C 101 -23.88 -36.02 -69.19
CA THR C 101 -24.90 -36.21 -70.22
C THR C 101 -25.48 -37.62 -70.21
N THR C 102 -24.66 -38.66 -70.04
CA THR C 102 -25.21 -40.02 -70.00
C THR C 102 -25.90 -40.27 -68.66
N PHE C 103 -25.49 -39.54 -67.62
CA PHE C 103 -26.18 -39.59 -66.31
C PHE C 103 -27.60 -39.05 -66.39
N VAL C 104 -27.79 -37.92 -67.07
CA VAL C 104 -29.13 -37.34 -67.24
C VAL C 104 -30.03 -38.25 -68.08
N GLU C 105 -29.52 -38.72 -69.22
CA GLU C 105 -30.28 -39.60 -70.11
C GLU C 105 -30.54 -40.96 -69.47
N PHE C 106 -29.64 -41.41 -68.62
CA PHE C 106 -29.86 -42.59 -67.80
C PHE C 106 -31.12 -42.43 -66.94
N ILE C 107 -31.22 -41.34 -66.18
CA ILE C 107 -32.39 -41.14 -65.31
C ILE C 107 -33.64 -40.87 -66.18
N ARG C 108 -33.49 -40.11 -67.25
CA ARG C 108 -34.60 -39.89 -68.21
C ARG C 108 -35.17 -41.23 -68.67
N GLY C 109 -34.28 -42.17 -68.97
CA GLY C 109 -34.64 -43.53 -69.37
C GLY C 109 -35.40 -44.32 -68.33
N LEU C 110 -35.11 -44.07 -67.05
CA LEU C 110 -35.89 -44.67 -65.96
C LEU C 110 -37.36 -44.27 -66.07
N GLY C 111 -37.64 -43.18 -66.80
CA GLY C 111 -39.00 -42.77 -67.13
C GLY C 111 -39.91 -42.48 -65.95
N ILE C 112 -39.33 -42.00 -64.84
CA ILE C 112 -40.06 -41.88 -63.57
C ILE C 112 -41.15 -40.81 -63.63
N PRO C 113 -42.27 -41.04 -62.91
CA PRO C 113 -43.45 -40.18 -62.91
C PRO C 113 -43.09 -38.69 -62.87
N TRP C 114 -43.72 -37.92 -63.75
CA TRP C 114 -43.42 -36.50 -63.91
C TRP C 114 -43.63 -35.68 -62.63
N VAL C 115 -44.59 -36.13 -61.82
CA VAL C 115 -44.90 -35.50 -60.53
C VAL C 115 -43.67 -35.54 -59.62
N ILE C 116 -43.07 -36.73 -59.49
CA ILE C 116 -41.86 -36.91 -58.69
C ILE C 116 -40.67 -36.07 -59.20
N LEU C 117 -40.43 -36.10 -60.51
CA LEU C 117 -39.30 -35.40 -61.13
C LEU C 117 -39.17 -33.94 -60.68
N ASP C 118 -40.30 -33.24 -60.66
CA ASP C 118 -40.34 -31.85 -60.22
C ASP C 118 -40.13 -31.70 -58.70
N THR C 119 -40.46 -32.74 -57.93
CA THR C 119 -40.21 -32.74 -56.50
C THR C 119 -38.72 -32.81 -56.22
N PHE C 120 -38.00 -33.63 -56.98
CA PHE C 120 -36.55 -33.64 -56.89
C PHE C 120 -36.00 -32.24 -57.21
N LYS C 121 -36.59 -31.57 -58.19
CA LYS C 121 -36.18 -30.19 -58.53
C LYS C 121 -36.51 -29.18 -57.44
N PHE C 122 -37.49 -29.48 -56.59
CA PHE C 122 -37.80 -28.64 -55.42
C PHE C 122 -36.75 -28.87 -54.34
N ILE C 123 -36.48 -30.14 -54.05
CA ILE C 123 -35.49 -30.55 -53.05
C ILE C 123 -34.10 -29.96 -53.38
N ILE C 124 -33.84 -29.72 -54.66
CA ILE C 124 -32.59 -29.13 -55.14
C ILE C 124 -32.57 -27.58 -55.07
N ALA C 125 -33.73 -26.95 -55.19
CA ALA C 125 -33.82 -25.48 -55.24
C ALA C 125 -33.96 -24.86 -53.86
N PHE C 126 -34.77 -25.48 -53.01
CA PHE C 126 -34.97 -25.01 -51.63
C PHE C 126 -33.66 -24.60 -50.95
N PRO C 127 -32.66 -25.51 -50.91
CA PRO C 127 -31.42 -25.19 -50.23
C PRO C 127 -30.76 -23.93 -50.76
N ILE C 128 -30.84 -23.72 -52.07
CA ILE C 128 -30.17 -22.57 -52.66
C ILE C 128 -30.95 -21.30 -52.31
N ALA C 129 -32.27 -21.37 -52.42
CA ALA C 129 -33.13 -20.24 -52.06
C ALA C 129 -33.03 -19.95 -50.57
N PHE C 130 -33.40 -20.94 -49.75
CA PHE C 130 -33.41 -20.77 -48.31
C PHE C 130 -32.09 -20.23 -47.80
N HIS C 131 -31.02 -20.96 -48.08
CA HIS C 131 -29.70 -20.59 -47.59
C HIS C 131 -29.31 -19.19 -48.04
N THR C 132 -29.73 -18.78 -49.24
CA THR C 132 -29.35 -17.45 -49.77
C THR C 132 -30.10 -16.35 -49.02
N LEU C 133 -31.41 -16.51 -48.91
CA LEU C 133 -32.26 -15.59 -48.17
C LEU C 133 -31.80 -15.51 -46.71
N ASN C 134 -31.75 -16.65 -46.03
CA ASN C 134 -31.32 -16.69 -44.64
C ASN C 134 -29.90 -16.14 -44.46
N GLY C 135 -29.06 -16.37 -45.44
CA GLY C 135 -27.75 -15.74 -45.47
C GLY C 135 -27.81 -14.22 -45.39
N ILE C 136 -28.82 -13.60 -46.02
CA ILE C 136 -28.96 -12.12 -45.90
C ILE C 136 -29.44 -11.79 -44.46
N ARG C 137 -30.38 -12.59 -43.96
CA ARG C 137 -30.87 -12.46 -42.60
C ARG C 137 -29.69 -12.46 -41.62
N PHE C 138 -28.89 -13.52 -41.70
CA PHE C 138 -27.80 -13.77 -40.77
C PHE C 138 -26.77 -12.67 -40.85
N ILE C 139 -26.50 -12.19 -42.05
CA ILE C 139 -25.66 -11.01 -42.23
C ILE C 139 -26.27 -9.82 -41.46
N GLY C 140 -27.60 -9.68 -41.53
CA GLY C 140 -28.29 -8.70 -40.69
C GLY C 140 -27.93 -8.89 -39.24
N PHE C 141 -28.13 -10.12 -38.75
CA PHE C 141 -27.78 -10.44 -37.37
C PHE C 141 -26.36 -9.97 -37.00
N ASP C 142 -25.40 -10.16 -37.90
CA ASP C 142 -24.01 -9.72 -37.66
C ASP C 142 -23.90 -8.21 -37.52
N MET C 143 -24.82 -7.48 -38.14
CA MET C 143 -24.85 -6.03 -38.02
C MET C 143 -25.80 -5.55 -36.90
N ALA C 144 -26.21 -6.46 -36.03
CA ALA C 144 -27.10 -6.13 -34.91
C ALA C 144 -28.48 -5.68 -35.37
N LYS C 145 -28.84 -6.03 -36.61
CA LYS C 145 -30.14 -5.70 -37.19
C LYS C 145 -31.13 -6.87 -37.03
N GLY C 146 -32.29 -6.59 -36.45
CA GLY C 146 -33.39 -7.55 -36.39
C GLY C 146 -33.30 -8.58 -35.28
N THR C 147 -32.51 -8.27 -34.25
CA THR C 147 -32.23 -9.20 -33.14
C THR C 147 -33.31 -9.33 -32.04
N ASP C 148 -34.31 -8.45 -32.01
CA ASP C 148 -35.41 -8.61 -31.06
C ASP C 148 -36.17 -9.89 -31.40
N ILE C 149 -36.70 -10.57 -30.38
CA ILE C 149 -37.37 -11.86 -30.55
C ILE C 149 -38.47 -11.88 -31.61
N PRO C 150 -39.32 -10.84 -31.66
CA PRO C 150 -40.33 -10.90 -32.71
C PRO C 150 -39.76 -10.70 -34.13
N SER C 151 -38.76 -9.82 -34.31
CA SER C 151 -38.11 -9.69 -35.64
C SER C 151 -37.49 -11.02 -36.07
N ILE C 152 -36.77 -11.66 -35.14
CA ILE C 152 -36.20 -12.98 -35.33
C ILE C 152 -37.21 -13.97 -35.87
N TYR C 153 -38.36 -14.07 -35.21
CA TYR C 153 -39.40 -15.05 -35.59
C TYR C 153 -40.15 -14.67 -36.89
N ARG C 154 -40.40 -13.38 -37.08
CA ARG C 154 -40.93 -12.89 -38.35
C ARG C 154 -39.97 -13.22 -39.49
N GLY C 155 -38.69 -12.95 -39.27
CA GLY C 155 -37.64 -13.24 -40.23
C GLY C 155 -37.52 -14.71 -40.58
N ALA C 156 -37.67 -15.59 -39.60
CA ALA C 156 -37.51 -17.03 -39.87
C ALA C 156 -38.62 -17.57 -40.75
N TYR C 157 -39.85 -17.11 -40.50
CA TYR C 157 -41.00 -17.54 -41.30
C TYR C 157 -40.90 -16.98 -42.72
N LEU C 158 -40.53 -15.71 -42.84
CA LEU C 158 -40.42 -15.06 -44.15
C LEU C 158 -39.42 -15.80 -45.03
N VAL C 159 -38.24 -16.01 -44.48
CA VAL C 159 -37.17 -16.73 -45.15
C VAL C 159 -37.59 -18.15 -45.54
N LEU C 160 -38.18 -18.90 -44.60
CA LEU C 160 -38.71 -20.25 -44.90
C LEU C 160 -39.78 -20.22 -45.98
N GLY C 161 -40.70 -19.25 -45.84
CA GLY C 161 -41.80 -19.06 -46.78
C GLY C 161 -41.41 -18.58 -48.17
N LEU C 162 -40.65 -17.49 -48.26
CA LEU C 162 -40.13 -17.02 -49.54
C LEU C 162 -39.37 -18.13 -50.28
N ALA C 163 -38.56 -18.88 -49.55
CA ALA C 163 -37.79 -19.99 -50.11
C ALA C 163 -38.70 -21.13 -50.58
N ALA C 164 -39.79 -21.36 -49.84
CA ALA C 164 -40.82 -22.31 -50.30
C ALA C 164 -41.45 -21.82 -51.61
N LEU C 165 -41.77 -20.52 -51.68
CA LEU C 165 -42.34 -19.89 -52.88
C LEU C 165 -41.37 -19.90 -54.07
N ILE C 166 -40.17 -19.34 -53.86
CA ILE C 166 -39.18 -19.22 -54.94
C ILE C 166 -38.80 -20.57 -55.54
N SER C 167 -38.63 -21.58 -54.68
CA SER C 167 -38.30 -22.93 -55.15
C SER C 167 -39.45 -23.54 -55.94
N LEU C 168 -40.67 -23.40 -55.42
CA LEU C 168 -41.86 -23.94 -56.08
C LEU C 168 -42.10 -23.23 -57.42
N ALA C 169 -41.93 -21.92 -57.44
CA ALA C 169 -42.16 -21.10 -58.64
C ALA C 169 -41.20 -21.46 -59.77
N VAL C 170 -39.94 -21.69 -59.40
CA VAL C 170 -38.87 -21.96 -60.37
C VAL C 170 -38.99 -23.37 -60.98
N VAL C 171 -39.81 -24.21 -60.36
CA VAL C 171 -40.10 -25.56 -60.85
C VAL C 171 -41.43 -25.60 -61.61
N VAL C 172 -42.47 -25.01 -60.99
CA VAL C 172 -43.81 -24.94 -61.59
C VAL C 172 -43.80 -24.14 -62.89
N TYR C 173 -42.99 -23.09 -62.97
CA TYR C 173 -43.03 -22.19 -64.13
C TYR C 173 -42.60 -22.85 -65.46
N PRO C 174 -41.42 -23.51 -65.53
CA PRO C 174 -41.04 -24.29 -66.73
C PRO C 174 -42.05 -25.35 -67.17
N ARG C 175 -42.62 -26.08 -66.22
CA ARG C 175 -43.65 -27.07 -66.53
C ARG C 175 -44.86 -26.38 -67.10
N TRP C 176 -45.39 -25.41 -66.37
CA TRP C 176 -46.49 -24.55 -66.81
C TRP C 176 -46.27 -24.07 -68.23
N GLU C 177 -45.04 -23.70 -68.57
CA GLU C 177 -44.70 -23.22 -69.91
C GLU C 177 -44.47 -24.35 -70.93
N ARG C 178 -44.16 -25.57 -70.47
CA ARG C 178 -44.11 -26.73 -71.37
C ARG C 178 -45.50 -27.17 -71.77
N HIS C 179 -46.37 -27.29 -70.79
CA HIS C 179 -47.78 -27.61 -71.01
C HIS C 179 -48.44 -26.61 -71.99
N LYS C 180 -48.03 -25.34 -71.92
CA LYS C 180 -48.47 -24.32 -72.89
C LYS C 180 -47.92 -24.54 -74.30
N LYS C 181 -46.68 -25.03 -74.40
CA LYS C 181 -46.12 -25.35 -75.72
C LYS C 181 -46.80 -26.58 -76.33
N ALA C 182 -47.08 -27.58 -75.51
CA ALA C 182 -47.71 -28.81 -75.96
C ALA C 182 -49.18 -28.63 -76.39
N THR C 183 -49.86 -27.65 -75.82
CA THR C 183 -51.32 -27.59 -75.92
C THR C 183 -51.96 -26.28 -76.40
N LEU C 184 -51.16 -25.29 -76.81
CA LEU C 184 -51.72 -23.99 -77.25
C LEU C 184 -51.27 -23.58 -78.66
N PRO C 185 -52.20 -22.96 -79.44
CA PRO C 185 -52.09 -22.57 -80.85
C PRO C 185 -50.68 -22.35 -81.46
N THR C 186 -50.05 -21.20 -81.20
CA THR C 186 -48.83 -20.82 -81.94
C THR C 186 -47.62 -21.59 -81.43
N THR D 28 -8.95 -35.85 12.04
CA THR D 28 -8.20 -34.92 12.93
C THR D 28 -7.18 -34.08 12.16
N SER D 29 -6.59 -33.12 12.86
CA SER D 29 -5.67 -32.16 12.26
C SER D 29 -4.20 -32.65 12.20
N ALA D 30 -4.02 -33.87 11.69
CA ALA D 30 -2.73 -34.30 11.11
C ALA D 30 -2.82 -34.03 9.59
N ALA D 31 -2.46 -32.80 9.21
CA ALA D 31 -2.95 -32.12 8.01
C ALA D 31 -1.84 -31.63 7.08
N VAL D 32 -2.23 -31.24 5.87
CA VAL D 32 -1.30 -30.91 4.76
C VAL D 32 -1.38 -29.42 4.38
N THR D 33 -0.33 -28.86 3.76
CA THR D 33 -0.39 -27.46 3.29
C THR D 33 -1.14 -27.35 1.94
N GLY D 34 -1.83 -26.22 1.77
CA GLY D 34 -2.79 -26.03 0.69
C GLY D 34 -2.33 -25.07 -0.38
N ALA D 35 -3.09 -25.04 -1.47
CA ALA D 35 -2.77 -24.23 -2.63
C ALA D 35 -3.95 -23.31 -2.95
N ALA D 36 -3.66 -22.07 -3.35
CA ALA D 36 -4.67 -21.16 -3.88
C ALA D 36 -5.44 -21.89 -4.98
N PRO D 37 -6.77 -21.73 -5.02
CA PRO D 37 -7.55 -22.41 -6.07
C PRO D 37 -7.18 -21.94 -7.48
N PRO D 38 -7.52 -22.74 -8.50
CA PRO D 38 -7.27 -22.25 -9.84
C PRO D 38 -8.17 -21.04 -10.14
N GLN D 39 -7.57 -19.98 -10.65
CA GLN D 39 -8.25 -18.70 -10.70
C GLN D 39 -7.57 -17.76 -11.67
N PHE D 40 -8.32 -17.35 -12.69
CA PHE D 40 -7.80 -16.43 -13.71
C PHE D 40 -7.56 -15.06 -13.13
N ASP D 41 -6.30 -14.64 -13.08
CA ASP D 41 -5.95 -13.31 -12.60
C ASP D 41 -5.75 -12.40 -13.80
N PRO D 42 -6.75 -11.55 -14.11
CA PRO D 42 -6.74 -10.77 -15.34
C PRO D 42 -5.71 -9.64 -15.39
N ILE D 43 -5.21 -9.19 -14.24
CA ILE D 43 -4.05 -8.27 -14.21
C ILE D 43 -2.78 -9.05 -14.61
N ALA D 44 -2.51 -10.14 -13.90
CA ALA D 44 -1.37 -11.00 -14.24
C ALA D 44 -1.36 -11.32 -15.73
N ALA D 45 -2.50 -11.81 -16.24
CA ALA D 45 -2.65 -12.18 -17.64
C ALA D 45 -2.27 -11.04 -18.61
N GLU D 46 -2.61 -9.81 -18.24
CA GLU D 46 -2.37 -8.63 -19.07
C GLU D 46 -0.89 -8.47 -19.42
N LYS D 47 -0.03 -8.62 -18.41
CA LYS D 47 1.42 -8.47 -18.54
C LYS D 47 2.02 -9.33 -19.66
N GLY D 48 2.74 -8.70 -20.58
CA GLY D 48 3.36 -9.38 -21.72
C GLY D 48 2.48 -9.34 -22.95
N PHE D 49 1.33 -10.01 -22.86
CA PHE D 49 0.32 -10.02 -23.93
C PHE D 49 0.12 -8.66 -24.59
N LYS D 50 0.59 -8.54 -25.83
CA LYS D 50 0.07 -7.55 -26.79
C LYS D 50 -0.79 -8.15 -27.92
N PRO D 51 -0.41 -9.34 -28.44
CA PRO D 51 -0.79 -9.83 -29.77
C PRO D 51 -1.90 -9.09 -30.51
N LEU D 52 -1.51 -8.36 -31.56
CA LEU D 52 -2.42 -7.64 -32.46
C LEU D 52 -2.76 -8.54 -33.67
N HIS D 53 -3.35 -9.69 -33.37
CA HIS D 53 -3.68 -10.71 -34.37
C HIS D 53 -5.11 -10.50 -34.92
N SER D 54 -5.37 -9.32 -35.47
CA SER D 54 -6.73 -8.85 -35.77
C SER D 54 -7.46 -9.60 -36.90
N HIS D 55 -8.53 -10.31 -36.54
CA HIS D 55 -9.36 -11.10 -37.46
C HIS D 55 -10.55 -10.27 -37.98
N GLY D 56 -10.54 -8.98 -37.68
CA GLY D 56 -11.62 -8.09 -38.06
C GLY D 56 -11.82 -7.97 -39.56
N THR D 57 -10.74 -7.74 -40.30
CA THR D 57 -10.92 -7.46 -41.73
C THR D 57 -11.22 -8.75 -42.52
N LEU D 58 -10.79 -9.90 -42.04
CA LEU D 58 -11.14 -11.17 -42.70
C LEU D 58 -12.64 -11.41 -42.54
N PHE D 59 -13.13 -11.18 -41.33
CA PHE D 59 -14.56 -11.34 -41.07
C PHE D 59 -15.36 -10.37 -41.95
N LYS D 60 -14.84 -9.16 -42.10
CA LYS D 60 -15.49 -8.13 -42.94
C LYS D 60 -15.59 -8.59 -44.39
N ILE D 61 -14.46 -9.03 -44.97
CA ILE D 61 -14.43 -9.39 -46.39
C ILE D 61 -15.26 -10.63 -46.62
N GLU D 62 -15.18 -11.60 -45.71
CA GLU D 62 -16.07 -12.77 -45.78
C GLU D 62 -17.51 -12.34 -46.04
N ARG D 63 -17.97 -11.32 -45.32
CA ARG D 63 -19.38 -10.89 -45.36
C ARG D 63 -19.68 -10.05 -46.59
N TYR D 64 -18.85 -9.05 -46.86
CA TYR D 64 -18.97 -8.36 -48.14
C TYR D 64 -19.09 -9.35 -49.31
N PHE D 65 -18.22 -10.35 -49.34
CA PHE D 65 -18.24 -11.34 -50.42
C PHE D 65 -19.59 -12.02 -50.53
N ALA D 66 -20.12 -12.54 -49.44
CA ALA D 66 -21.44 -13.19 -49.49
C ALA D 66 -22.54 -12.24 -49.97
N ALA D 67 -22.47 -10.98 -49.56
CA ALA D 67 -23.42 -9.95 -49.99
C ALA D 67 -23.43 -9.86 -51.52
N ALA D 68 -22.23 -9.74 -52.09
CA ALA D 68 -22.02 -9.68 -53.55
C ALA D 68 -22.50 -10.93 -54.30
N MET D 69 -22.47 -12.08 -53.64
CA MET D 69 -23.00 -13.29 -54.26
C MET D 69 -24.54 -13.30 -54.37
N VAL D 70 -25.21 -12.36 -53.71
CA VAL D 70 -26.68 -12.34 -53.75
C VAL D 70 -27.19 -12.09 -55.18
N PRO D 71 -26.76 -10.99 -55.82
CA PRO D 71 -27.16 -10.82 -57.22
C PRO D 71 -26.59 -11.90 -58.16
N LEU D 72 -25.46 -12.51 -57.77
CA LEU D 72 -24.78 -13.52 -58.60
C LEU D 72 -25.61 -14.78 -58.79
N ILE D 73 -26.31 -15.24 -57.74
CA ILE D 73 -27.15 -16.44 -57.85
C ILE D 73 -28.29 -16.30 -58.89
N PRO D 74 -29.12 -15.24 -58.80
CA PRO D 74 -30.16 -15.04 -59.83
C PRO D 74 -29.57 -14.75 -61.22
N ALA D 75 -28.46 -14.01 -61.28
CA ALA D 75 -27.74 -13.83 -62.55
C ALA D 75 -27.52 -15.19 -63.24
N ALA D 76 -27.06 -16.19 -62.50
CA ALA D 76 -26.85 -17.53 -63.05
C ALA D 76 -28.15 -18.23 -63.42
N TYR D 77 -29.28 -17.74 -62.91
CA TYR D 77 -30.57 -18.27 -63.33
C TYR D 77 -30.88 -17.87 -64.77
N PHE D 78 -30.49 -16.65 -65.16
CA PHE D 78 -30.82 -16.11 -66.47
C PHE D 78 -29.68 -16.35 -67.44
N ILE D 79 -28.50 -15.82 -67.13
CA ILE D 79 -27.33 -15.93 -68.01
C ILE D 79 -26.54 -17.24 -67.75
N HIS D 80 -26.42 -18.07 -68.79
CA HIS D 80 -25.68 -19.33 -68.75
C HIS D 80 -24.41 -19.18 -69.58
N GLY D 81 -23.56 -20.20 -69.55
CA GLY D 81 -22.36 -20.23 -70.39
C GLY D 81 -21.08 -20.42 -69.62
N ARG D 82 -19.98 -20.47 -70.37
CA ARG D 82 -18.67 -20.72 -69.80
C ARG D 82 -18.25 -19.67 -68.79
N GLU D 83 -18.39 -18.40 -69.15
CA GLU D 83 -17.84 -17.31 -68.31
C GLU D 83 -18.57 -17.23 -66.98
N MET D 84 -19.87 -17.47 -67.00
CA MET D 84 -20.64 -17.53 -65.77
C MET D 84 -20.24 -18.77 -64.98
N ASP D 85 -20.21 -19.92 -65.64
CA ASP D 85 -19.75 -21.17 -65.03
C ASP D 85 -18.45 -20.94 -64.24
N LEU D 86 -17.58 -20.09 -64.78
CA LEU D 86 -16.32 -19.73 -64.15
C LEU D 86 -16.51 -18.82 -62.92
N CYS D 87 -17.43 -17.87 -63.00
CA CYS D 87 -17.74 -17.00 -61.87
C CYS D 87 -18.37 -17.75 -60.72
N LEU D 88 -19.25 -18.70 -61.04
CA LEU D 88 -19.80 -19.60 -60.01
C LEU D 88 -18.71 -20.43 -59.31
N ALA D 89 -17.82 -21.01 -60.10
CA ALA D 89 -16.78 -21.87 -59.58
C ALA D 89 -15.84 -21.11 -58.66
N LEU D 90 -15.41 -19.93 -59.10
CA LEU D 90 -14.51 -19.11 -58.30
C LEU D 90 -15.14 -18.66 -56.98
N ALA D 91 -16.35 -18.12 -57.07
CA ALA D 91 -17.03 -17.56 -55.91
C ALA D 91 -17.54 -18.62 -54.95
N LEU D 92 -18.14 -19.70 -55.45
CA LEU D 92 -18.55 -20.79 -54.59
C LEU D 92 -17.35 -21.40 -53.86
N THR D 93 -16.24 -21.57 -54.59
CA THR D 93 -15.04 -22.14 -54.02
C THR D 93 -14.55 -21.32 -52.82
N LEU D 94 -14.48 -20.01 -53.02
CA LEU D 94 -14.03 -19.10 -51.97
C LEU D 94 -14.98 -19.09 -50.77
N HIS D 95 -16.27 -19.07 -51.07
CA HIS D 95 -17.28 -18.99 -50.04
C HIS D 95 -17.38 -20.31 -49.28
N VAL D 96 -17.21 -21.42 -49.99
CA VAL D 96 -17.29 -22.74 -49.35
C VAL D 96 -16.04 -23.00 -48.52
N HIS D 97 -14.94 -22.34 -48.87
CA HIS D 97 -13.66 -22.55 -48.20
C HIS D 97 -13.71 -21.98 -46.80
N TRP D 98 -14.25 -20.78 -46.70
CA TRP D 98 -14.44 -20.12 -45.42
C TRP D 98 -15.54 -20.82 -44.62
N GLY D 99 -16.54 -21.32 -45.33
CA GLY D 99 -17.65 -22.04 -44.70
C GLY D 99 -17.29 -23.34 -44.03
N VAL D 100 -16.62 -24.24 -44.75
CA VAL D 100 -16.18 -25.51 -44.17
C VAL D 100 -15.13 -25.31 -43.08
N TRP D 101 -14.33 -24.25 -43.18
CA TRP D 101 -13.31 -23.97 -42.16
C TRP D 101 -13.97 -23.68 -40.82
N GLY D 102 -15.10 -22.98 -40.86
CA GLY D 102 -15.91 -22.76 -39.68
C GLY D 102 -16.45 -24.05 -39.10
N VAL D 103 -17.04 -24.89 -39.94
CA VAL D 103 -17.66 -26.11 -39.47
C VAL D 103 -16.62 -27.10 -38.98
N VAL D 104 -15.44 -27.07 -39.61
CA VAL D 104 -14.31 -27.89 -39.17
C VAL D 104 -13.92 -27.49 -37.74
N ASN D 105 -13.80 -26.19 -37.49
CA ASN D 105 -13.44 -25.71 -36.14
C ASN D 105 -14.50 -25.92 -35.05
N ASP D 106 -15.72 -26.25 -35.43
CA ASP D 106 -16.76 -26.56 -34.47
C ASP D 106 -16.71 -28.03 -34.06
N TYR D 107 -16.69 -28.95 -35.03
CA TYR D 107 -16.77 -30.39 -34.72
C TYR D 107 -15.42 -31.10 -34.70
N GLY D 108 -14.37 -30.41 -35.16
CA GLY D 108 -13.03 -30.98 -35.19
C GLY D 108 -12.14 -30.35 -34.15
N ARG D 109 -12.50 -30.53 -32.88
CA ARG D 109 -11.85 -29.82 -31.79
C ARG D 109 -10.84 -30.73 -31.09
N PRO D 110 -9.67 -30.19 -30.74
CA PRO D 110 -8.69 -31.01 -29.99
C PRO D 110 -9.31 -31.78 -28.80
N PHE D 111 -10.24 -31.17 -28.06
CA PHE D 111 -10.82 -31.83 -26.90
C PHE D 111 -11.51 -33.15 -27.28
N VAL D 112 -12.08 -33.24 -28.46
CA VAL D 112 -12.82 -34.45 -28.84
C VAL D 112 -12.01 -35.40 -29.74
N LEU D 113 -11.07 -34.86 -30.52
CA LEU D 113 -10.27 -35.67 -31.46
C LEU D 113 -8.77 -35.76 -31.11
N GLY D 114 -8.34 -35.09 -30.05
CA GLY D 114 -6.93 -35.06 -29.72
C GLY D 114 -6.24 -34.14 -30.69
N ASP D 115 -5.03 -33.70 -30.34
CA ASP D 115 -4.38 -32.60 -31.05
C ASP D 115 -3.93 -32.86 -32.48
N THR D 116 -3.54 -34.09 -32.84
CA THR D 116 -3.03 -34.33 -34.21
C THR D 116 -4.16 -34.67 -35.18
N LEU D 117 -5.12 -35.49 -34.75
CA LEU D 117 -6.31 -35.74 -35.57
C LEU D 117 -7.08 -34.44 -35.84
N ALA D 118 -6.99 -33.49 -34.90
CA ALA D 118 -7.55 -32.13 -35.07
C ALA D 118 -6.82 -31.37 -36.17
N ALA D 119 -5.49 -31.42 -36.13
CA ALA D 119 -4.67 -30.80 -37.16
C ALA D 119 -4.94 -31.43 -38.53
N ALA D 120 -5.17 -32.75 -38.56
CA ALA D 120 -5.46 -33.43 -39.81
C ALA D 120 -6.74 -32.85 -40.42
N VAL D 121 -7.81 -32.85 -39.64
CA VAL D 121 -9.08 -32.34 -40.13
C VAL D 121 -8.95 -30.89 -40.60
N ARG D 122 -8.15 -30.09 -39.90
N ARG D 122 -8.15 -30.09 -39.88
CA ARG D 122 -7.91 -28.71 -40.31
CA ARG D 122 -7.85 -28.71 -40.27
C ARG D 122 -7.21 -28.64 -41.67
C ARG D 122 -7.24 -28.67 -41.67
N VAL D 123 -6.23 -29.52 -41.86
CA VAL D 123 -5.60 -29.69 -43.19
C VAL D 123 -6.62 -30.24 -44.19
N GLY D 124 -7.51 -31.12 -43.73
CA GLY D 124 -8.64 -31.58 -44.54
C GLY D 124 -9.52 -30.47 -45.10
N ALA D 125 -9.66 -29.38 -44.37
CA ALA D 125 -10.41 -28.22 -44.84
C ALA D 125 -9.82 -27.66 -46.14
N TYR D 126 -8.51 -27.45 -46.16
CA TYR D 126 -7.79 -26.96 -47.34
C TYR D 126 -7.80 -27.97 -48.50
N ILE D 127 -7.60 -29.25 -48.21
CA ILE D 127 -7.68 -30.28 -49.23
C ILE D 127 -9.07 -30.31 -49.87
N PHE D 128 -10.11 -30.18 -49.03
CA PHE D 128 -11.51 -30.12 -49.49
C PHE D 128 -11.70 -29.01 -50.52
N THR D 129 -11.25 -27.81 -50.19
CA THR D 129 -11.34 -26.64 -51.07
C THR D 129 -10.63 -26.84 -52.41
N ALA D 130 -9.41 -27.36 -52.37
CA ALA D 130 -8.64 -27.58 -53.61
C ALA D 130 -9.34 -28.58 -54.54
N CYS D 131 -9.75 -29.70 -53.99
CA CYS D 131 -10.44 -30.72 -54.79
C CYS D 131 -11.79 -30.23 -55.31
N LEU D 132 -12.48 -29.42 -54.51
CA LEU D 132 -13.69 -28.77 -54.98
C LEU D 132 -13.41 -27.99 -56.26
N LEU D 133 -12.36 -27.16 -56.23
CA LEU D 133 -12.01 -26.32 -57.38
C LEU D 133 -11.54 -27.14 -58.58
N ALA D 134 -10.62 -28.07 -58.35
CA ALA D 134 -10.12 -28.93 -59.44
C ALA D 134 -11.27 -29.64 -60.13
N GLY D 135 -12.19 -30.18 -59.34
CA GLY D 135 -13.33 -30.91 -59.86
C GLY D 135 -14.35 -30.04 -60.56
N LEU D 136 -14.33 -28.74 -60.27
CA LEU D 136 -15.25 -27.78 -60.88
C LEU D 136 -14.67 -27.22 -62.15
N LEU D 137 -13.39 -26.84 -62.08
CA LEU D 137 -12.62 -26.54 -63.27
C LEU D 137 -12.70 -27.68 -64.28
N TYR D 138 -12.54 -28.93 -63.83
CA TYR D 138 -12.70 -30.06 -64.74
C TYR D 138 -14.10 -30.08 -65.37
N PHE D 139 -15.13 -29.96 -64.54
CA PHE D 139 -16.50 -30.08 -65.02
C PHE D 139 -16.84 -28.98 -66.01
N ASN D 140 -16.32 -27.78 -65.78
CA ASN D 140 -16.56 -26.68 -66.70
C ASN D 140 -15.80 -26.86 -68.02
N GLU D 141 -14.61 -27.45 -67.96
CA GLU D 141 -13.70 -27.54 -69.11
C GLU D 141 -13.92 -28.78 -69.97
N HIS D 142 -14.24 -29.92 -69.34
CA HIS D 142 -14.39 -31.20 -70.07
C HIS D 142 -15.76 -31.86 -69.89
N ASP D 143 -16.73 -31.14 -69.35
CA ASP D 143 -18.12 -31.62 -69.34
C ASP D 143 -19.04 -30.44 -69.71
N VAL D 144 -20.34 -30.63 -69.55
CA VAL D 144 -21.31 -29.63 -69.95
C VAL D 144 -21.17 -28.31 -69.18
N GLY D 145 -20.69 -28.39 -67.94
CA GLY D 145 -20.51 -27.20 -67.09
C GLY D 145 -21.69 -26.95 -66.18
N LEU D 146 -21.57 -25.97 -65.30
CA LEU D 146 -22.53 -25.80 -64.22
C LEU D 146 -23.91 -25.40 -64.70
N THR D 147 -23.98 -24.30 -65.44
CA THR D 147 -25.27 -23.72 -65.84
C THR D 147 -26.02 -24.60 -66.86
N ARG D 148 -25.30 -25.41 -67.64
CA ARG D 148 -25.93 -26.37 -68.56
C ARG D 148 -26.43 -27.58 -67.79
N ALA D 149 -25.65 -28.06 -66.81
CA ALA D 149 -26.04 -29.23 -66.01
C ALA D 149 -27.39 -29.01 -65.32
N PHE D 150 -27.56 -27.84 -64.71
CA PHE D 150 -28.85 -27.42 -64.12
C PHE D 150 -29.93 -27.31 -65.18
N GLU D 151 -29.66 -26.49 -66.19
CA GLU D 151 -30.49 -26.38 -67.40
C GLU D 151 -30.98 -27.76 -67.84
N MET D 152 -30.07 -28.74 -67.88
CA MET D 152 -30.39 -30.11 -68.31
C MET D 152 -31.24 -30.92 -67.32
N VAL D 153 -30.97 -30.85 -66.03
CA VAL D 153 -31.80 -31.59 -65.05
C VAL D 153 -33.20 -30.96 -64.94
N TRP D 154 -33.28 -29.65 -65.19
CA TRP D 154 -34.59 -28.98 -65.25
C TRP D 154 -35.39 -29.40 -66.47
N GLU D 155 -34.71 -29.78 -67.55
CA GLU D 155 -35.37 -30.32 -68.77
C GLU D 155 -35.98 -31.70 -68.59
N LEU D 156 -35.59 -32.43 -67.54
CA LEU D 156 -36.21 -33.73 -67.29
C LEU D 156 -37.70 -33.58 -67.01
N SER E 30 36.37 -20.22 0.83
CA SER E 30 36.48 -20.75 2.23
C SER E 30 37.65 -21.73 2.37
N ASN E 31 38.68 -21.57 1.55
CA ASN E 31 39.72 -22.59 1.41
C ASN E 31 40.75 -22.63 2.54
N ILE E 32 40.89 -21.55 3.30
CA ILE E 32 41.92 -21.49 4.36
C ILE E 32 41.39 -21.15 5.78
N ALA E 33 40.19 -20.55 5.87
CA ALA E 33 39.55 -20.31 7.18
C ALA E 33 38.06 -20.55 7.12
N GLN E 34 37.46 -20.91 8.25
CA GLN E 34 36.02 -21.18 8.28
C GLN E 34 35.20 -19.91 8.42
N TYR E 35 33.99 -19.92 7.86
CA TYR E 35 33.13 -18.75 7.85
C TYR E 35 31.72 -19.10 8.35
N LYS E 36 31.09 -18.19 9.06
CA LYS E 36 29.76 -18.40 9.62
C LYS E 36 28.67 -17.71 8.79
N VAL E 37 28.14 -18.41 7.79
CA VAL E 37 27.10 -17.86 6.93
C VAL E 37 25.78 -17.74 7.69
N ILE E 38 24.93 -16.78 7.31
CA ILE E 38 23.69 -16.46 8.04
C ILE E 38 22.59 -15.96 7.08
N ASP E 39 21.49 -16.71 6.98
CA ASP E 39 20.46 -16.41 5.97
C ASP E 39 19.30 -15.57 6.51
N HIS E 40 18.67 -14.78 5.62
CA HIS E 40 17.51 -13.94 5.94
C HIS E 40 16.46 -13.99 4.83
N ALA E 41 15.25 -13.54 5.14
CA ALA E 41 14.17 -13.51 4.17
C ALA E 41 13.51 -12.13 4.19
N TYR E 42 13.71 -11.37 3.13
CA TYR E 42 13.10 -10.06 3.03
C TYR E 42 12.30 -9.93 1.75
N ASP E 43 11.31 -9.05 1.76
CA ASP E 43 10.56 -8.77 0.55
C ASP E 43 11.47 -8.00 -0.39
N VAL E 44 12.19 -7.01 0.16
CA VAL E 44 13.19 -6.29 -0.61
C VAL E 44 14.42 -5.89 0.22
N VAL E 45 15.58 -5.95 -0.43
CA VAL E 45 16.83 -5.46 0.13
C VAL E 45 17.28 -4.21 -0.63
N ILE E 46 17.58 -3.16 0.10
CA ILE E 46 18.12 -1.95 -0.51
C ILE E 46 19.59 -1.81 -0.14
N ILE E 47 20.48 -2.13 -1.08
CA ILE E 47 21.91 -1.91 -0.86
C ILE E 47 22.20 -0.42 -0.97
N GLY E 48 22.38 0.26 0.15
CA GLY E 48 22.59 1.69 0.12
C GLY E 48 21.67 2.49 1.02
N ALA E 49 22.26 3.37 1.83
CA ALA E 49 21.50 4.17 2.76
C ALA E 49 21.63 5.65 2.48
N GLY E 50 22.03 6.00 1.26
CA GLY E 50 22.10 7.38 0.87
C GLY E 50 20.71 7.94 0.66
N GLY E 51 20.64 9.15 0.10
CA GLY E 51 19.37 9.80 -0.22
C GLY E 51 18.49 8.93 -1.09
N ALA E 52 19.07 8.19 -2.03
CA ALA E 52 18.30 7.31 -2.90
C ALA E 52 17.72 6.15 -2.10
N GLY E 53 18.59 5.31 -1.55
CA GLY E 53 18.17 4.10 -0.83
C GLY E 53 17.15 4.39 0.25
N LEU E 54 17.35 5.46 1.02
CA LEU E 54 16.44 5.76 2.13
C LEU E 54 15.06 6.19 1.67
N ARG E 55 14.98 6.78 0.48
CA ARG E 55 13.69 7.18 -0.07
C ARG E 55 12.95 5.93 -0.56
N ALA E 56 13.68 4.98 -1.13
CA ALA E 56 13.09 3.69 -1.45
C ALA E 56 12.51 3.01 -0.20
N ALA E 57 13.37 2.77 0.78
CA ALA E 57 12.97 2.15 2.04
C ALA E 57 11.70 2.77 2.63
N MET E 58 11.65 4.10 2.68
CA MET E 58 10.48 4.81 3.18
C MET E 58 9.22 4.34 2.48
N GLY E 59 9.26 4.32 1.14
CA GLY E 59 8.08 4.03 0.34
C GLY E 59 7.60 2.62 0.51
N LEU E 60 8.54 1.68 0.53
CA LEU E 60 8.23 0.27 0.71
C LEU E 60 7.80 -0.06 2.13
N GLY E 61 8.51 0.48 3.11
CA GLY E 61 8.14 0.27 4.51
C GLY E 61 6.69 0.65 4.75
N GLU E 62 6.33 1.85 4.31
CA GLU E 62 4.97 2.40 4.43
C GLU E 62 3.93 1.47 3.80
N ALA E 63 4.22 1.04 2.57
CA ALA E 63 3.35 0.13 1.81
C ALA E 63 3.00 -1.14 2.57
N GLY E 64 3.93 -1.66 3.35
CA GLY E 64 3.73 -2.87 4.12
C GLY E 64 4.79 -3.93 3.95
N PHE E 65 5.74 -3.70 3.03
CA PHE E 65 6.79 -4.68 2.76
C PHE E 65 7.82 -4.86 3.88
N LYS E 66 8.38 -6.06 3.96
CA LYS E 66 9.46 -6.40 4.88
C LYS E 66 10.80 -6.04 4.21
N THR E 67 11.35 -4.90 4.61
CA THR E 67 12.46 -4.24 3.92
C THR E 67 13.80 -4.25 4.69
N ALA E 68 14.87 -4.65 4.03
CA ALA E 68 16.21 -4.59 4.65
C ALA E 68 17.07 -3.51 4.01
N VAL E 69 17.66 -2.64 4.83
CA VAL E 69 18.63 -1.67 4.33
C VAL E 69 20.03 -2.13 4.73
N VAL E 70 20.78 -2.59 3.75
CA VAL E 70 22.19 -2.91 3.94
C VAL E 70 23.06 -1.71 3.55
N THR E 71 23.95 -1.31 4.45
CA THR E 71 24.86 -0.19 4.18
C THR E 71 26.16 -0.35 4.92
N LYS E 72 27.28 -0.09 4.24
CA LYS E 72 28.59 -0.27 4.85
C LYS E 72 28.93 0.81 5.88
N MET E 73 28.19 1.90 5.91
CA MET E 73 28.30 2.91 6.97
C MET E 73 26.91 3.28 7.53
N PHE E 74 26.88 3.97 8.67
CA PHE E 74 25.64 4.55 9.19
C PHE E 74 25.07 5.49 8.12
N PRO E 75 23.75 5.47 7.91
CA PRO E 75 23.19 6.21 6.79
C PRO E 75 23.54 7.71 6.73
N THR E 76 23.52 8.38 7.87
CA THR E 76 23.88 9.80 7.98
C THR E 76 25.27 10.14 7.42
N ARG E 77 26.16 9.14 7.36
CA ARG E 77 27.53 9.35 6.90
C ARG E 77 27.65 9.29 5.38
N SER E 78 26.58 8.84 4.71
CA SER E 78 26.60 8.65 3.27
C SER E 78 26.87 9.96 2.54
N HIS E 79 27.44 9.85 1.36
CA HIS E 79 27.85 11.03 0.64
C HIS E 79 26.81 12.13 0.39
N THR E 80 25.54 11.75 0.35
CA THR E 80 24.47 12.70 0.18
C THR E 80 24.57 13.76 1.28
N THR E 81 25.05 13.38 2.46
CA THR E 81 25.14 14.34 3.55
C THR E 81 26.06 15.55 3.24
N ALA E 82 27.01 15.35 2.32
CA ALA E 82 27.96 16.40 1.94
C ALA E 82 27.38 17.40 0.91
N ALA E 83 26.22 17.07 0.32
CA ALA E 83 25.64 17.91 -0.71
C ALA E 83 25.21 19.26 -0.17
N GLN E 84 25.41 20.31 -0.95
CA GLN E 84 25.35 21.69 -0.46
C GLN E 84 24.29 22.55 -1.14
N GLY E 85 24.41 22.64 -2.45
CA GLY E 85 23.83 23.73 -3.22
C GLY E 85 22.34 23.73 -3.24
N GLY E 86 21.76 22.59 -3.57
CA GLY E 86 20.31 22.48 -3.48
C GLY E 86 19.70 21.33 -4.25
N ILE E 87 18.39 21.41 -4.38
CA ILE E 87 17.61 20.43 -5.11
C ILE E 87 16.64 21.20 -6.01
N ASN E 88 16.41 20.68 -7.22
CA ASN E 88 15.71 21.44 -8.28
C ASN E 88 14.22 21.17 -8.34
N ALA E 89 13.44 22.24 -8.43
CA ALA E 89 12.02 22.11 -8.79
C ALA E 89 11.37 23.48 -9.01
N ALA E 90 10.46 23.53 -9.99
CA ALA E 90 9.80 24.78 -10.38
C ALA E 90 8.69 25.23 -9.40
N LEU E 91 9.05 25.52 -8.15
CA LEU E 91 8.06 25.96 -7.17
C LEU E 91 7.72 27.41 -7.41
N GLY E 92 8.64 28.12 -8.06
CA GLY E 92 8.46 29.52 -8.34
C GLY E 92 8.17 30.31 -7.08
N SER E 93 8.82 29.94 -6.00
CA SER E 93 8.76 30.73 -4.78
C SER E 93 9.39 32.11 -4.97
N MET E 94 10.21 32.25 -6.02
CA MET E 94 10.91 33.51 -6.30
C MET E 94 10.37 34.27 -7.52
N ASN E 95 9.59 33.58 -8.34
CA ASN E 95 9.02 34.10 -9.59
C ASN E 95 8.28 32.96 -10.29
N PRO E 96 7.48 33.26 -11.33
CA PRO E 96 6.80 32.17 -12.07
C PRO E 96 7.78 31.18 -12.65
N ASP E 97 7.37 29.91 -12.78
CA ASP E 97 8.24 28.88 -13.34
C ASP E 97 7.42 27.69 -13.81
N ASP E 98 8.01 26.84 -14.65
CA ASP E 98 7.31 25.71 -15.20
C ASP E 98 8.26 24.54 -15.38
N TRP E 99 7.86 23.40 -14.87
CA TRP E 99 8.67 22.19 -14.91
C TRP E 99 9.11 21.79 -16.31
N LYS E 100 8.43 22.32 -17.33
CA LYS E 100 8.82 22.07 -18.72
C LYS E 100 10.11 22.82 -19.05
N TRP E 101 10.28 24.02 -18.46
CA TRP E 101 11.52 24.79 -18.62
C TRP E 101 12.70 24.00 -18.06
N HIS E 102 12.51 23.50 -16.84
CA HIS E 102 13.43 22.62 -16.14
C HIS E 102 13.76 21.36 -16.96
N PHE E 103 12.73 20.78 -17.57
CA PHE E 103 12.90 19.62 -18.46
C PHE E 103 13.74 20.01 -19.68
N TYR E 104 13.50 21.22 -20.20
CA TYR E 104 14.24 21.70 -21.37
C TYR E 104 15.71 21.74 -21.01
N ASP E 105 16.01 22.39 -19.88
CA ASP E 105 17.37 22.58 -19.43
C ASP E 105 18.06 21.25 -19.20
N THR E 106 17.32 20.27 -18.68
CA THR E 106 17.89 18.94 -18.44
C THR E 106 18.25 18.27 -19.77
N VAL E 107 17.41 18.41 -20.78
CA VAL E 107 17.68 17.77 -22.06
C VAL E 107 18.86 18.46 -22.73
N LYS E 108 18.85 19.79 -22.72
CA LYS E 108 19.97 20.56 -23.22
C LYS E 108 21.23 20.16 -22.47
N GLY E 109 21.22 20.32 -21.16
CA GLY E 109 22.34 19.90 -20.32
C GLY E 109 22.91 18.54 -20.68
N SER E 110 22.05 17.57 -20.97
CA SER E 110 22.50 16.22 -21.26
C SER E 110 23.22 16.12 -22.59
N ASP E 111 23.11 17.18 -23.40
CA ASP E 111 23.67 17.25 -24.76
C ASP E 111 23.10 16.13 -25.62
N TRP E 112 21.81 15.89 -25.41
CA TRP E 112 21.03 14.88 -26.14
C TRP E 112 21.63 13.46 -26.10
N LEU E 113 22.25 13.11 -24.98
CA LEU E 113 22.59 11.71 -24.68
C LEU E 113 21.71 11.18 -23.56
N GLY E 114 20.87 12.04 -22.97
CA GLY E 114 19.94 11.61 -21.94
C GLY E 114 18.66 11.03 -22.52
N ASP E 115 18.07 10.08 -21.81
CA ASP E 115 16.82 9.44 -22.25
C ASP E 115 15.64 10.31 -21.84
N GLN E 116 14.89 10.82 -22.83
CA GLN E 116 13.96 11.93 -22.56
C GLN E 116 12.69 11.51 -21.81
N ASN E 117 12.35 10.22 -21.85
CA ASN E 117 11.37 9.66 -20.92
C ASN E 117 11.79 9.89 -19.46
N ALA E 118 13.08 9.68 -19.18
CA ALA E 118 13.59 9.72 -17.81
C ALA E 118 13.58 11.14 -17.27
N MET E 119 13.99 12.10 -18.09
CA MET E 119 14.06 13.50 -17.68
C MET E 119 12.66 14.09 -17.60
N HIS E 120 11.75 13.51 -18.38
CA HIS E 120 10.32 13.81 -18.27
C HIS E 120 9.81 13.39 -16.90
N TYR E 121 10.04 12.12 -16.54
CA TYR E 121 9.64 11.60 -15.23
C TYR E 121 10.22 12.44 -14.12
N LEU E 122 11.52 12.71 -14.22
CA LEU E 122 12.27 13.46 -13.24
C LEU E 122 11.69 14.82 -12.98
N THR E 123 11.53 15.60 -14.04
CA THR E 123 11.13 17.00 -13.92
C THR E 123 9.65 17.20 -13.60
N ARG E 124 8.80 16.28 -14.08
CA ARG E 124 7.37 16.32 -13.78
C ARG E 124 7.17 16.13 -12.29
N ASN E 125 7.82 15.10 -11.77
CA ASN E 125 7.69 14.74 -10.37
C ASN E 125 8.46 15.66 -9.42
N ALA E 126 9.40 16.43 -9.95
CA ALA E 126 10.27 17.26 -9.11
C ALA E 126 9.50 18.10 -8.10
N VAL E 127 8.47 18.80 -8.54
CA VAL E 127 7.75 19.70 -7.64
C VAL E 127 7.15 18.94 -6.46
N GLU E 128 6.55 17.78 -6.74
CA GLU E 128 5.97 16.92 -5.71
C GLU E 128 7.02 16.47 -4.68
N ALA E 129 8.05 15.78 -5.16
CA ALA E 129 9.11 15.22 -4.31
C ALA E 129 9.67 16.22 -3.33
N VAL E 130 9.96 17.43 -3.79
CA VAL E 130 10.52 18.45 -2.92
C VAL E 130 9.51 19.00 -1.91
N THR E 131 8.24 19.07 -2.30
CA THR E 131 7.18 19.48 -1.36
C THR E 131 7.07 18.42 -0.27
N GLU E 132 7.17 17.15 -0.66
CA GLU E 132 7.19 16.04 0.30
C GLU E 132 8.30 16.23 1.33
N LEU E 133 9.53 16.34 0.83
CA LEU E 133 10.69 16.58 1.68
C LEU E 133 10.39 17.66 2.73
N GLU E 134 9.81 18.76 2.28
CA GLU E 134 9.44 19.83 3.20
C GLU E 134 8.39 19.34 4.20
N ASN E 135 7.44 18.56 3.71
CA ASN E 135 6.38 18.00 4.54
C ASN E 135 6.90 16.92 5.49
N PHE E 136 7.98 16.23 5.13
CA PHE E 136 8.67 15.31 6.05
C PHE E 136 9.43 16.04 7.15
N GLY E 137 9.60 17.36 7.01
CA GLY E 137 10.25 18.17 8.04
C GLY E 137 11.54 18.88 7.64
N MET E 138 12.01 18.66 6.42
CA MET E 138 13.20 19.35 5.92
C MET E 138 13.11 20.88 6.15
N PRO E 139 14.06 21.45 6.88
CA PRO E 139 14.01 22.86 7.28
C PRO E 139 14.51 23.86 6.23
N PHE E 140 13.85 23.85 5.07
CA PHE E 140 14.17 24.74 3.96
C PHE E 140 14.27 26.19 4.39
N SER E 141 15.22 26.91 3.78
CA SER E 141 15.30 28.36 3.92
C SER E 141 13.99 28.95 3.39
N ARG E 142 13.60 30.13 3.88
CA ARG E 142 12.29 30.70 3.54
C ARG E 142 12.35 32.10 2.94
N THR E 143 11.37 32.38 2.09
CA THR E 143 11.15 33.73 1.57
C THR E 143 10.37 34.49 2.61
N PRO E 144 10.28 35.82 2.48
CA PRO E 144 9.41 36.53 3.42
C PRO E 144 7.93 36.17 3.25
N GLU E 145 7.58 35.47 2.17
CA GLU E 145 6.25 34.94 2.01
C GLU E 145 6.07 33.63 2.77
N GLY E 146 7.16 33.13 3.34
CA GLY E 146 7.15 31.85 4.04
C GLY E 146 7.18 30.64 3.12
N LYS E 147 7.73 30.81 1.93
CA LYS E 147 7.85 29.71 0.96
C LYS E 147 9.32 29.30 0.80
N ILE E 148 9.52 28.12 0.21
CA ILE E 148 10.85 27.52 0.10
C ILE E 148 11.73 28.40 -0.78
N TYR E 149 12.73 29.04 -0.18
CA TYR E 149 13.68 29.87 -0.90
C TYR E 149 14.37 29.08 -1.99
N GLN E 150 14.52 29.70 -3.15
CA GLN E 150 15.25 29.10 -4.26
C GLN E 150 16.35 30.03 -4.73
N ARG E 151 17.38 29.43 -5.31
CA ARG E 151 18.53 30.17 -5.79
C ARG E 151 18.82 29.83 -7.24
N SER E 152 19.58 30.70 -7.88
CA SER E 152 20.01 30.46 -9.25
C SER E 152 21.16 29.47 -9.26
N PHE E 153 21.27 28.70 -10.34
CA PHE E 153 22.25 27.63 -10.44
C PHE E 153 22.69 27.48 -11.91
N GLY E 154 23.81 26.80 -12.12
CA GLY E 154 24.40 26.68 -13.44
C GLY E 154 23.59 25.88 -14.42
N GLY E 155 23.33 26.49 -15.58
CA GLY E 155 22.76 25.78 -16.72
C GLY E 155 21.23 25.77 -16.78
N GLN E 156 20.60 26.72 -16.09
CA GLN E 156 19.14 26.72 -15.98
C GLN E 156 18.53 28.06 -16.35
N SER E 157 17.50 27.98 -17.19
CA SER E 157 16.92 29.13 -17.84
C SER E 157 15.41 29.11 -17.70
N ASN E 158 14.83 30.30 -17.65
CA ASN E 158 13.39 30.45 -17.86
C ASN E 158 13.04 30.46 -19.36
N ASN E 159 11.81 30.06 -19.68
CA ASN E 159 11.29 30.18 -21.03
C ASN E 159 12.19 29.53 -22.09
N TYR E 160 12.62 28.30 -21.83
CA TYR E 160 13.38 27.52 -22.82
C TYR E 160 14.59 28.26 -23.42
N GLY E 161 15.35 28.95 -22.59
CA GLY E 161 16.56 29.62 -23.05
C GLY E 161 16.45 31.13 -23.08
N LYS E 162 15.34 31.63 -23.65
CA LYS E 162 15.18 33.08 -23.90
C LYS E 162 14.73 33.92 -22.69
N GLY E 163 14.20 33.27 -21.64
CA GLY E 163 13.95 33.94 -20.35
C GLY E 163 15.27 34.20 -19.66
N GLY E 164 15.26 34.68 -18.42
CA GLY E 164 16.53 34.90 -17.70
C GLY E 164 17.19 33.62 -17.19
N VAL E 165 18.00 33.76 -16.14
CA VAL E 165 18.47 32.60 -15.38
C VAL E 165 17.32 32.15 -14.46
N ALA E 166 17.17 30.85 -14.27
CA ALA E 166 16.14 30.30 -13.39
C ALA E 166 16.48 30.47 -11.92
N LYS E 167 15.44 30.35 -11.07
CA LYS E 167 15.58 30.13 -9.62
C LYS E 167 14.76 28.92 -9.20
N ARG E 168 15.27 27.74 -9.53
CA ARG E 168 14.60 26.48 -9.22
C ARG E 168 15.30 25.69 -8.11
N THR E 169 16.40 26.20 -7.59
CA THR E 169 17.25 25.39 -6.75
C THR E 169 16.92 25.62 -5.27
N CYS E 170 15.96 24.82 -4.79
CA CYS E 170 15.51 24.86 -3.42
C CYS E 170 16.65 24.39 -2.51
N CYS E 171 16.80 24.99 -1.33
CA CYS E 171 17.99 24.72 -0.51
C CYS E 171 17.87 25.11 0.96
N VAL E 172 18.61 24.39 1.79
CA VAL E 172 18.74 24.70 3.22
C VAL E 172 20.08 25.38 3.35
N ALA E 173 20.08 26.70 3.21
CA ALA E 173 21.31 27.46 3.11
C ALA E 173 22.30 26.73 2.20
N ASP E 174 23.34 26.19 2.80
CA ASP E 174 24.56 25.78 2.13
C ASP E 174 24.80 24.28 2.31
N ARG E 175 23.86 23.59 2.96
CA ARG E 175 24.03 22.20 3.36
C ARG E 175 22.73 21.44 3.15
N THR E 176 22.28 21.48 1.91
CA THR E 176 20.98 20.91 1.55
C THR E 176 20.98 19.40 1.63
N GLY E 177 22.12 18.79 1.32
CA GLY E 177 22.26 17.34 1.35
C GLY E 177 22.28 16.78 2.75
N HIS E 178 22.99 17.46 3.64
CA HIS E 178 23.00 17.11 5.02
C HIS E 178 21.56 17.11 5.56
N SER E 179 20.91 18.26 5.41
CA SER E 179 19.58 18.43 5.91
C SER E 179 18.61 17.46 5.27
N MET E 180 18.81 17.16 3.99
CA MET E 180 17.92 16.22 3.31
C MET E 180 18.08 14.83 3.90
N LEU E 181 19.33 14.38 3.98
CA LEU E 181 19.61 12.99 4.34
C LEU E 181 19.15 12.71 5.76
N HIS E 182 19.34 13.71 6.63
CA HIS E 182 18.95 13.58 8.02
C HIS E 182 17.44 13.48 8.12
N THR E 183 16.72 14.33 7.41
CA THR E 183 15.28 14.23 7.32
C THR E 183 14.88 12.85 6.79
N LEU E 184 15.45 12.44 5.65
CA LEU E 184 15.12 11.13 5.10
C LEU E 184 15.38 10.01 6.11
N TYR E 185 16.53 10.05 6.77
CA TYR E 185 16.85 9.04 7.78
C TYR E 185 15.82 9.07 8.93
N GLY E 186 15.65 10.25 9.50
CA GLY E 186 14.68 10.45 10.55
C GLY E 186 13.33 9.84 10.23
N ASN E 187 12.83 10.08 9.00
CA ASN E 187 11.53 9.52 8.60
C ASN E 187 11.59 8.02 8.35
N SER E 188 12.74 7.50 7.93
CA SER E 188 12.87 6.07 7.67
C SER E 188 12.61 5.23 8.91
N LEU E 189 12.88 5.81 10.09
CA LEU E 189 12.71 5.12 11.37
C LEU E 189 11.24 4.84 11.71
N ARG E 190 10.38 5.57 11.03
CA ARG E 190 8.93 5.50 11.18
C ARG E 190 8.31 4.41 10.26
N CYS E 191 9.09 3.87 9.34
CA CYS E 191 8.57 3.02 8.27
C CYS E 191 8.99 1.56 8.35
N HIS E 192 9.19 1.05 9.57
CA HIS E 192 9.37 -0.38 9.80
C HIS E 192 10.35 -1.07 8.85
N CYS E 193 11.45 -0.42 8.52
CA CYS E 193 12.54 -1.08 7.77
C CYS E 193 13.54 -1.55 8.81
N THR E 194 14.25 -2.65 8.53
CA THR E 194 15.30 -3.10 9.45
C THR E 194 16.69 -2.77 8.85
N PHE E 195 17.54 -2.15 9.66
CA PHE E 195 18.84 -1.72 9.18
C PHE E 195 19.90 -2.75 9.48
N PHE E 196 20.71 -3.05 8.47
CA PHE E 196 21.93 -3.81 8.62
C PHE E 196 23.09 -2.86 8.36
N ILE E 197 23.44 -2.14 9.43
CA ILE E 197 24.43 -1.07 9.39
C ILE E 197 25.85 -1.58 9.60
N GLU E 198 26.73 -1.11 8.73
CA GLU E 198 28.12 -1.56 8.61
C GLU E 198 28.15 -3.02 8.21
N TYR E 199 27.33 -3.29 7.20
CA TYR E 199 27.38 -4.53 6.46
C TYR E 199 27.94 -4.18 5.10
N PHE E 200 29.03 -4.83 4.74
CA PHE E 200 29.69 -4.59 3.46
C PHE E 200 29.27 -5.61 2.39
N ALA E 201 28.47 -5.15 1.42
CA ALA E 201 27.92 -6.02 0.39
C ALA E 201 29.00 -6.55 -0.58
N LEU E 202 29.07 -7.88 -0.70
CA LEU E 202 30.08 -8.57 -1.49
C LEU E 202 29.63 -8.82 -2.93
N ASP E 203 28.40 -9.28 -3.10
CA ASP E 203 27.84 -9.55 -4.42
C ASP E 203 26.32 -9.69 -4.40
N LEU E 204 25.71 -9.43 -5.56
CA LEU E 204 24.31 -9.78 -5.80
C LEU E 204 24.18 -11.30 -5.90
N LEU E 205 23.04 -11.83 -5.50
CA LEU E 205 22.72 -13.25 -5.61
C LEU E 205 21.83 -13.53 -6.83
N MET E 206 22.39 -14.17 -7.85
CA MET E 206 21.69 -14.46 -9.13
C MET E 206 21.27 -15.93 -9.29
N ASP E 207 20.03 -16.13 -9.72
CA ASP E 207 19.50 -17.45 -10.09
C ASP E 207 19.09 -17.42 -11.58
N LYS E 208 20.05 -17.73 -12.44
CA LYS E 208 19.86 -17.69 -13.90
C LYS E 208 19.23 -16.37 -14.35
N GLY E 209 20.01 -15.30 -14.30
CA GLY E 209 19.57 -14.00 -14.77
C GLY E 209 18.53 -13.29 -13.91
N ARG E 210 18.27 -13.80 -12.70
CA ARG E 210 17.40 -13.13 -11.72
C ARG E 210 18.13 -12.88 -10.40
N CYS E 211 18.06 -11.66 -9.88
CA CYS E 211 18.59 -11.35 -8.55
C CYS E 211 17.56 -11.73 -7.50
N VAL E 212 18.00 -12.53 -6.54
CA VAL E 212 17.11 -13.00 -5.47
C VAL E 212 17.60 -12.54 -4.10
N GLY E 213 18.61 -11.65 -4.10
CA GLY E 213 19.17 -11.15 -2.85
C GLY E 213 20.62 -10.70 -2.94
N VAL E 214 21.26 -10.60 -1.79
CA VAL E 214 22.59 -10.02 -1.66
C VAL E 214 23.40 -10.78 -0.64
N ILE E 215 24.68 -11.02 -0.91
CA ILE E 215 25.59 -11.47 0.15
C ILE E 215 26.51 -10.32 0.59
N ALA E 216 26.86 -10.30 1.88
CA ALA E 216 27.48 -9.16 2.53
C ALA E 216 28.30 -9.59 3.74
N LEU E 217 29.39 -8.87 3.99
CA LEU E 217 30.20 -9.05 5.20
C LEU E 217 29.69 -8.17 6.36
N CYS E 218 29.56 -8.75 7.55
CA CYS E 218 29.22 -7.97 8.74
C CYS E 218 30.51 -7.61 9.43
N LEU E 219 30.79 -6.31 9.48
CA LEU E 219 32.04 -5.83 10.06
C LEU E 219 32.16 -6.09 11.55
N GLU E 220 31.05 -6.02 12.27
CA GLU E 220 31.09 -6.02 13.75
C GLU E 220 31.61 -7.34 14.28
N ASP E 221 31.08 -8.44 13.77
CA ASP E 221 31.45 -9.78 14.27
C ASP E 221 32.05 -10.73 13.23
N GLY E 222 32.29 -10.27 12.01
CA GLY E 222 32.96 -11.08 11.00
C GLY E 222 32.09 -12.05 10.21
N THR E 223 30.80 -12.11 10.49
CA THR E 223 29.93 -13.09 9.84
C THR E 223 29.57 -12.68 8.41
N ILE E 224 29.41 -13.69 7.55
CA ILE E 224 28.82 -13.50 6.20
C ILE E 224 27.30 -13.63 6.27
N HIS E 225 26.58 -12.81 5.51
CA HIS E 225 25.12 -12.79 5.55
C HIS E 225 24.53 -12.82 4.16
N ARG E 226 23.51 -13.66 3.97
CA ARG E 226 22.77 -13.71 2.72
C ARG E 226 21.36 -13.25 2.98
N PHE E 227 20.86 -12.38 2.10
CA PHE E 227 19.53 -11.85 2.23
C PHE E 227 18.71 -12.30 1.03
N ARG E 228 17.74 -13.19 1.24
CA ARG E 228 16.83 -13.62 0.19
C ARG E 228 15.80 -12.52 0.04
N SER E 229 15.57 -12.05 -1.18
CA SER E 229 14.47 -11.11 -1.42
C SER E 229 13.90 -11.14 -2.82
N LYS E 230 12.63 -10.76 -2.90
CA LYS E 230 11.87 -10.75 -4.13
C LYS E 230 12.43 -9.68 -5.06
N ARG E 231 12.47 -8.45 -4.56
CA ARG E 231 13.15 -7.37 -5.26
C ARG E 231 14.47 -7.07 -4.57
N THR E 232 15.31 -6.30 -5.25
CA THR E 232 16.60 -5.89 -4.73
C THR E 232 16.99 -4.56 -5.41
N ILE E 233 17.21 -3.52 -4.61
CA ILE E 233 17.59 -2.22 -5.12
C ILE E 233 19.05 -1.95 -4.84
N VAL E 234 19.79 -1.58 -5.88
CA VAL E 234 21.16 -1.09 -5.73
C VAL E 234 21.10 0.43 -5.67
N ALA E 235 21.68 1.02 -4.62
CA ALA E 235 21.67 2.46 -4.43
C ALA E 235 22.97 2.92 -3.76
N THR E 236 24.09 2.62 -4.44
CA THR E 236 25.42 2.67 -3.83
C THR E 236 26.29 3.91 -4.10
N GLY E 237 25.75 4.94 -4.74
CA GLY E 237 26.53 6.14 -5.06
C GLY E 237 27.54 5.93 -6.17
N GLY E 238 28.51 6.84 -6.26
CA GLY E 238 29.49 6.86 -7.39
C GLY E 238 30.86 6.22 -7.16
N TYR E 239 31.78 6.42 -8.12
CA TYR E 239 33.17 5.94 -8.00
C TYR E 239 34.24 7.04 -8.12
N GLY E 240 33.97 8.23 -7.60
CA GLY E 240 34.95 9.32 -7.59
C GLY E 240 36.38 8.93 -7.20
N ARG E 241 36.56 8.05 -6.21
CA ARG E 241 37.91 7.65 -5.76
C ARG E 241 38.73 6.82 -6.76
N ALA E 242 38.18 6.57 -7.94
CA ALA E 242 38.97 6.02 -9.04
C ALA E 242 40.02 7.03 -9.48
N TYR E 243 39.72 8.31 -9.20
CA TYR E 243 40.59 9.42 -9.53
C TYR E 243 41.40 9.85 -8.33
N PHE E 244 42.49 10.56 -8.61
CA PHE E 244 43.41 11.03 -7.59
C PHE E 244 42.82 12.23 -6.82
N SER E 245 42.25 13.20 -7.53
CA SER E 245 41.60 14.34 -6.88
C SER E 245 40.09 14.34 -7.17
N CYS E 246 39.30 14.23 -6.10
CA CYS E 246 37.84 14.29 -6.21
C CYS E 246 37.23 15.05 -5.05
N THR E 247 35.93 15.35 -5.17
CA THR E 247 35.19 16.02 -4.12
C THR E 247 34.50 15.00 -3.21
N THR E 248 34.58 13.73 -3.57
CA THR E 248 33.73 12.71 -2.97
C THR E 248 34.36 12.05 -1.76
N ALA E 249 33.54 11.33 -1.01
CA ALA E 249 33.98 10.58 0.18
C ALA E 249 34.87 9.40 -0.19
N HIS E 250 35.63 8.96 0.82
CA HIS E 250 36.48 7.77 0.69
C HIS E 250 35.64 6.55 0.31
N MET E 251 34.37 6.57 0.69
CA MET E 251 33.45 5.46 0.45
C MET E 251 32.94 5.33 -0.98
N ASN E 252 33.14 6.34 -1.83
CA ASN E 252 32.69 6.28 -3.23
C ASN E 252 33.65 5.49 -4.08
N THR E 253 33.53 4.17 -3.96
CA THR E 253 34.43 3.24 -4.60
C THR E 253 33.71 2.38 -5.64
N GLY E 254 32.54 2.85 -6.09
CA GLY E 254 31.74 2.16 -7.11
C GLY E 254 31.40 0.69 -6.91
N ASP E 255 31.06 0.32 -5.68
CA ASP E 255 30.83 -1.10 -5.36
C ASP E 255 29.55 -1.65 -6.03
N GLY E 256 28.50 -0.84 -6.10
CA GLY E 256 27.27 -1.27 -6.76
C GLY E 256 27.38 -1.50 -8.26
N THR E 257 28.28 -0.79 -8.92
CA THR E 257 28.53 -1.00 -10.34
C THR E 257 29.45 -2.20 -10.51
N ALA E 258 30.40 -2.33 -9.59
CA ALA E 258 31.26 -3.50 -9.55
C ALA E 258 30.39 -4.75 -9.38
N LEU E 259 29.39 -4.66 -8.50
CA LEU E 259 28.43 -5.73 -8.23
C LEU E 259 27.73 -6.17 -9.50
N ALA E 260 27.07 -5.21 -10.14
CA ALA E 260 26.41 -5.42 -11.43
C ALA E 260 27.35 -6.08 -12.45
N THR E 261 28.60 -5.61 -12.52
CA THR E 261 29.58 -6.21 -13.42
C THR E 261 29.80 -7.67 -13.09
N ARG E 262 30.01 -7.98 -11.81
CA ARG E 262 30.26 -9.37 -11.41
C ARG E 262 29.03 -10.27 -11.62
N ALA E 263 27.86 -9.66 -11.74
CA ALA E 263 26.65 -10.39 -12.10
C ALA E 263 26.38 -10.30 -13.61
N GLY E 264 27.43 -10.11 -14.41
CA GLY E 264 27.29 -10.01 -15.85
C GLY E 264 26.26 -9.02 -16.39
N ILE E 265 26.07 -7.90 -15.69
CA ILE E 265 25.30 -6.79 -16.23
C ILE E 265 26.29 -5.82 -16.91
N ALA E 266 25.84 -5.19 -17.99
CA ALA E 266 26.69 -4.28 -18.75
C ALA E 266 26.51 -2.87 -18.21
N LEU E 267 27.62 -2.19 -17.95
CA LEU E 267 27.57 -0.84 -17.42
C LEU E 267 27.59 0.20 -18.55
N GLU E 268 27.00 1.36 -18.28
CA GLU E 268 26.68 2.34 -19.31
C GLU E 268 27.31 3.74 -19.09
N ASP E 269 27.81 4.35 -20.17
CA ASP E 269 28.24 5.77 -20.16
C ASP E 269 29.32 6.13 -19.13
N LEU E 270 30.10 5.15 -18.70
CA LEU E 270 31.10 5.38 -17.67
C LEU E 270 32.10 6.48 -17.99
N GLU E 271 32.37 6.68 -19.29
CA GLU E 271 33.36 7.66 -19.71
C GLU E 271 32.92 9.09 -19.38
N PHE E 272 31.63 9.28 -19.12
CA PHE E 272 31.12 10.59 -18.78
C PHE E 272 31.25 10.89 -17.28
N ILE E 273 32.28 11.68 -16.96
CA ILE E 273 32.72 11.97 -15.60
C ILE E 273 32.61 13.47 -15.39
N GLN E 274 31.83 13.90 -14.41
CA GLN E 274 31.66 15.32 -14.18
C GLN E 274 32.83 15.90 -13.38
N PHE E 275 33.46 16.92 -13.96
CA PHE E 275 34.42 17.74 -13.23
C PHE E 275 33.66 18.96 -12.76
N HIS E 276 33.50 19.09 -11.45
CA HIS E 276 32.85 20.26 -10.91
C HIS E 276 33.89 21.36 -11.04
N PRO E 277 33.47 22.57 -11.45
CA PRO E 277 34.35 23.73 -11.61
C PRO E 277 35.19 24.09 -10.39
N THR E 278 34.57 24.06 -9.22
CA THR E 278 35.19 24.59 -8.01
C THR E 278 35.36 23.59 -6.85
N GLY E 279 36.34 22.70 -6.98
CA GLY E 279 36.91 22.01 -5.82
C GLY E 279 38.05 22.86 -5.26
N ILE E 280 38.23 22.88 -3.94
CA ILE E 280 39.31 23.67 -3.35
C ILE E 280 40.65 23.17 -3.86
N TYR E 281 41.41 24.08 -4.47
CA TYR E 281 42.67 23.74 -5.13
C TYR E 281 43.56 22.78 -4.33
N GLY E 282 43.76 23.07 -3.06
CA GLY E 282 44.61 22.20 -2.29
C GLY E 282 44.07 20.77 -2.31
N VAL E 283 42.87 20.62 -1.76
CA VAL E 283 42.40 19.37 -1.15
C VAL E 283 41.21 18.69 -1.81
N GLY E 284 40.52 19.33 -2.75
CA GLY E 284 39.39 18.70 -3.42
C GLY E 284 38.00 19.04 -2.87
N CYS E 285 37.88 19.40 -1.59
CA CYS E 285 36.64 19.88 -1.00
C CYS E 285 35.78 20.66 -1.99
N LEU E 286 34.50 20.31 -2.11
CA LEU E 286 33.57 21.08 -2.92
C LEU E 286 33.26 22.44 -2.33
N ILE E 287 33.15 23.44 -3.23
CA ILE E 287 32.58 24.75 -2.94
C ILE E 287 31.38 24.93 -3.88
N THR E 288 30.18 25.01 -3.31
CA THR E 288 28.97 24.87 -4.09
C THR E 288 28.89 25.86 -5.27
N GLU E 289 28.36 25.36 -6.38
CA GLU E 289 27.91 26.17 -7.50
C GLU E 289 26.96 27.27 -7.05
N GLY E 290 26.18 26.95 -6.01
CA GLY E 290 25.36 27.93 -5.34
C GLY E 290 26.12 29.20 -5.01
N SER E 291 27.43 29.11 -4.82
CA SER E 291 28.21 30.31 -4.53
C SER E 291 28.29 31.24 -5.76
N ARG E 292 28.31 30.65 -6.96
CA ARG E 292 28.25 31.46 -8.18
C ARG E 292 26.84 31.98 -8.41
N GLY E 293 25.84 31.11 -8.18
CA GLY E 293 24.43 31.46 -8.33
C GLY E 293 23.99 32.62 -7.47
N GLU E 294 24.59 32.75 -6.29
CA GLU E 294 24.30 33.87 -5.40
C GLU E 294 24.99 35.17 -5.87
N GLY E 295 25.87 35.06 -6.86
CA GLY E 295 26.53 36.24 -7.42
C GLY E 295 28.05 36.26 -7.37
N GLY E 296 28.68 35.15 -7.01
CA GLY E 296 30.14 35.04 -7.12
C GLY E 296 30.55 34.73 -8.55
N PHE E 297 31.84 34.84 -8.84
CA PHE E 297 32.33 34.54 -10.19
C PHE E 297 33.82 34.22 -10.22
N LEU E 298 34.23 33.53 -11.28
CA LEU E 298 35.60 33.11 -11.46
C LEU E 298 36.48 34.25 -11.98
N VAL E 299 37.78 34.19 -11.69
CA VAL E 299 38.75 35.24 -12.04
C VAL E 299 40.11 34.64 -12.37
N ASN E 300 40.71 35.07 -13.49
CA ASN E 300 42.03 34.59 -13.96
C ASN E 300 43.18 35.44 -13.40
N SER E 301 44.40 35.17 -13.84
CA SER E 301 45.55 35.98 -13.41
C SER E 301 45.40 37.47 -13.78
N GLU E 302 44.75 37.79 -14.90
CA GLU E 302 44.60 39.20 -15.32
C GLU E 302 43.63 39.99 -14.44
N GLY E 303 42.77 39.28 -13.69
CA GLY E 303 41.74 39.93 -12.86
C GLY E 303 40.44 40.07 -13.63
N GLU E 304 40.17 39.10 -14.49
CA GLU E 304 39.08 39.18 -15.47
C GLU E 304 38.00 38.14 -15.22
N ARG E 305 36.75 38.59 -15.15
CA ARG E 305 35.60 37.69 -15.07
C ARG E 305 35.41 37.00 -16.42
N PHE E 306 36.23 35.97 -16.64
CA PHE E 306 36.49 35.45 -17.97
C PHE E 306 35.36 34.66 -18.62
N MET E 307 34.30 34.35 -17.89
CA MET E 307 33.24 33.48 -18.44
C MET E 307 32.37 34.22 -19.44
N GLU E 308 32.34 35.55 -19.34
CA GLU E 308 31.69 36.39 -20.35
C GLU E 308 32.13 36.03 -21.78
N ARG E 309 33.42 35.67 -21.94
CA ARG E 309 33.96 35.27 -23.24
C ARG E 309 33.50 33.88 -23.68
N TYR E 310 33.61 32.92 -22.77
CA TYR E 310 33.34 31.53 -23.11
C TYR E 310 31.84 31.25 -23.18
N ALA E 311 31.04 32.16 -22.64
CA ALA E 311 29.58 31.99 -22.56
C ALA E 311 28.93 33.32 -22.10
N PRO E 312 28.74 34.28 -23.04
CA PRO E 312 28.34 35.65 -22.68
C PRO E 312 26.93 35.80 -22.12
N LYS E 313 26.06 34.83 -22.41
CA LYS E 313 24.68 34.89 -21.93
C LYS E 313 24.66 34.46 -20.47
N ALA E 314 25.02 33.20 -20.22
CA ALA E 314 24.96 32.60 -18.89
C ALA E 314 26.14 32.97 -18.00
N LYS E 315 27.29 33.25 -18.61
CA LYS E 315 28.52 33.59 -17.89
C LYS E 315 28.97 32.46 -16.95
N ASP E 316 29.07 32.74 -15.65
CA ASP E 316 29.65 31.81 -14.70
C ASP E 316 28.64 30.74 -14.26
N LEU E 317 27.38 30.92 -14.66
CA LEU E 317 26.33 29.93 -14.44
C LEU E 317 26.03 29.17 -15.74
N ALA E 318 27.08 28.76 -16.43
CA ALA E 318 26.94 27.86 -17.57
C ALA E 318 27.05 26.43 -17.07
N SER E 319 26.68 25.48 -17.90
CA SER E 319 26.76 24.08 -17.55
C SER E 319 28.17 23.73 -17.01
N ARG E 320 28.22 22.69 -16.18
CA ARG E 320 29.44 22.29 -15.49
C ARG E 320 30.62 21.96 -16.45
N ASP E 321 30.31 21.25 -17.53
CA ASP E 321 31.32 20.87 -18.56
C ASP E 321 31.96 22.08 -19.28
N VAL E 322 31.14 23.08 -19.58
CA VAL E 322 31.60 24.27 -20.26
C VAL E 322 32.55 25.05 -19.34
N VAL E 323 32.07 25.33 -18.13
CA VAL E 323 32.81 26.13 -17.15
C VAL E 323 34.13 25.44 -16.78
N SER E 324 34.12 24.12 -16.61
CA SER E 324 35.36 23.42 -16.25
C SER E 324 36.39 23.47 -17.36
N ARG E 325 35.91 23.42 -18.60
CA ARG E 325 36.79 23.49 -19.78
C ARG E 325 37.36 24.89 -19.94
N ALA E 326 36.50 25.89 -19.76
CA ALA E 326 36.94 27.27 -19.73
C ALA E 326 38.09 27.39 -18.72
N GLU E 327 37.84 26.99 -17.47
CA GLU E 327 38.87 27.09 -16.42
C GLU E 327 40.17 26.42 -16.83
N THR E 328 40.08 25.24 -17.42
CA THR E 328 41.23 24.45 -17.83
C THR E 328 42.05 25.19 -18.90
N ILE E 329 41.37 25.61 -19.97
CA ILE E 329 42.01 26.39 -21.02
C ILE E 329 42.79 27.56 -20.44
N GLU E 330 42.14 28.37 -19.61
CA GLU E 330 42.81 29.51 -18.99
C GLU E 330 44.14 29.11 -18.37
N ILE E 331 44.15 28.03 -17.58
CA ILE E 331 45.40 27.49 -16.99
C ILE E 331 46.41 27.22 -18.10
N MET E 332 45.97 26.50 -19.13
CA MET E 332 46.84 26.01 -20.19
C MET E 332 47.46 27.13 -21.03
N GLU E 333 46.81 28.29 -21.06
CA GLU E 333 47.34 29.47 -21.75
C GLU E 333 47.94 30.44 -20.75
N GLY E 334 48.76 29.92 -19.83
CA GLY E 334 49.47 30.74 -18.83
C GLY E 334 48.64 31.75 -18.03
N ARG E 335 47.31 31.60 -18.02
CA ARG E 335 46.46 32.56 -17.34
C ARG E 335 45.95 32.04 -15.99
N GLY E 336 46.60 30.99 -15.48
CA GLY E 336 46.31 30.43 -14.17
C GLY E 336 46.65 31.33 -12.99
N VAL E 337 46.64 30.77 -11.79
CA VAL E 337 46.72 31.55 -10.56
C VAL E 337 47.38 30.73 -9.46
N GLY E 338 48.07 31.42 -8.55
CA GLY E 338 48.84 30.78 -7.47
C GLY E 338 50.27 30.47 -7.87
N PRO E 339 51.09 30.02 -6.91
CA PRO E 339 52.50 29.72 -7.14
C PRO E 339 52.79 29.10 -8.51
N GLU E 340 52.08 28.02 -8.84
CA GLU E 340 52.35 27.26 -10.06
C GLU E 340 51.41 27.68 -11.18
N LYS E 341 50.67 28.77 -10.98
CA LYS E 341 49.71 29.29 -11.96
C LYS E 341 48.83 28.16 -12.54
N ASP E 342 48.34 27.30 -11.66
CA ASP E 342 47.68 26.05 -12.07
C ASP E 342 46.23 25.95 -11.60
N HIS E 343 45.67 27.06 -11.13
CA HIS E 343 44.26 27.11 -10.75
C HIS E 343 43.64 28.49 -11.01
N ILE E 344 42.44 28.73 -10.47
CA ILE E 344 41.79 30.01 -10.62
C ILE E 344 41.07 30.38 -9.33
N TYR E 345 40.44 31.56 -9.31
CA TYR E 345 39.88 32.13 -8.09
C TYR E 345 38.37 32.22 -8.16
N LEU E 346 37.70 31.73 -7.11
CA LEU E 346 36.28 31.97 -6.96
C LEU E 346 36.16 33.17 -6.03
N GLN E 347 35.67 34.27 -6.58
CA GLN E 347 35.53 35.49 -5.81
C GLN E 347 34.12 35.65 -5.29
N LEU E 348 34.02 35.84 -3.97
CA LEU E 348 32.75 36.15 -3.30
C LEU E 348 32.80 37.44 -2.45
N HIS E 349 34.00 38.00 -2.21
CA HIS E 349 34.14 39.14 -1.26
C HIS E 349 33.35 40.42 -1.59
N HIS E 350 32.96 40.57 -2.85
CA HIS E 350 32.10 41.66 -3.27
C HIS E 350 30.62 41.52 -2.85
N LEU E 351 30.20 40.34 -2.43
CA LEU E 351 28.86 40.19 -1.91
C LEU E 351 28.81 40.75 -0.49
N PRO E 352 27.62 41.16 -0.02
CA PRO E 352 27.48 41.58 1.37
C PRO E 352 27.63 40.40 2.34
N ALA E 353 28.43 40.61 3.39
CA ALA E 353 28.69 39.62 4.45
C ALA E 353 27.40 39.04 5.08
N GLU E 354 26.33 39.82 5.10
CA GLU E 354 25.04 39.31 5.56
C GLU E 354 24.52 38.20 4.62
N GLN E 355 24.76 38.36 3.31
CA GLN E 355 24.32 37.38 2.33
C GLN E 355 25.21 36.14 2.35
N LEU E 356 26.52 36.32 2.46
CA LEU E 356 27.44 35.19 2.66
C LEU E 356 27.05 34.31 3.87
N HIS E 357 26.77 34.94 5.01
CA HIS E 357 26.46 34.19 6.24
C HIS E 357 25.12 33.47 6.16
N GLN E 358 24.08 34.17 5.72
CA GLN E 358 22.76 33.56 5.61
C GLN E 358 22.72 32.44 4.56
N ARG E 359 23.40 32.67 3.44
CA ARG E 359 23.22 31.86 2.24
C ARG E 359 24.36 30.85 2.01
N LEU E 360 25.56 31.14 2.51
CA LEU E 360 26.74 30.30 2.29
C LEU E 360 27.65 30.10 3.55
N PRO E 361 27.05 29.70 4.68
CA PRO E 361 27.83 29.55 5.91
C PRO E 361 28.80 28.36 5.91
N GLY E 362 28.35 27.21 5.38
CA GLY E 362 29.19 26.02 5.32
C GLY E 362 30.52 26.18 4.57
N ILE E 363 30.47 26.71 3.36
CA ILE E 363 31.67 26.93 2.57
C ILE E 363 32.45 28.14 3.10
N SER E 364 31.76 29.06 3.77
CA SER E 364 32.45 30.08 4.54
C SER E 364 33.42 29.39 5.52
N GLU E 365 32.93 28.43 6.29
CA GLU E 365 33.77 27.74 7.26
C GLU E 365 34.83 26.84 6.62
N THR E 366 34.45 26.10 5.59
CA THR E 366 35.33 25.17 4.93
C THR E 366 36.52 25.87 4.25
N ALA E 367 36.23 26.99 3.58
CA ALA E 367 37.26 27.79 2.95
C ALA E 367 38.28 28.28 3.98
N LYS E 368 37.77 28.60 5.16
CA LYS E 368 38.58 29.04 6.28
C LYS E 368 39.52 27.92 6.75
N ILE E 369 38.96 26.74 6.97
CA ILE E 369 39.70 25.61 7.54
C ILE E 369 40.73 25.03 6.57
N PHE E 370 40.38 24.98 5.29
CA PHE E 370 41.20 24.27 4.30
C PHE E 370 41.97 25.20 3.35
N ALA E 371 41.62 26.47 3.29
CA ALA E 371 42.39 27.41 2.46
C ALA E 371 42.83 28.69 3.19
N GLY E 372 42.53 28.81 4.48
CA GLY E 372 42.85 30.03 5.24
C GLY E 372 42.18 31.30 4.73
N VAL E 373 41.06 31.15 4.03
CA VAL E 373 40.42 32.27 3.35
C VAL E 373 39.22 32.85 4.11
N ASP E 374 39.30 34.14 4.44
CA ASP E 374 38.10 34.89 4.84
C ASP E 374 37.39 35.22 3.55
N VAL E 375 36.17 34.70 3.39
CA VAL E 375 35.43 34.85 2.14
C VAL E 375 34.82 36.25 1.95
N THR E 376 34.65 37.01 3.02
CA THR E 376 34.21 38.41 2.91
C THR E 376 35.31 39.30 2.35
N LYS E 377 36.54 38.76 2.26
CA LYS E 377 37.74 39.55 2.00
C LYS E 377 38.68 39.02 0.90
N GLU E 378 38.77 37.72 0.69
CA GLU E 378 39.71 37.14 -0.30
C GLU E 378 39.05 36.05 -1.15
N PRO E 379 39.59 35.79 -2.36
CA PRO E 379 39.06 34.71 -3.21
C PRO E 379 39.48 33.30 -2.75
N ILE E 380 38.67 32.32 -3.10
CA ILE E 380 38.95 30.92 -2.81
C ILE E 380 39.74 30.31 -3.96
N PRO E 381 40.86 29.65 -3.66
CA PRO E 381 41.54 28.96 -4.75
C PRO E 381 40.81 27.67 -5.10
N VAL E 382 40.50 27.50 -6.38
CA VAL E 382 39.63 26.44 -6.88
C VAL E 382 40.15 25.83 -8.20
N ILE E 383 39.68 24.64 -8.53
CA ILE E 383 40.12 23.93 -9.72
C ILE E 383 39.08 22.86 -10.07
N PRO E 384 38.81 22.66 -11.38
CA PRO E 384 37.92 21.56 -11.72
C PRO E 384 38.34 20.27 -11.04
N THR E 385 37.37 19.60 -10.44
CA THR E 385 37.61 18.41 -9.65
C THR E 385 36.55 17.34 -9.96
N VAL E 386 36.99 16.09 -10.05
CA VAL E 386 36.08 14.97 -10.22
C VAL E 386 35.06 14.94 -9.10
N HIS E 387 33.81 14.59 -9.44
CA HIS E 387 32.67 14.93 -8.60
C HIS E 387 31.48 14.00 -8.75
N TYR E 388 31.00 13.83 -9.97
CA TYR E 388 29.78 13.05 -10.20
C TYR E 388 29.96 12.09 -11.37
N ASN E 389 29.26 10.96 -11.30
CA ASN E 389 29.27 9.95 -12.35
C ASN E 389 27.87 9.83 -12.94
N MET E 390 27.67 10.44 -14.09
CA MET E 390 26.41 10.22 -14.82
C MET E 390 26.32 8.75 -15.26
N GLY E 391 27.47 8.11 -15.43
CA GLY E 391 27.49 6.68 -15.72
C GLY E 391 26.81 5.81 -14.67
N GLY E 392 26.86 4.49 -14.91
CA GLY E 392 26.39 3.49 -13.96
C GLY E 392 25.57 2.32 -14.51
N ILE E 393 24.83 1.67 -13.62
CA ILE E 393 24.03 0.51 -13.98
C ILE E 393 22.82 1.01 -14.78
N PRO E 394 22.60 0.45 -15.98
CA PRO E 394 21.52 0.92 -16.86
C PRO E 394 20.12 0.49 -16.42
N THR E 395 19.14 1.37 -16.57
CA THR E 395 17.75 1.02 -16.26
C THR E 395 16.75 1.70 -17.20
N ASN E 396 15.50 1.26 -17.13
CA ASN E 396 14.40 1.96 -17.80
C ASN E 396 13.86 3.11 -16.93
N TYR E 397 12.93 3.89 -17.47
CA TYR E 397 12.26 4.96 -16.69
C TYR E 397 11.64 4.52 -15.34
N LYS E 398 11.42 3.22 -15.17
CA LYS E 398 10.85 2.67 -13.93
C LYS E 398 11.96 2.19 -13.01
N ALA E 399 13.20 2.50 -13.35
CA ALA E 399 14.39 2.14 -12.55
C ALA E 399 14.61 0.63 -12.43
N GLN E 400 14.22 -0.12 -13.45
CA GLN E 400 14.47 -1.55 -13.47
C GLN E 400 15.71 -1.78 -14.28
N VAL E 401 16.66 -2.52 -13.73
CA VAL E 401 17.93 -2.75 -14.40
C VAL E 401 17.73 -3.50 -15.70
N ILE E 402 18.55 -3.20 -16.71
CA ILE E 402 18.41 -3.80 -18.05
C ILE E 402 19.73 -4.32 -18.65
N LYS E 403 19.58 -5.39 -19.43
CA LYS E 403 20.60 -5.85 -20.36
C LYS E 403 20.11 -5.48 -21.77
N TYR E 404 21.04 -5.34 -22.72
CA TYR E 404 20.69 -4.94 -24.09
C TYR E 404 21.50 -5.68 -25.14
N THR E 405 20.87 -5.98 -26.27
CA THR E 405 21.53 -6.68 -27.38
C THR E 405 21.21 -6.04 -28.72
N LYS E 406 22.11 -6.25 -29.68
CA LYS E 406 21.94 -5.76 -31.05
C LYS E 406 20.55 -6.12 -31.59
N GLU E 407 20.20 -7.40 -31.43
CA GLU E 407 18.96 -7.96 -31.97
C GLU E 407 17.81 -7.88 -30.96
N GLY E 408 18.11 -8.25 -29.71
CA GLY E 408 17.09 -8.45 -28.68
C GLY E 408 16.50 -7.22 -28.02
N GLY E 409 17.26 -6.13 -27.96
CA GLY E 409 16.76 -4.87 -27.35
C GLY E 409 16.70 -4.92 -25.83
N ASP E 410 15.91 -4.02 -25.24
CA ASP E 410 15.88 -3.85 -23.79
C ASP E 410 15.16 -5.00 -23.06
N LYS E 411 15.95 -5.80 -22.34
CA LYS E 411 15.45 -6.93 -21.53
C LYS E 411 15.68 -6.67 -20.03
N ILE E 412 14.63 -6.46 -19.25
CA ILE E 412 14.78 -6.18 -17.81
C ILE E 412 15.33 -7.39 -17.04
N VAL E 413 16.19 -7.13 -16.06
CA VAL E 413 16.65 -8.17 -15.14
C VAL E 413 15.59 -8.33 -14.06
N PRO E 414 15.01 -9.53 -13.92
CA PRO E 414 13.94 -9.62 -12.95
C PRO E 414 14.45 -9.42 -11.52
N GLY E 415 13.68 -8.67 -10.73
CA GLY E 415 13.96 -8.49 -9.31
C GLY E 415 15.13 -7.57 -9.00
N LEU E 416 15.55 -6.76 -9.98
CA LEU E 416 16.68 -5.87 -9.81
C LEU E 416 16.30 -4.46 -10.22
N TYR E 417 16.29 -3.56 -9.23
CA TYR E 417 16.16 -2.13 -9.46
C TYR E 417 17.50 -1.45 -9.08
N ALA E 418 17.70 -0.22 -9.56
CA ALA E 418 18.91 0.54 -9.21
C ALA E 418 18.60 2.00 -9.33
N CYS E 419 19.00 2.80 -8.34
CA CYS E 419 18.77 4.24 -8.39
C CYS E 419 19.90 5.03 -7.73
N GLY E 420 19.81 6.37 -7.84
CA GLY E 420 20.88 7.25 -7.38
C GLY E 420 22.03 7.34 -8.38
N GLU E 421 23.17 7.84 -7.92
CA GLU E 421 24.37 8.01 -8.74
C GLU E 421 24.90 6.68 -9.36
N CYS E 422 24.61 5.55 -8.70
CA CYS E 422 25.08 4.23 -9.20
C CYS E 422 24.33 3.78 -10.45
N ALA E 423 23.26 4.49 -10.78
CA ALA E 423 22.45 4.17 -11.95
C ALA E 423 22.81 5.00 -13.19
N CYS E 424 22.26 4.55 -14.31
CA CYS E 424 22.22 5.33 -15.54
C CYS E 424 20.82 5.18 -16.16
N HIS E 425 19.94 6.11 -15.84
CA HIS E 425 18.55 6.05 -16.28
C HIS E 425 18.25 6.29 -17.77
N SER E 426 18.90 7.23 -18.48
CA SER E 426 19.90 8.18 -17.98
C SER E 426 19.25 9.56 -17.89
N VAL E 427 19.10 10.07 -16.69
CA VAL E 427 18.50 11.39 -16.48
C VAL E 427 19.46 12.52 -16.84
N HIS E 428 20.75 12.22 -16.89
CA HIS E 428 21.76 13.26 -17.01
C HIS E 428 22.47 13.28 -18.35
N GLY E 429 22.46 12.15 -19.05
CA GLY E 429 23.13 12.07 -20.32
C GLY E 429 24.62 12.29 -20.15
N ALA E 430 25.17 13.27 -20.88
CA ALA E 430 26.62 13.46 -20.95
C ALA E 430 27.12 14.51 -19.96
N ASN E 431 26.25 15.45 -19.61
CA ASN E 431 26.54 16.37 -18.53
C ASN E 431 25.34 16.50 -17.60
N ARG E 432 25.55 16.13 -16.34
CA ARG E 432 24.55 16.33 -15.31
C ARG E 432 24.42 17.81 -14.94
N LEU E 433 23.20 18.22 -14.64
CA LEU E 433 22.92 19.58 -14.21
C LEU E 433 23.03 19.65 -12.69
N GLY E 434 23.50 20.76 -12.15
CA GLY E 434 23.62 20.91 -10.71
C GLY E 434 22.26 20.98 -10.03
N ALA E 435 22.17 20.41 -8.83
CA ALA E 435 20.92 20.30 -8.08
C ALA E 435 19.91 19.36 -8.73
N ASN E 436 20.40 18.46 -9.58
CA ASN E 436 19.56 17.46 -10.19
C ASN E 436 19.79 16.06 -9.67
N SER E 437 20.83 15.84 -8.89
CA SER E 437 21.10 14.49 -8.41
C SER E 437 20.29 14.18 -7.16
N LEU E 438 20.22 15.12 -6.22
CA LEU E 438 19.44 14.86 -5.04
C LEU E 438 18.02 14.56 -5.52
N LEU E 439 17.50 15.46 -6.35
CA LEU E 439 16.25 15.28 -7.09
C LEU E 439 16.17 13.90 -7.78
N ASP E 440 17.15 13.58 -8.64
CA ASP E 440 17.27 12.23 -9.22
C ASP E 440 17.06 11.17 -8.14
N ALA E 441 17.90 11.22 -7.10
CA ALA E 441 17.94 10.17 -6.09
C ALA E 441 16.61 10.04 -5.38
N VAL E 442 16.02 11.17 -5.02
CA VAL E 442 14.73 11.21 -4.31
C VAL E 442 13.58 10.77 -5.21
N VAL E 443 13.60 11.17 -6.48
CA VAL E 443 12.49 10.84 -7.40
C VAL E 443 12.47 9.36 -7.76
N PHE E 444 13.62 8.86 -8.19
CA PHE E 444 13.70 7.49 -8.66
C PHE E 444 13.76 6.52 -7.50
N GLY E 445 14.23 7.00 -6.35
CA GLY E 445 14.17 6.23 -5.12
C GLY E 445 12.72 6.02 -4.73
N ARG E 446 11.95 7.12 -4.77
CA ARG E 446 10.49 7.04 -4.60
C ARG E 446 9.83 6.25 -5.69
N ALA E 447 10.36 6.33 -6.91
CA ALA E 447 9.83 5.56 -8.03
C ALA E 447 10.01 4.07 -7.80
N CYS E 448 11.14 3.67 -7.23
CA CYS E 448 11.42 2.24 -7.04
C CYS E 448 10.39 1.59 -6.13
N SER E 449 9.89 2.34 -5.16
CA SER E 449 8.84 1.83 -4.28
C SER E 449 7.51 1.81 -5.04
N ILE E 450 7.10 2.96 -5.57
CA ILE E 450 5.88 3.10 -6.39
C ILE E 450 5.72 1.99 -7.43
N ASN E 451 6.80 1.63 -8.13
CA ASN E 451 6.72 0.60 -9.15
C ASN E 451 6.62 -0.78 -8.53
N ILE E 452 7.55 -1.12 -7.63
CA ILE E 452 7.53 -2.42 -6.97
C ILE E 452 6.14 -2.68 -6.37
N LYS E 453 5.60 -1.66 -5.72
CA LYS E 453 4.24 -1.69 -5.19
C LYS E 453 3.21 -2.03 -6.27
N GLU E 454 3.26 -1.30 -7.38
CA GLU E 454 2.31 -1.50 -8.48
C GLU E 454 2.50 -2.81 -9.21
N GLU E 455 3.71 -3.34 -9.22
CA GLU E 455 3.97 -4.57 -9.98
C GLU E 455 4.11 -5.82 -9.10
N LEU E 456 4.59 -5.67 -7.87
CA LEU E 456 4.76 -6.84 -7.00
C LEU E 456 3.43 -7.19 -6.31
N LYS E 457 3.01 -8.44 -6.46
CA LYS E 457 1.76 -8.95 -5.89
C LYS E 457 2.04 -9.88 -4.72
N PRO E 458 1.19 -9.80 -3.66
CA PRO E 458 1.40 -10.60 -2.43
C PRO E 458 1.43 -12.12 -2.65
N ASP E 459 0.80 -12.58 -3.74
CA ASP E 459 0.88 -13.96 -4.25
C ASP E 459 2.31 -14.48 -4.30
N GLU E 460 3.22 -13.62 -4.73
CA GLU E 460 4.60 -13.98 -4.97
C GLU E 460 5.33 -14.29 -3.69
N LYS E 461 6.02 -15.44 -3.64
CA LYS E 461 6.72 -15.86 -2.42
C LYS E 461 8.21 -15.58 -2.48
N ILE E 462 8.79 -15.29 -1.31
CA ILE E 462 10.23 -14.98 -1.20
C ILE E 462 11.05 -16.11 -1.81
N PRO E 463 11.86 -15.80 -2.85
CA PRO E 463 12.50 -16.85 -3.66
C PRO E 463 13.50 -17.71 -2.90
N GLU E 464 13.74 -18.91 -3.41
CA GLU E 464 14.72 -19.80 -2.82
C GLU E 464 16.10 -19.39 -3.31
N LEU E 465 17.11 -19.66 -2.50
CA LEU E 465 18.51 -19.49 -2.93
C LEU E 465 18.94 -20.77 -3.57
N PRO E 466 19.79 -20.68 -4.61
CA PRO E 466 20.46 -21.86 -5.14
C PRO E 466 21.32 -22.57 -4.11
N GLU E 467 21.99 -23.64 -4.54
CA GLU E 467 22.98 -24.31 -3.73
C GLU E 467 24.31 -23.66 -4.10
N GLY E 468 25.20 -23.55 -3.13
CA GLY E 468 26.48 -22.86 -3.33
C GLY E 468 26.35 -21.38 -3.72
N ALA E 469 25.28 -20.74 -3.28
CA ALA E 469 25.02 -19.33 -3.62
C ALA E 469 25.95 -18.42 -2.83
N GLY E 470 26.60 -17.50 -3.55
CA GLY E 470 27.57 -16.59 -2.96
C GLY E 470 28.84 -17.26 -2.47
N GLU E 471 29.05 -18.50 -2.85
CA GLU E 471 30.22 -19.25 -2.42
C GLU E 471 31.49 -18.66 -3.03
N GLU E 472 31.36 -18.06 -4.21
CA GLU E 472 32.49 -17.44 -4.89
C GLU E 472 32.87 -16.11 -4.21
N SER E 473 31.86 -15.39 -3.72
CA SER E 473 32.07 -14.16 -2.97
C SER E 473 32.83 -14.37 -1.67
N ILE E 474 32.58 -15.49 -1.01
CA ILE E 474 33.36 -15.86 0.19
C ILE E 474 34.75 -16.32 -0.23
N ALA E 475 34.81 -17.15 -1.27
CA ALA E 475 36.07 -17.61 -1.82
C ALA E 475 37.02 -16.43 -2.03
N ASN E 476 36.53 -15.40 -2.73
CA ASN E 476 37.31 -14.20 -3.06
C ASN E 476 37.74 -13.41 -1.83
N LEU E 477 36.78 -13.20 -0.93
CA LEU E 477 37.04 -12.54 0.33
C LEU E 477 38.27 -13.16 0.97
N ASP E 478 38.22 -14.48 1.18
CA ASP E 478 39.31 -15.23 1.80
C ASP E 478 40.63 -15.04 1.06
N ALA E 479 40.58 -14.99 -0.27
CA ALA E 479 41.76 -14.80 -1.09
C ALA E 479 42.39 -13.44 -0.78
N VAL E 480 41.57 -12.41 -0.82
CA VAL E 480 42.01 -11.04 -0.54
C VAL E 480 42.45 -10.89 0.93
N ARG E 481 41.73 -11.53 1.83
CA ARG E 481 42.01 -11.47 3.25
C ARG E 481 43.40 -12.01 3.61
N TYR E 482 43.85 -13.04 2.89
CA TYR E 482 45.18 -13.62 3.13
C TYR E 482 46.17 -13.28 2.03
N ALA E 483 45.76 -12.44 1.08
CA ALA E 483 46.63 -12.01 -0.02
C ALA E 483 48.04 -11.72 0.48
N ASN E 484 49.02 -12.34 -0.18
CA ASN E 484 50.41 -12.28 0.26
C ASN E 484 51.42 -12.06 -0.87
N GLY E 485 51.00 -11.34 -1.90
CA GLY E 485 51.91 -10.97 -2.97
C GLY E 485 52.89 -9.90 -2.54
N ASP E 486 53.24 -9.03 -3.49
CA ASP E 486 54.33 -8.03 -3.32
C ASP E 486 53.91 -6.55 -3.56
N VAL E 487 52.65 -6.34 -3.94
CA VAL E 487 52.15 -5.00 -4.32
C VAL E 487 51.06 -4.55 -3.34
N PRO E 488 51.44 -3.72 -2.33
CA PRO E 488 50.44 -3.36 -1.32
C PRO E 488 49.23 -2.62 -1.88
N THR E 489 48.07 -2.97 -1.34
CA THR E 489 46.78 -2.38 -1.72
C THR E 489 46.82 -0.84 -1.88
N ALA E 490 47.42 -0.14 -0.92
CA ALA E 490 47.50 1.32 -0.97
C ALA E 490 48.27 1.84 -2.18
N GLU E 491 49.41 1.22 -2.47
CA GLU E 491 50.26 1.63 -3.59
C GLU E 491 49.56 1.43 -4.92
N LEU E 492 48.90 0.29 -5.05
CA LEU E 492 48.18 -0.05 -6.27
C LEU E 492 47.03 0.92 -6.50
N ARG E 493 46.31 1.27 -5.44
CA ARG E 493 45.23 2.28 -5.52
C ARG E 493 45.73 3.64 -6.02
N LEU E 494 46.79 4.13 -5.37
CA LEU E 494 47.36 5.43 -5.68
C LEU E 494 47.74 5.52 -7.16
N THR E 495 48.42 4.48 -7.65
CA THR E 495 48.82 4.42 -9.05
C THR E 495 47.61 4.39 -9.96
N MET E 496 46.61 3.58 -9.63
CA MET E 496 45.34 3.58 -10.38
C MET E 496 44.78 5.00 -10.52
N GLN E 497 44.73 5.73 -9.41
CA GLN E 497 44.15 7.08 -9.39
C GLN E 497 44.95 8.07 -10.20
N LYS E 498 46.27 7.98 -10.08
CA LYS E 498 47.21 8.85 -10.78
C LYS E 498 47.07 8.64 -12.29
N THR E 499 47.08 7.37 -12.69
CA THR E 499 46.91 6.95 -14.08
C THR E 499 45.63 7.50 -14.70
N MET E 500 44.59 7.58 -13.87
CA MET E 500 43.27 8.00 -14.31
C MET E 500 43.22 9.52 -14.44
N GLN E 501 43.75 10.23 -13.44
CA GLN E 501 43.81 11.70 -13.44
C GLN E 501 44.51 12.26 -14.67
N LYS E 502 45.58 11.58 -15.09
CA LYS E 502 46.36 12.01 -16.23
C LYS E 502 45.68 11.68 -17.56
N HIS E 503 45.27 10.42 -17.71
CA HIS E 503 44.86 9.93 -19.02
C HIS E 503 43.38 10.11 -19.34
N ALA E 504 42.57 10.38 -18.32
CA ALA E 504 41.12 10.59 -18.48
C ALA E 504 40.67 11.87 -17.78
N GLY E 505 41.41 12.94 -17.98
CA GLY E 505 41.09 14.25 -17.39
C GLY E 505 40.10 15.06 -18.22
N VAL E 506 40.10 16.38 -18.03
CA VAL E 506 39.09 17.25 -18.63
C VAL E 506 39.13 17.20 -20.16
N PHE E 507 40.33 17.27 -20.72
CA PHE E 507 40.56 17.19 -22.16
C PHE E 507 41.25 15.88 -22.48
N ARG E 508 40.75 15.18 -23.49
CA ARG E 508 41.24 13.85 -23.81
C ARG E 508 41.75 13.79 -25.26
N ARG E 509 42.65 12.84 -25.50
CA ARG E 509 43.16 12.59 -26.84
C ARG E 509 43.47 11.10 -27.01
N GLY E 510 43.36 10.63 -28.24
CA GLY E 510 43.49 9.21 -28.57
C GLY E 510 44.74 8.52 -28.04
N ASP E 511 45.90 9.13 -28.28
CA ASP E 511 47.19 8.54 -27.92
C ASP E 511 47.41 8.46 -26.41
N ILE E 512 46.89 9.47 -25.71
CA ILE E 512 46.93 9.51 -24.25
C ILE E 512 45.97 8.45 -23.71
N LEU E 513 44.73 8.45 -24.18
CA LEU E 513 43.76 7.41 -23.81
C LEU E 513 44.31 5.99 -24.09
N ALA E 514 44.92 5.81 -25.27
CA ALA E 514 45.54 4.55 -25.66
C ALA E 514 46.60 4.09 -24.66
N GLU E 515 47.62 4.92 -24.44
CA GLU E 515 48.59 4.68 -23.38
C GLU E 515 47.88 4.36 -22.07
N GLY E 516 46.88 5.18 -21.73
CA GLY E 516 46.08 5.01 -20.53
C GLY E 516 45.48 3.62 -20.38
N VAL E 517 44.75 3.17 -21.39
CA VAL E 517 44.13 1.84 -21.34
C VAL E 517 45.21 0.80 -21.09
N LYS E 518 46.30 0.91 -21.85
CA LYS E 518 47.44 0.03 -21.69
C LYS E 518 47.84 -0.06 -20.21
N LYS E 519 48.09 1.08 -19.59
CA LYS E 519 48.50 1.12 -18.19
C LYS E 519 47.38 0.65 -17.26
N MET E 520 46.15 1.07 -17.54
CA MET E 520 45.00 0.60 -16.76
C MET E 520 44.75 -0.90 -16.89
N MET E 521 45.15 -1.50 -18.02
CA MET E 521 45.04 -2.94 -18.18
C MET E 521 46.15 -3.67 -17.43
N ASP E 522 47.36 -3.10 -17.43
CA ASP E 522 48.48 -3.71 -16.71
C ASP E 522 48.23 -3.71 -15.21
N LEU E 523 47.74 -2.58 -14.71
CA LEU E 523 47.40 -2.49 -13.29
C LEU E 523 46.36 -3.54 -12.93
N PHE E 524 45.41 -3.82 -13.83
CA PHE E 524 44.45 -4.88 -13.56
C PHE E 524 45.16 -6.22 -13.35
N LYS E 525 46.23 -6.45 -14.12
CA LYS E 525 47.04 -7.65 -13.93
C LYS E 525 47.67 -7.66 -12.53
N GLU E 526 48.21 -6.51 -12.11
CA GLU E 526 48.91 -6.41 -10.82
C GLU E 526 48.10 -6.90 -9.60
N LEU E 527 46.76 -6.84 -9.69
CA LEU E 527 45.84 -7.33 -8.64
C LEU E 527 46.14 -8.74 -8.08
N LYS E 528 46.72 -9.61 -8.91
CA LYS E 528 47.12 -10.95 -8.45
C LYS E 528 48.26 -10.89 -7.45
N ARG E 529 49.13 -9.90 -7.60
CA ARG E 529 50.28 -9.70 -6.71
C ARG E 529 49.96 -8.83 -5.47
N LEU E 530 48.68 -8.63 -5.21
CA LEU E 530 48.23 -7.78 -4.10
C LEU E 530 48.70 -8.27 -2.73
N LYS E 531 49.13 -7.33 -1.88
CA LYS E 531 49.40 -7.64 -0.47
C LYS E 531 48.40 -6.96 0.47
N THR E 532 47.92 -7.70 1.47
CA THR E 532 47.26 -7.10 2.64
C THR E 532 48.05 -7.48 3.89
N THR E 533 47.55 -7.14 5.06
CA THR E 533 48.29 -7.34 6.31
C THR E 533 47.39 -7.73 7.47
N ASP E 534 46.31 -6.97 7.67
CA ASP E 534 45.35 -7.31 8.70
C ASP E 534 44.75 -8.63 8.26
N ARG E 535 44.92 -9.63 9.12
CA ARG E 535 44.47 -10.98 8.84
C ARG E 535 43.12 -11.28 9.50
N SER E 536 42.70 -10.43 10.42
CA SER E 536 41.46 -10.63 11.19
C SER E 536 40.16 -10.58 10.35
N LEU E 537 39.02 -10.75 11.02
CA LEU E 537 37.72 -10.66 10.38
C LEU E 537 36.83 -9.55 10.94
N ILE E 538 37.06 -9.18 12.20
CA ILE E 538 36.31 -8.13 12.86
C ILE E 538 36.92 -6.78 12.52
N TRP E 539 36.08 -5.87 12.02
CA TRP E 539 36.50 -4.57 11.49
C TRP E 539 37.88 -4.56 10.85
N ASN E 540 37.97 -5.27 9.73
CA ASN E 540 39.16 -5.24 8.91
C ASN E 540 38.92 -4.26 7.74
N SER E 541 39.39 -3.02 7.91
CA SER E 541 39.25 -2.01 6.86
C SER E 541 40.36 -2.17 5.82
N ASP E 542 41.47 -2.80 6.23
CA ASP E 542 42.48 -3.25 5.27
C ASP E 542 41.75 -4.06 4.21
N LEU E 543 41.05 -5.10 4.68
CA LEU E 543 40.32 -5.99 3.81
C LEU E 543 39.31 -5.23 2.97
N THR E 544 38.39 -4.53 3.63
CA THR E 544 37.30 -3.89 2.90
C THR E 544 37.84 -2.92 1.87
N GLU E 545 38.91 -2.21 2.22
CA GLU E 545 39.51 -1.26 1.30
C GLU E 545 40.16 -1.96 0.11
N SER E 546 40.72 -3.14 0.36
CA SER E 546 41.23 -3.98 -0.72
C SER E 546 40.08 -4.45 -1.63
N LEU E 547 39.03 -5.01 -1.04
CA LEU E 547 37.80 -5.31 -1.78
C LEU E 547 37.31 -4.11 -2.60
N GLU E 548 37.38 -2.92 -2.01
CA GLU E 548 36.92 -1.71 -2.68
C GLU E 548 37.79 -1.35 -3.89
N LEU E 549 39.08 -1.70 -3.84
CA LEU E 549 39.98 -1.46 -4.98
C LEU E 549 39.58 -2.32 -6.17
N GLN E 550 39.34 -3.61 -5.89
CA GLN E 550 38.78 -4.50 -6.89
C GLN E 550 37.62 -3.80 -7.60
N ASN E 551 36.67 -3.33 -6.81
CA ASN E 551 35.48 -2.68 -7.34
C ASN E 551 35.86 -1.42 -8.13
N LEU E 552 36.80 -0.65 -7.60
CA LEU E 552 37.29 0.55 -8.29
C LEU E 552 37.96 0.24 -9.62
N MET E 553 38.70 -0.86 -9.67
CA MET E 553 39.38 -1.25 -10.90
C MET E 553 38.40 -1.62 -11.99
N LEU E 554 37.36 -2.37 -11.65
CA LEU E 554 36.33 -2.68 -12.63
C LEU E 554 35.78 -1.38 -13.20
N ASN E 555 35.37 -0.47 -12.32
CA ASN E 555 34.92 0.87 -12.73
C ASN E 555 35.95 1.66 -13.54
N ALA E 556 37.20 1.68 -13.05
CA ALA E 556 38.26 2.46 -13.67
C ALA E 556 38.55 1.98 -15.09
N THR E 557 39.01 0.74 -15.24
CA THR E 557 39.21 0.14 -16.57
C THR E 557 38.05 0.44 -17.53
N GLN E 558 36.84 0.10 -17.11
CA GLN E 558 35.68 0.26 -17.98
C GLN E 558 35.43 1.72 -18.39
N THR E 559 35.83 2.65 -17.53
CA THR E 559 35.67 4.07 -17.82
C THR E 559 36.60 4.53 -18.94
N ILE E 560 37.88 4.14 -18.85
CA ILE E 560 38.87 4.65 -19.79
C ILE E 560 38.78 4.01 -21.18
N VAL E 561 38.51 2.70 -21.25
CA VAL E 561 38.40 2.05 -22.58
C VAL E 561 37.13 2.52 -23.31
N ALA E 562 36.09 2.86 -22.56
CA ALA E 562 34.92 3.53 -23.15
C ALA E 562 35.29 4.92 -23.63
N ALA E 563 36.10 5.63 -22.85
CA ALA E 563 36.55 6.98 -23.21
C ALA E 563 37.47 6.96 -24.42
N GLU E 564 38.28 5.91 -24.51
CA GLU E 564 39.20 5.73 -25.64
C GLU E 564 38.42 5.65 -26.93
N ASN E 565 37.39 4.81 -26.95
CA ASN E 565 36.70 4.46 -28.18
C ASN E 565 35.75 5.54 -28.73
N ARG E 566 35.19 6.36 -27.85
CA ARG E 566 34.24 7.40 -28.25
C ARG E 566 34.97 8.56 -28.92
N LYS E 567 34.80 8.68 -30.24
CA LYS E 567 35.50 9.67 -31.04
C LYS E 567 34.59 10.86 -31.30
N GLU E 568 34.21 11.56 -30.23
CA GLU E 568 33.45 12.81 -30.34
C GLU E 568 33.64 13.67 -29.09
N SER E 569 33.09 14.88 -29.14
CA SER E 569 33.06 15.77 -28.00
C SER E 569 31.62 16.03 -27.62
N ARG E 570 31.17 15.40 -26.54
CA ARG E 570 29.82 15.60 -26.02
C ARG E 570 29.87 15.78 -24.51
N GLY E 571 29.11 16.76 -24.04
CA GLY E 571 29.07 17.11 -22.63
C GLY E 571 30.44 17.18 -21.99
N ALA E 572 30.69 16.28 -21.04
CA ALA E 572 31.91 16.24 -20.25
C ALA E 572 32.97 15.34 -20.87
N HIS E 573 32.74 14.93 -22.11
CA HIS E 573 33.74 14.21 -22.87
C HIS E 573 34.19 15.12 -24.01
N ALA E 574 35.38 15.69 -23.85
CA ALA E 574 35.98 16.56 -24.87
C ALA E 574 37.24 15.92 -25.42
N ARG E 575 37.19 15.49 -26.68
CA ARG E 575 38.35 14.93 -27.38
C ARG E 575 38.94 16.02 -28.24
N ASP E 576 40.21 16.34 -28.01
CA ASP E 576 40.89 17.36 -28.83
C ASP E 576 40.95 16.95 -30.30
N ASP E 577 41.24 15.67 -30.53
CA ASP E 577 41.24 15.07 -31.89
C ASP E 577 39.85 14.85 -32.52
N PHE E 578 38.78 15.03 -31.73
CA PHE E 578 37.42 14.98 -32.26
C PHE E 578 36.58 16.02 -31.51
N PRO E 579 36.76 17.30 -31.86
CA PRO E 579 36.07 18.38 -31.15
C PRO E 579 34.57 18.52 -31.46
N LYS E 580 34.06 17.75 -32.42
CA LYS E 580 32.67 17.92 -32.84
C LYS E 580 31.76 16.93 -32.15
N ARG E 581 30.52 17.35 -31.96
CA ARG E 581 29.49 16.43 -31.52
C ARG E 581 29.01 15.63 -32.76
N GLU E 582 29.30 14.33 -32.77
CA GLU E 582 28.93 13.46 -33.88
C GLU E 582 27.51 12.91 -33.70
N ASP E 583 26.55 13.61 -34.27
CA ASP E 583 25.15 13.22 -34.23
C ASP E 583 24.71 12.53 -35.52
N GLU E 584 23.46 12.04 -35.52
CA GLU E 584 22.87 11.42 -36.72
C GLU E 584 22.70 12.43 -37.86
N TYR E 585 22.41 13.68 -37.51
CA TYR E 585 22.38 14.78 -38.46
C TYR E 585 23.51 15.76 -38.10
N ASP E 586 23.56 16.88 -38.80
CA ASP E 586 24.45 17.99 -38.48
C ASP E 586 23.57 19.20 -38.12
N TYR E 587 23.26 19.34 -36.82
CA TYR E 587 22.21 20.27 -36.39
C TYR E 587 22.61 21.76 -36.33
N SER E 588 23.64 22.15 -37.09
CA SER E 588 23.98 23.57 -37.28
C SER E 588 23.32 24.14 -38.54
N LYS E 589 23.02 23.27 -39.49
CA LYS E 589 22.30 23.62 -40.72
C LYS E 589 20.81 23.29 -40.48
N PRO E 590 19.92 23.50 -41.49
CA PRO E 590 18.54 23.06 -41.26
C PRO E 590 18.48 21.53 -41.34
N ILE E 591 17.30 20.93 -41.27
CA ILE E 591 17.22 19.49 -40.97
C ILE E 591 16.80 18.60 -42.14
N GLU E 592 15.66 18.86 -42.76
CA GLU E 592 15.25 18.07 -43.93
C GLU E 592 15.92 18.66 -45.17
N GLY E 593 15.99 17.87 -46.24
CA GLY E 593 16.91 18.15 -47.33
C GLY E 593 18.28 17.75 -46.85
N GLN E 594 18.29 16.70 -46.02
CA GLN E 594 19.49 16.19 -45.37
C GLN E 594 19.23 14.70 -45.18
N THR E 595 20.18 13.99 -44.58
CA THR E 595 20.18 12.53 -44.66
C THR E 595 20.71 11.84 -43.39
N LYS E 596 19.79 11.33 -42.57
CA LYS E 596 20.10 10.53 -41.37
C LYS E 596 21.33 9.62 -41.57
N ARG E 597 22.30 9.72 -40.66
CA ARG E 597 23.45 8.84 -40.69
C ARG E 597 23.11 7.51 -40.03
N PRO E 598 23.83 6.44 -40.42
CA PRO E 598 23.66 5.12 -39.77
C PRO E 598 24.06 5.11 -38.29
N PHE E 599 23.49 4.18 -37.55
CA PHE E 599 23.72 4.06 -36.10
C PHE E 599 25.17 3.73 -35.75
N GLU E 600 25.87 3.04 -36.67
CA GLU E 600 27.28 2.69 -36.47
C GLU E 600 28.24 3.84 -36.83
N LYS E 601 27.70 4.95 -37.35
CA LYS E 601 28.51 6.04 -37.90
C LYS E 601 28.56 7.26 -36.97
N HIS E 602 27.41 7.68 -36.45
CA HIS E 602 27.39 8.78 -35.46
C HIS E 602 27.81 8.27 -34.07
N TRP E 603 27.74 9.14 -33.07
CA TRP E 603 28.06 8.78 -31.70
C TRP E 603 26.98 9.13 -30.67
N ARG E 604 25.85 9.64 -31.14
CA ARG E 604 24.74 9.98 -30.26
C ARG E 604 23.99 8.73 -29.80
N LYS E 605 24.69 7.90 -29.04
CA LYS E 605 24.21 6.59 -28.58
C LYS E 605 24.91 6.25 -27.26
N HIS E 606 24.25 5.46 -26.42
CA HIS E 606 24.79 5.10 -25.11
C HIS E 606 25.91 4.07 -25.21
N THR E 607 27.02 4.31 -24.51
CA THR E 607 28.08 3.29 -24.41
C THR E 607 27.64 2.18 -23.49
N LEU E 608 27.93 0.93 -23.86
CA LEU E 608 27.65 -0.23 -23.02
C LEU E 608 28.91 -1.07 -22.86
N THR E 609 29.35 -1.18 -21.61
CA THR E 609 30.64 -1.79 -21.29
C THR E 609 30.41 -3.07 -20.52
N LYS E 610 31.15 -4.11 -20.90
CA LYS E 610 30.94 -5.46 -20.37
C LYS E 610 32.31 -6.12 -20.11
N GLN E 611 32.54 -6.56 -18.88
CA GLN E 611 33.87 -6.99 -18.45
C GLN E 611 33.86 -8.32 -17.72
N ASP E 612 34.88 -9.13 -17.99
CA ASP E 612 35.10 -10.39 -17.29
C ASP E 612 35.93 -10.02 -16.05
N PRO E 613 35.34 -10.19 -14.85
CA PRO E 613 35.99 -9.89 -13.57
C PRO E 613 37.35 -10.53 -13.27
N ARG E 614 37.65 -11.70 -13.84
CA ARG E 614 38.99 -12.32 -13.61
C ARG E 614 39.97 -12.01 -14.74
N THR E 615 39.51 -12.07 -15.98
CA THR E 615 40.40 -11.76 -17.11
C THR E 615 40.63 -10.25 -17.17
N GLY E 616 39.59 -9.47 -16.86
CA GLY E 616 39.62 -8.03 -16.99
C GLY E 616 39.23 -7.54 -18.38
N HIS E 617 38.99 -8.48 -19.30
CA HIS E 617 38.72 -8.15 -20.71
C HIS E 617 37.39 -7.43 -20.87
N ILE E 618 37.35 -6.40 -21.73
CA ILE E 618 36.18 -5.53 -21.88
C ILE E 618 35.66 -5.47 -23.34
N THR E 619 34.36 -5.73 -23.51
CA THR E 619 33.74 -5.65 -24.83
C THR E 619 32.80 -4.45 -24.86
N LEU E 620 32.72 -3.80 -26.01
CA LEU E 620 31.88 -2.62 -26.15
C LEU E 620 30.69 -2.94 -27.00
N ASP E 621 29.63 -2.17 -26.79
CA ASP E 621 28.40 -2.30 -27.56
C ASP E 621 27.70 -0.98 -27.32
N TYR E 622 26.70 -0.66 -28.12
CA TYR E 622 26.05 0.63 -28.05
C TYR E 622 24.53 0.51 -28.14
N ARG E 623 23.83 1.47 -27.53
CA ARG E 623 22.39 1.38 -27.34
C ARG E 623 21.76 2.72 -27.68
N PRO E 624 20.63 2.70 -28.41
CA PRO E 624 20.04 3.96 -28.82
C PRO E 624 19.52 4.77 -27.64
N VAL E 625 19.70 6.08 -27.72
CA VAL E 625 19.17 7.01 -26.77
C VAL E 625 17.68 7.09 -27.02
N ILE E 626 16.90 7.05 -25.95
CA ILE E 626 15.44 7.16 -26.06
C ILE E 626 15.06 8.63 -26.26
N ASP E 627 14.76 8.96 -27.51
CA ASP E 627 14.37 10.32 -27.88
C ASP E 627 12.92 10.64 -27.53
N LYS E 628 12.09 9.60 -27.42
CA LYS E 628 10.67 9.81 -27.10
C LYS E 628 10.42 9.96 -25.60
N THR E 629 9.47 10.82 -25.26
CA THR E 629 9.09 11.06 -23.87
C THR E 629 8.20 9.89 -23.40
N LEU E 630 7.47 10.09 -22.31
CA LEU E 630 6.47 9.12 -21.85
C LEU E 630 5.11 9.40 -22.49
N ASP E 631 4.68 10.66 -22.45
CA ASP E 631 3.33 11.06 -22.86
C ASP E 631 3.35 12.33 -23.73
N PRO E 632 3.42 12.15 -25.07
CA PRO E 632 3.44 13.26 -26.03
C PRO E 632 2.32 14.30 -25.85
N ALA E 633 1.21 13.90 -25.24
CA ALA E 633 0.11 14.83 -24.98
C ALA E 633 0.43 15.85 -23.88
N GLU E 634 1.31 15.48 -22.94
CA GLU E 634 1.64 16.34 -21.80
C GLU E 634 2.83 17.26 -22.08
N VAL E 635 3.85 16.75 -22.76
CA VAL E 635 5.03 17.56 -23.11
C VAL E 635 5.69 17.12 -24.42
N ASP E 636 5.96 18.11 -25.26
CA ASP E 636 6.60 17.90 -26.54
C ASP E 636 8.10 17.63 -26.29
N TRP E 637 8.63 16.57 -26.90
CA TRP E 637 10.06 16.27 -26.81
C TRP E 637 10.87 17.39 -27.45
N ILE E 638 12.16 17.45 -27.11
CA ILE E 638 13.04 18.51 -27.59
C ILE E 638 14.11 17.91 -28.50
N PRO E 639 14.13 18.33 -29.79
CA PRO E 639 15.07 17.80 -30.75
C PRO E 639 16.45 18.47 -30.61
N PRO E 640 17.53 17.74 -30.92
CA PRO E 640 18.88 18.30 -30.75
C PRO E 640 19.09 19.66 -31.44
N ILE E 641 19.83 20.55 -30.79
CA ILE E 641 20.34 21.76 -31.42
C ILE E 641 21.80 21.94 -31.01
N ILE E 642 22.42 23.02 -31.48
CA ILE E 642 23.78 23.37 -31.05
C ILE E 642 23.72 23.80 -29.59
N ARG E 643 24.74 23.43 -28.83
CA ARG E 643 24.78 23.68 -27.40
C ARG E 643 25.65 24.89 -27.06
N SER E 644 25.02 26.01 -26.73
CA SER E 644 25.71 27.23 -26.31
C SER E 644 25.15 27.69 -24.98
N TYR E 645 25.96 28.41 -24.22
CA TYR E 645 25.47 29.07 -23.00
C TYR E 645 26.01 30.49 -22.95
N LYS F 33 64.17 17.14 8.56
CA LYS F 33 63.25 15.99 8.87
C LYS F 33 62.32 16.29 10.07
N ARG F 34 61.05 16.61 9.78
CA ARG F 34 60.07 16.94 10.83
C ARG F 34 59.17 15.76 11.22
N ILE F 35 59.63 14.96 12.18
CA ILE F 35 58.95 13.71 12.54
C ILE F 35 58.05 13.90 13.76
N LYS F 36 56.73 13.96 13.52
CA LYS F 36 55.74 14.02 14.61
C LYS F 36 55.39 12.61 15.08
N THR F 37 55.22 12.44 16.38
CA THR F 37 54.85 11.13 16.91
C THR F 37 53.46 11.17 17.55
N PHE F 38 52.63 10.20 17.20
CA PHE F 38 51.30 10.08 17.74
C PHE F 38 51.26 8.85 18.64
N GLU F 39 50.66 8.99 19.83
CA GLU F 39 50.38 7.81 20.66
C GLU F 39 48.94 7.36 20.41
N ILE F 40 48.78 6.22 19.73
CA ILE F 40 47.45 5.76 19.33
C ILE F 40 46.95 4.52 20.11
N TYR F 41 45.76 4.64 20.67
CA TYR F 41 45.10 3.55 21.38
C TYR F 41 44.78 2.40 20.42
N ARG F 42 45.22 1.19 20.78
CA ARG F 42 44.99 0.00 19.97
C ARG F 42 44.25 -1.08 20.74
N PHE F 43 43.41 -1.82 20.03
CA PHE F 43 42.73 -2.97 20.63
C PHE F 43 42.31 -3.97 19.56
N ASN F 44 42.55 -5.25 19.84
CA ASN F 44 42.23 -6.31 18.89
C ASN F 44 41.32 -7.37 19.53
N PRO F 45 40.02 -7.31 19.26
CA PRO F 45 39.09 -8.19 19.97
C PRO F 45 39.37 -9.69 19.73
N GLU F 46 40.23 -9.96 18.75
CA GLU F 46 40.48 -11.30 18.23
C GLU F 46 41.73 -11.92 18.85
N GLU F 47 42.76 -11.13 19.10
CA GLU F 47 43.96 -11.62 19.79
C GLU F 47 43.57 -12.14 21.18
N PRO F 48 43.97 -13.39 21.53
CA PRO F 48 43.46 -13.97 22.78
C PRO F 48 44.05 -13.30 24.04
N GLY F 49 43.17 -13.01 25.01
CA GLY F 49 43.56 -12.29 26.22
C GLY F 49 44.18 -10.92 25.95
N ALA F 50 43.64 -10.23 24.95
CA ALA F 50 44.20 -8.95 24.50
C ALA F 50 43.71 -7.80 25.36
N LYS F 51 44.57 -6.81 25.55
CA LYS F 51 44.25 -5.64 26.35
C LYS F 51 44.51 -4.37 25.55
N PRO F 52 43.76 -3.29 25.87
CA PRO F 52 44.10 -2.05 25.19
C PRO F 52 45.52 -1.59 25.51
N LYS F 53 46.13 -0.86 24.59
CA LYS F 53 47.43 -0.27 24.83
C LYS F 53 47.70 0.90 23.90
N LEU F 54 48.59 1.79 24.31
CA LEU F 54 49.06 2.85 23.45
C LEU F 54 50.14 2.30 22.53
N GLN F 55 50.23 2.88 21.33
CA GLN F 55 51.31 2.56 20.38
C GLN F 55 51.80 3.82 19.70
N LYS F 56 53.11 4.08 19.81
CA LYS F 56 53.74 5.23 19.18
C LYS F 56 53.91 4.96 17.69
N PHE F 57 53.58 5.95 16.86
CA PHE F 57 53.87 5.93 15.43
C PHE F 57 54.57 7.24 15.08
N ASP F 58 55.51 7.17 14.13
CA ASP F 58 56.28 8.34 13.72
C ASP F 58 55.94 8.74 12.31
N VAL F 59 55.62 10.02 12.12
CA VAL F 59 55.21 10.51 10.80
C VAL F 59 55.98 11.77 10.40
N ASP F 60 56.37 11.80 9.13
CA ASP F 60 57.07 12.93 8.54
C ASP F 60 56.06 13.94 8.03
N LEU F 61 55.88 15.02 8.79
CA LEU F 61 54.90 16.06 8.49
C LEU F 61 55.04 16.70 7.10
N ASP F 62 56.22 16.58 6.50
CA ASP F 62 56.43 17.12 5.15
C ASP F 62 55.99 16.16 4.05
N LYS F 63 55.77 14.88 4.40
CA LYS F 63 55.15 13.92 3.49
C LYS F 63 53.69 13.65 3.91
N CYS F 64 53.02 14.63 4.51
CA CYS F 64 51.68 14.41 5.10
C CYS F 64 50.74 15.59 4.99
N GLY F 65 49.45 15.27 4.87
CA GLY F 65 48.41 16.27 4.89
C GLY F 65 48.38 16.98 6.21
N THR F 66 47.76 18.14 6.21
CA THR F 66 47.75 19.05 7.36
C THR F 66 46.88 18.57 8.53
N MET F 67 45.92 17.66 8.27
CA MET F 67 44.93 17.21 9.27
C MET F 67 45.25 15.86 9.88
N VAL F 68 44.87 15.69 11.14
CA VAL F 68 45.13 14.44 11.86
C VAL F 68 44.63 13.18 11.13
N LEU F 69 43.47 13.28 10.48
CA LEU F 69 42.96 12.16 9.70
C LEU F 69 43.92 11.82 8.56
N ASP F 70 44.62 12.82 8.03
CA ASP F 70 45.62 12.55 7.01
C ASP F 70 46.74 11.69 7.60
N ALA F 71 47.10 11.92 8.85
CA ALA F 71 48.16 11.13 9.49
C ALA F 71 47.72 9.70 9.72
N LEU F 72 46.49 9.56 10.24
CA LEU F 72 45.93 8.23 10.50
C LEU F 72 45.88 7.42 9.19
N ILE F 73 45.48 8.06 8.11
CA ILE F 73 45.49 7.41 6.79
C ILE F 73 46.91 7.07 6.30
N LYS F 74 47.87 7.96 6.54
CA LYS F 74 49.25 7.73 6.12
C LYS F 74 49.81 6.53 6.86
N ILE F 75 49.60 6.53 8.17
CA ILE F 75 50.02 5.40 8.97
C ILE F 75 49.42 4.13 8.37
N LYS F 76 48.10 4.12 8.18
CA LYS F 76 47.46 2.91 7.67
C LYS F 76 48.06 2.52 6.34
N ASN F 77 48.06 3.46 5.39
CA ASN F 77 48.53 3.19 4.05
C ASN F 77 50.00 2.81 3.94
N GLU F 78 50.85 3.28 4.86
CA GLU F 78 52.30 3.11 4.71
C GLU F 78 53.00 2.35 5.85
N VAL F 79 52.61 2.60 7.10
CA VAL F 79 53.28 1.98 8.25
C VAL F 79 52.56 0.75 8.81
N ASP F 80 51.23 0.74 8.80
CA ASP F 80 50.47 -0.33 9.46
C ASP F 80 48.99 -0.41 9.04
N PRO F 81 48.65 -1.28 8.09
CA PRO F 81 47.24 -1.38 7.68
C PRO F 81 46.24 -1.99 8.70
N THR F 82 46.72 -2.47 9.85
CA THR F 82 45.81 -3.01 10.86
C THR F 82 45.19 -1.88 11.67
N LEU F 83 45.84 -0.71 11.65
CA LEU F 83 45.31 0.46 12.33
C LEU F 83 43.92 0.73 11.77
N THR F 84 42.95 0.84 12.67
CA THR F 84 41.55 0.86 12.26
C THR F 84 40.75 2.01 12.85
N PHE F 85 40.03 2.71 11.96
CA PHE F 85 39.23 3.88 12.35
C PHE F 85 38.11 4.15 11.34
N ARG F 86 37.11 4.89 11.77
CA ARG F 86 36.05 5.31 10.87
C ARG F 86 36.43 6.61 10.19
N ARG F 87 36.10 6.71 8.90
CA ARG F 87 36.20 7.95 8.15
C ARG F 87 35.42 7.82 6.86
N SER F 88 34.90 8.93 6.33
CA SER F 88 34.25 8.94 5.02
C SER F 88 34.39 10.26 4.25
N CYS F 89 33.79 11.33 4.75
CA CYS F 89 33.84 12.64 4.07
C CYS F 89 35.23 13.17 4.20
N ARG F 90 35.47 14.36 3.66
CA ARG F 90 36.79 14.94 3.78
C ARG F 90 36.76 16.35 4.40
N GLU F 91 35.60 16.78 4.89
CA GLU F 91 35.42 18.17 5.30
C GLU F 91 34.62 18.37 6.57
N GLY F 92 34.67 17.41 7.50
CA GLY F 92 33.92 17.54 8.74
C GLY F 92 32.42 17.66 8.57
N ILE F 93 31.84 16.93 7.61
CA ILE F 93 30.38 16.96 7.41
C ILE F 93 29.67 15.65 7.79
N CYS F 94 30.35 14.51 7.61
CA CYS F 94 29.74 13.19 7.80
C CYS F 94 29.47 12.81 9.26
N GLY F 95 30.39 13.16 10.14
CA GLY F 95 30.31 12.75 11.55
C GLY F 95 31.12 11.51 11.90
N SER F 96 31.52 10.73 10.91
CA SER F 96 32.11 9.39 11.14
C SER F 96 33.46 9.34 11.84
N CYS F 97 34.31 10.37 11.68
CA CYS F 97 35.70 10.29 12.18
C CYS F 97 35.89 10.85 13.61
N ALA F 98 34.82 10.96 14.37
CA ALA F 98 34.88 11.55 15.69
C ALA F 98 35.70 10.68 16.62
N MET F 99 36.53 11.30 17.46
CA MET F 99 37.44 10.61 18.35
C MET F 99 38.10 11.63 19.27
N ASN F 100 38.95 11.18 20.21
CA ASN F 100 39.60 12.08 21.19
C ASN F 100 41.09 12.40 20.87
N ILE F 101 41.37 13.66 20.58
CA ILE F 101 42.69 14.09 20.12
C ILE F 101 43.22 15.17 21.06
N ALA F 102 44.40 14.92 21.64
CA ALA F 102 44.99 15.82 22.64
C ALA F 102 44.03 16.13 23.79
N GLY F 103 43.34 15.10 24.28
CA GLY F 103 42.41 15.25 25.42
C GLY F 103 40.99 15.71 25.06
N GLU F 104 40.76 16.10 23.81
CA GLU F 104 39.51 16.72 23.39
C GLU F 104 38.78 15.87 22.33
N ASN F 105 37.46 15.83 22.42
CA ASN F 105 36.62 15.17 21.40
C ASN F 105 36.45 16.08 20.18
N THR F 106 36.76 15.54 19.00
CA THR F 106 36.69 16.33 17.79
C THR F 106 36.71 15.44 16.53
N LEU F 107 36.71 16.09 15.37
CA LEU F 107 36.75 15.40 14.11
C LEU F 107 38.18 15.35 13.60
N ALA F 108 38.72 14.16 13.46
CA ALA F 108 40.08 14.00 12.95
C ALA F 108 40.28 14.74 11.61
N CYS F 109 39.22 14.87 10.82
CA CYS F 109 39.33 15.36 9.44
C CYS F 109 39.49 16.89 9.35
N ILE F 110 39.10 17.61 10.41
CA ILE F 110 39.28 19.07 10.47
C ILE F 110 40.07 19.54 11.71
N CYS F 111 40.75 18.62 12.37
CA CYS F 111 41.63 18.96 13.49
C CYS F 111 43.04 19.04 12.93
N ASN F 112 43.65 20.21 13.01
CA ASN F 112 45.01 20.39 12.50
C ASN F 112 45.97 19.62 13.35
N ILE F 113 46.91 18.96 12.68
CA ILE F 113 48.05 18.39 13.37
C ILE F 113 48.78 19.56 14.04
N ASP F 114 49.23 19.36 15.27
CA ASP F 114 50.08 20.34 15.94
C ASP F 114 51.51 20.08 15.48
N GLN F 115 52.10 21.06 14.78
CA GLN F 115 53.35 20.82 14.05
C GLN F 115 54.62 20.86 14.94
N ASN F 116 54.40 20.92 16.25
CA ASN F 116 55.43 20.96 17.26
C ASN F 116 55.84 19.53 17.58
N THR F 117 56.92 19.09 16.95
CA THR F 117 57.39 17.71 17.10
C THR F 117 58.08 17.38 18.43
N SER F 118 58.09 18.30 19.38
CA SER F 118 58.56 17.98 20.73
C SER F 118 57.38 17.51 21.60
N LYS F 119 56.17 17.89 21.21
CA LYS F 119 54.93 17.33 21.76
C LYS F 119 54.58 16.05 20.99
N THR F 120 53.86 15.14 21.65
CA THR F 120 53.27 13.97 20.98
C THR F 120 51.75 14.03 21.15
N THR F 121 51.01 13.78 20.08
CA THR F 121 49.56 13.83 20.16
C THR F 121 49.03 12.44 20.51
N LYS F 122 48.37 12.35 21.66
CA LYS F 122 47.69 11.15 22.08
C LYS F 122 46.32 11.09 21.39
N ILE F 123 45.93 9.88 20.98
CA ILE F 123 44.69 9.65 20.27
C ILE F 123 43.93 8.44 20.84
N TYR F 124 42.75 8.68 21.38
CA TYR F 124 41.90 7.62 21.93
C TYR F 124 40.57 7.60 21.21
N PRO F 125 39.79 6.51 21.38
CA PRO F 125 38.43 6.50 20.86
C PRO F 125 37.52 7.43 21.67
N LEU F 126 36.27 7.59 21.24
CA LEU F 126 35.35 8.44 21.99
C LEU F 126 35.28 7.92 23.44
N PRO F 127 35.42 8.81 24.43
CA PRO F 127 35.46 8.34 25.81
C PRO F 127 34.23 7.56 26.30
N HIS F 128 34.51 6.48 27.01
CA HIS F 128 33.50 5.70 27.74
C HIS F 128 32.56 4.90 26.86
N MET F 129 32.93 4.67 25.61
CA MET F 129 32.17 3.78 24.76
C MET F 129 32.84 2.42 24.76
N PHE F 130 32.04 1.38 24.68
CA PHE F 130 32.56 0.03 24.49
C PHE F 130 33.24 0.01 23.14
N VAL F 131 34.54 -0.29 23.10
CA VAL F 131 35.24 -0.28 21.80
C VAL F 131 35.09 -1.63 21.11
N ILE F 132 34.88 -1.57 19.80
CA ILE F 132 34.81 -2.74 18.97
C ILE F 132 36.25 -3.12 18.60
N LYS F 133 37.00 -2.15 18.09
CA LYS F 133 38.38 -2.36 17.69
C LYS F 133 39.10 -1.02 17.50
N ASP F 134 40.30 -0.91 18.07
CA ASP F 134 41.16 0.27 17.93
C ASP F 134 40.39 1.52 18.28
N LEU F 135 40.12 2.37 17.28
CA LEU F 135 39.44 3.65 17.48
C LEU F 135 37.97 3.60 17.04
N VAL F 136 37.43 2.38 16.92
CA VAL F 136 36.07 2.18 16.43
C VAL F 136 35.13 1.75 17.56
N PRO F 137 34.38 2.71 18.16
CA PRO F 137 33.48 2.40 19.27
C PRO F 137 32.13 1.84 18.83
N ASP F 138 31.45 1.14 19.73
CA ASP F 138 30.07 0.74 19.44
C ASP F 138 29.20 1.96 19.58
N MET F 139 28.43 2.22 18.53
CA MET F 139 27.79 3.49 18.33
C MET F 139 26.29 3.37 18.43
N ASN F 140 25.82 2.20 18.87
CA ASN F 140 24.42 1.80 18.67
C ASN F 140 23.45 2.34 19.69
N LEU F 141 23.90 2.49 20.93
CA LEU F 141 23.02 3.06 21.94
C LEU F 141 22.71 4.50 21.54
N PHE F 142 23.74 5.18 21.03
CA PHE F 142 23.59 6.53 20.52
C PHE F 142 22.46 6.59 19.49
N TYR F 143 22.51 5.68 18.54
CA TYR F 143 21.54 5.62 17.48
C TYR F 143 20.15 5.33 18.00
N ALA F 144 20.06 4.35 18.89
CA ALA F 144 18.78 3.94 19.48
C ALA F 144 18.12 5.12 20.19
N GLN F 145 18.88 5.78 21.06
CA GLN F 145 18.39 6.96 21.77
C GLN F 145 17.87 8.04 20.81
N TYR F 146 18.58 8.23 19.71
CA TYR F 146 18.15 9.15 18.67
C TYR F 146 16.75 8.78 18.12
N ALA F 147 16.59 7.54 17.70
CA ALA F 147 15.27 7.06 17.26
C ALA F 147 14.19 7.35 18.29
N SER F 148 14.51 7.20 19.58
CA SER F 148 13.50 7.32 20.65
C SER F 148 12.75 8.67 20.65
N ILE F 149 13.42 9.73 20.18
CA ILE F 149 12.84 11.07 20.17
C ILE F 149 11.87 11.29 18.98
N GLN F 150 11.92 10.37 18.01
CA GLN F 150 11.04 10.40 16.84
C GLN F 150 11.33 11.61 15.95
N PRO F 151 12.48 11.59 15.25
CA PRO F 151 12.91 12.73 14.46
C PRO F 151 12.27 12.74 13.06
N TRP F 152 10.98 13.02 13.01
CA TRP F 152 10.25 13.19 11.76
C TRP F 152 9.15 14.14 12.09
N LEU F 153 8.59 14.81 11.08
CA LEU F 153 7.55 15.80 11.33
C LEU F 153 6.24 15.09 11.67
N GLN F 154 5.53 15.64 12.65
CA GLN F 154 4.27 15.10 13.12
C GLN F 154 3.19 16.18 13.17
N LYS F 155 2.06 15.86 12.57
CA LYS F 155 0.95 16.79 12.49
C LYS F 155 -0.26 16.18 13.17
N LYS F 156 -1.00 16.99 13.93
CA LYS F 156 -2.22 16.50 14.58
C LYS F 156 -3.33 16.36 13.53
N THR F 157 -3.59 17.43 12.76
CA THR F 157 -4.49 17.36 11.59
C THR F 157 -3.73 16.72 10.42
N LYS F 158 -3.99 15.44 10.19
CA LYS F 158 -3.31 14.71 9.11
C LYS F 158 -3.39 15.48 7.79
N ILE F 159 -2.26 15.53 7.06
CA ILE F 159 -2.11 16.41 5.89
C ILE F 159 -1.87 15.59 4.62
N ASN F 160 -2.04 16.24 3.48
CA ASN F 160 -1.96 15.60 2.17
C ASN F 160 -0.53 15.66 1.61
N LEU F 161 0.09 14.50 1.48
CA LEU F 161 1.54 14.42 1.43
C LEU F 161 2.19 15.24 0.33
N GLY F 162 1.85 14.96 -0.92
CA GLY F 162 2.40 15.73 -2.03
C GLY F 162 1.97 17.18 -2.03
N GLU F 163 0.65 17.40 -2.01
CA GLU F 163 0.02 18.67 -2.38
C GLU F 163 0.82 19.95 -2.14
N LYS F 164 0.89 20.45 -0.90
CA LYS F 164 1.37 21.82 -0.68
C LYS F 164 2.45 22.01 0.42
N GLN F 165 3.21 23.10 0.25
CA GLN F 165 4.19 23.51 1.24
C GLN F 165 3.47 24.01 2.48
N GLN F 166 4.12 23.86 3.62
CA GLN F 166 3.60 24.40 4.84
C GLN F 166 4.23 25.75 5.05
N TYR F 167 3.43 26.70 5.52
CA TYR F 167 3.93 28.02 5.83
C TYR F 167 5.01 27.94 6.92
N GLN F 168 6.01 28.81 6.84
CA GLN F 168 6.90 29.07 7.97
C GLN F 168 7.66 30.38 7.82
N SER F 169 7.50 31.27 8.78
CA SER F 169 8.18 32.55 8.69
C SER F 169 9.70 32.34 8.73
N ILE F 170 10.44 33.30 8.22
CA ILE F 170 11.90 33.29 8.29
C ILE F 170 12.33 33.19 9.75
N LYS F 171 11.69 34.00 10.59
CA LYS F 171 11.92 34.02 12.04
C LYS F 171 11.76 32.62 12.65
N GLU F 172 10.69 31.93 12.24
CA GLU F 172 10.32 30.64 12.79
C GLU F 172 11.33 29.54 12.44
N GLN F 173 11.72 29.44 11.17
CA GLN F 173 12.74 28.45 10.76
C GLN F 173 14.12 28.85 11.28
N GLU F 174 14.37 30.14 11.46
CA GLU F 174 15.66 30.60 11.98
C GLU F 174 15.86 30.17 13.45
N LYS F 175 14.81 29.65 14.08
CA LYS F 175 14.93 29.03 15.39
C LYS F 175 15.66 27.69 15.29
N LEU F 176 15.56 27.06 14.12
CA LEU F 176 16.24 25.79 13.85
C LEU F 176 17.73 25.98 13.52
N ASP F 177 18.21 27.23 13.55
CA ASP F 177 19.64 27.49 13.34
C ASP F 177 20.37 27.16 14.62
N GLY F 178 21.56 26.57 14.50
CA GLY F 178 22.27 25.97 15.64
C GLY F 178 21.76 24.58 16.04
N LEU F 179 20.74 24.07 15.34
CA LEU F 179 20.07 22.83 15.69
C LEU F 179 20.15 21.82 14.55
N TYR F 180 19.70 22.20 13.36
CA TYR F 180 19.66 21.28 12.21
C TYR F 180 21.04 20.83 11.76
N GLU F 181 22.06 21.58 12.14
CA GLU F 181 23.41 21.38 11.61
C GLU F 181 24.17 20.21 12.25
N CYS F 182 23.62 19.67 13.34
CA CYS F 182 24.19 18.50 14.00
C CYS F 182 24.47 17.38 13.01
N ILE F 183 25.68 16.83 13.04
CA ILE F 183 26.08 15.72 12.18
C ILE F 183 26.08 14.38 12.91
N LEU F 184 25.58 14.38 14.15
CA LEU F 184 25.48 13.17 14.95
C LEU F 184 26.84 12.51 15.10
N CYS F 185 27.84 13.27 15.55
CA CYS F 185 29.21 12.73 15.67
C CYS F 185 29.48 12.21 17.08
N ALA F 186 28.67 12.69 18.03
CA ALA F 186 28.65 12.20 19.40
C ALA F 186 29.86 12.65 20.23
N CYS F 187 30.56 13.67 19.76
CA CYS F 187 31.65 14.27 20.55
C CYS F 187 31.09 14.86 21.85
N CYS F 188 29.94 15.52 21.76
CA CYS F 188 29.36 16.17 22.89
C CYS F 188 28.96 15.14 23.93
N SER F 189 28.23 14.12 23.50
CA SER F 189 27.74 13.10 24.42
C SER F 189 28.91 12.36 25.07
N ALA F 190 29.93 12.03 24.29
CA ALA F 190 31.13 11.33 24.77
C ALA F 190 32.05 12.22 25.61
N SER F 191 31.68 13.48 25.80
CA SER F 191 32.40 14.36 26.70
C SER F 191 31.65 14.59 27.99
N CYS F 192 30.39 14.11 28.07
CA CYS F 192 29.51 14.45 29.20
C CYS F 192 29.65 13.44 30.35
N PRO F 193 30.22 13.88 31.48
CA PRO F 193 30.38 12.90 32.54
C PRO F 193 29.06 12.31 32.98
N SER F 194 28.01 13.13 32.95
CA SER F 194 26.68 12.64 33.30
C SER F 194 26.25 11.54 32.31
N TYR F 195 26.60 11.71 31.05
CA TYR F 195 26.37 10.66 30.06
C TYR F 195 27.30 9.44 30.26
N TRP F 196 28.53 9.66 30.75
CA TRP F 196 29.45 8.55 30.99
C TRP F 196 28.83 7.57 31.99
N TRP F 197 28.20 8.09 33.05
CA TRP F 197 27.71 7.25 34.15
C TRP F 197 26.37 6.57 33.86
N ASN F 198 25.47 7.29 33.19
CA ASN F 198 24.12 6.79 33.03
C ASN F 198 23.59 6.94 31.62
N ALA F 199 24.42 6.54 30.66
CA ALA F 199 24.03 6.59 29.25
C ALA F 199 22.80 5.73 28.99
N ASP F 200 22.53 4.72 29.81
CA ASP F 200 21.34 3.92 29.61
C ASP F 200 20.05 4.64 30.00
N LYS F 201 20.17 5.74 30.75
CA LYS F 201 18.99 6.50 31.22
C LYS F 201 18.97 8.02 30.86
N TYR F 202 20.13 8.66 30.77
CA TYR F 202 20.27 10.06 30.31
C TYR F 202 20.45 10.05 28.81
N LEU F 203 19.61 10.78 28.08
CA LEU F 203 19.64 10.74 26.61
C LEU F 203 20.92 11.35 26.05
N GLY F 204 21.54 12.25 26.80
CA GLY F 204 22.77 12.88 26.37
C GLY F 204 22.49 14.12 25.53
N PRO F 205 23.49 15.01 25.42
CA PRO F 205 23.33 16.30 24.74
C PRO F 205 22.93 16.22 23.26
N ALA F 206 23.60 15.41 22.47
CA ALA F 206 23.28 15.35 21.04
C ALA F 206 21.80 15.04 20.87
N VAL F 207 21.34 13.98 21.50
CA VAL F 207 19.95 13.55 21.32
C VAL F 207 18.95 14.57 21.87
N LEU F 208 19.27 15.19 22.99
CA LEU F 208 18.38 16.19 23.59
C LEU F 208 18.23 17.39 22.68
N MET F 209 19.34 17.84 22.10
CA MET F 209 19.30 18.92 21.16
C MET F 209 18.49 18.58 19.92
N GLN F 210 18.55 17.33 19.46
CA GLN F 210 17.71 16.93 18.34
C GLN F 210 16.26 16.91 18.78
N ALA F 211 16.03 16.60 20.04
CA ALA F 211 14.68 16.57 20.56
C ALA F 211 14.16 18.00 20.61
N TYR F 212 15.02 18.94 21.01
CA TYR F 212 14.65 20.35 20.99
C TYR F 212 14.41 20.87 19.54
N ARG F 213 15.24 20.45 18.58
CA ARG F 213 15.09 20.83 17.15
C ARG F 213 13.69 20.56 16.65
N TRP F 214 13.11 19.44 17.05
CA TRP F 214 11.77 19.13 16.63
C TRP F 214 10.75 19.90 17.47
N ILE F 215 11.04 20.10 18.74
CA ILE F 215 10.12 20.75 19.64
C ILE F 215 9.90 22.25 19.34
N ILE F 216 10.92 23.01 18.94
CA ILE F 216 10.66 24.42 18.55
C ILE F 216 10.29 24.58 17.07
N ASP F 217 10.25 23.50 16.30
CA ASP F 217 9.84 23.60 14.89
C ASP F 217 8.36 23.94 14.84
N SER F 218 8.06 25.18 14.44
CA SER F 218 6.70 25.70 14.39
C SER F 218 5.75 24.84 13.56
N ARG F 219 6.28 24.13 12.57
CA ARG F 219 5.46 23.28 11.72
C ARG F 219 5.09 21.97 12.41
N ASP F 220 5.69 21.69 13.59
CA ASP F 220 5.44 20.42 14.28
C ASP F 220 4.45 20.62 15.41
N ASP F 221 3.49 19.69 15.52
CA ASP F 221 2.38 19.83 16.47
C ASP F 221 2.58 19.13 17.82
N SER F 222 3.47 18.14 17.87
CA SER F 222 3.62 17.25 19.04
C SER F 222 4.47 17.75 20.21
N ALA F 223 4.76 19.04 20.28
CA ALA F 223 5.58 19.55 21.41
C ALA F 223 5.30 18.84 22.76
N ALA F 224 4.03 18.65 23.10
CA ALA F 224 3.64 18.03 24.39
C ALA F 224 4.01 16.56 24.49
N GLU F 225 3.63 15.76 23.51
CA GLU F 225 3.98 14.33 23.51
C GLU F 225 5.48 14.12 23.45
N ARG F 226 6.18 15.06 22.84
CA ARG F 226 7.63 15.05 22.80
C ARG F 226 8.18 15.37 24.18
N LEU F 227 7.63 16.40 24.81
CA LEU F 227 8.09 16.83 26.14
C LEU F 227 7.77 15.82 27.22
N ALA F 228 6.68 15.06 27.02
CA ALA F 228 6.26 14.03 27.97
C ALA F 228 7.28 12.89 28.05
N ARG F 229 7.90 12.55 26.92
CA ARG F 229 8.90 11.48 26.85
C ARG F 229 10.23 11.77 27.58
N MET F 230 10.39 12.96 28.15
CA MET F 230 11.58 13.29 28.95
C MET F 230 11.21 13.88 30.32
N GLN F 231 9.99 13.59 30.75
CA GLN F 231 9.44 14.13 32.00
C GLN F 231 9.87 13.32 33.24
N ASP F 232 10.64 12.25 33.05
CA ASP F 232 11.16 11.47 34.20
C ASP F 232 12.37 12.19 34.80
N GLY F 233 13.02 11.56 35.78
CA GLY F 233 14.14 12.20 36.47
C GLY F 233 15.50 12.10 35.80
N PHE F 234 15.59 11.28 34.76
CA PHE F 234 16.87 10.95 34.13
C PHE F 234 16.97 11.44 32.68
N SER F 235 16.02 11.00 31.86
CA SER F 235 15.99 11.29 30.43
C SER F 235 16.66 12.61 30.03
N ALA F 236 16.17 13.73 30.55
CA ALA F 236 16.79 15.04 30.30
C ALA F 236 17.24 15.75 31.57
N PHE F 237 16.67 15.40 32.73
CA PHE F 237 17.00 16.14 33.93
C PHE F 237 18.31 15.72 34.54
N LYS F 238 18.96 14.69 34.03
CA LYS F 238 20.32 14.38 34.53
C LYS F 238 21.43 15.26 33.93
N CYS F 239 21.07 16.27 33.15
CA CYS F 239 22.01 17.28 32.72
C CYS F 239 22.40 18.17 33.90
N HIS F 240 23.63 18.02 34.40
CA HIS F 240 24.12 18.83 35.51
C HIS F 240 24.85 20.10 35.06
N THR F 241 24.43 20.65 33.92
CA THR F 241 25.01 21.87 33.37
C THR F 241 26.55 21.90 33.52
N ILE F 242 27.22 20.83 33.10
CA ILE F 242 28.68 20.75 33.13
C ILE F 242 29.33 21.52 31.99
N MET F 243 28.67 21.57 30.83
CA MET F 243 29.03 22.47 29.72
C MET F 243 30.24 22.02 28.90
N ASN F 244 30.63 20.75 29.03
CA ASN F 244 31.61 20.14 28.12
C ASN F 244 31.05 19.97 26.73
N CYS F 245 29.76 19.69 26.62
CA CYS F 245 29.13 19.43 25.32
C CYS F 245 29.33 20.61 24.38
N THR F 246 29.03 21.80 24.87
CA THR F 246 29.13 23.01 24.10
C THR F 246 30.59 23.41 23.87
N LYS F 247 31.46 23.16 24.84
CA LYS F 247 32.88 23.47 24.66
C LYS F 247 33.53 22.64 23.55
N THR F 248 33.06 21.41 23.35
CA THR F 248 33.75 20.47 22.46
C THR F 248 33.13 20.33 21.07
N CYS F 249 31.94 20.88 20.87
CA CYS F 249 31.25 20.65 19.60
C CYS F 249 32.05 21.16 18.40
N PRO F 250 32.51 20.25 17.52
CA PRO F 250 33.33 20.74 16.41
C PRO F 250 32.55 21.54 15.38
N LYS F 251 31.22 21.55 15.47
CA LYS F 251 30.42 22.43 14.63
C LYS F 251 29.94 23.69 15.37
N HIS F 252 30.54 23.98 16.52
CA HIS F 252 30.23 25.19 17.30
C HIS F 252 28.72 25.35 17.56
N LEU F 253 28.05 24.26 17.91
CA LEU F 253 26.66 24.32 18.30
C LEU F 253 26.58 24.31 19.82
N ASN F 254 25.38 24.52 20.35
CA ASN F 254 25.20 24.72 21.80
C ASN F 254 24.11 23.83 22.36
N PRO F 255 24.45 22.56 22.63
CA PRO F 255 23.52 21.63 23.26
C PRO F 255 23.08 22.06 24.67
N ALA F 256 24.00 22.62 25.43
CA ALA F 256 23.68 23.11 26.77
C ALA F 256 22.44 24.03 26.75
N ARG F 257 22.44 25.01 25.85
CA ARG F 257 21.32 25.95 25.71
C ARG F 257 20.03 25.21 25.37
N ALA F 258 20.10 24.32 24.39
CA ALA F 258 18.95 23.48 24.03
C ALA F 258 18.37 22.75 25.24
N ILE F 259 19.25 22.26 26.12
CA ILE F 259 18.79 21.48 27.27
C ILE F 259 18.12 22.42 28.27
N GLY F 260 18.78 23.53 28.59
CA GLY F 260 18.18 24.59 29.39
C GLY F 260 16.77 24.94 28.89
N GLU F 261 16.64 25.00 27.57
CA GLU F 261 15.39 25.39 26.95
C GLU F 261 14.33 24.30 27.15
N ILE F 262 14.77 23.04 27.19
CA ILE F 262 13.87 21.88 27.40
C ILE F 262 13.41 21.81 28.86
N LYS F 263 14.34 22.07 29.77
CA LYS F 263 14.03 22.13 31.18
C LYS F 263 12.97 23.21 31.46
N MET F 264 13.15 24.38 30.87
CA MET F 264 12.19 25.48 30.99
C MET F 264 10.82 25.12 30.41
N LEU F 265 10.80 24.25 29.40
CA LEU F 265 9.54 23.77 28.87
C LEU F 265 8.96 22.71 29.79
N LEU F 266 9.80 21.84 30.32
CA LEU F 266 9.36 20.76 31.22
C LEU F 266 8.78 21.29 32.52
N THR F 267 9.45 22.28 33.09
CA THR F 267 9.02 22.94 34.30
C THR F 267 7.78 23.82 34.05
N LYS F 268 7.55 24.13 32.77
CA LYS F 268 6.50 25.04 32.32
C LYS F 268 6.80 26.48 32.69
N MET F 269 8.08 26.82 32.80
CA MET F 269 8.50 28.21 32.92
C MET F 269 8.26 28.94 31.59
N LYS F 270 8.61 28.28 30.49
CA LYS F 270 8.27 28.72 29.13
C LYS F 270 7.23 27.78 28.51
N THR F 271 6.75 28.17 27.33
CA THR F 271 5.80 27.38 26.55
C THR F 271 6.04 27.61 25.06
N LYS F 272 5.84 26.58 24.25
CA LYS F 272 6.04 26.69 22.80
C LYS F 272 5.05 27.69 22.22
N PRO F 273 5.56 28.77 21.60
CA PRO F 273 4.65 29.66 20.91
C PRO F 273 3.83 28.92 19.86
N ALA F 274 2.64 29.44 19.58
CA ALA F 274 1.78 28.84 18.58
C ALA F 274 2.37 29.18 17.22
N PRO F 275 2.10 28.33 16.20
CA PRO F 275 2.56 28.75 14.87
C PRO F 275 1.89 30.06 14.46
N LEU F 276 2.62 30.93 13.78
CA LEU F 276 2.01 32.06 13.10
C LEU F 276 0.97 31.49 12.12
N PRO F 277 -0.12 32.24 11.89
CA PRO F 277 -1.20 31.71 11.04
C PRO F 277 -0.82 31.68 9.57
N THR F 278 -1.06 30.54 8.93
CA THR F 278 -0.73 30.34 7.52
C THR F 278 -1.60 31.23 6.60
N PRO F 279 -1.07 32.41 6.15
CA PRO F 279 -1.90 33.45 5.50
C PRO F 279 -2.86 32.93 4.42
N ALA F 280 -3.99 33.63 4.27
CA ALA F 280 -5.12 33.14 3.47
C ALA F 280 -4.83 32.95 1.98
N ASN F 281 -3.89 33.74 1.45
CA ASN F 281 -3.50 33.65 0.03
C ASN F 281 -2.53 32.49 -0.28
N PHE F 282 -1.48 32.36 0.54
CA PHE F 282 -0.48 31.28 0.49
C PHE F 282 -1.00 30.00 -0.17
N GLU G 34 9.74 2.61 37.19
CA GLU G 34 9.20 2.55 35.79
C GLU G 34 10.12 3.28 34.82
N LYS G 35 10.80 2.52 33.96
CA LYS G 35 11.68 3.06 32.93
C LYS G 35 10.91 3.27 31.63
N THR G 36 11.27 4.30 30.86
CA THR G 36 10.78 4.41 29.49
C THR G 36 11.36 3.29 28.63
N PRO G 37 10.69 2.97 27.50
CA PRO G 37 11.18 1.84 26.70
C PRO G 37 12.65 1.97 26.25
N ILE G 38 13.09 3.20 25.94
CA ILE G 38 14.50 3.43 25.56
C ILE G 38 15.48 3.15 26.71
N GLN G 39 15.06 3.48 27.93
CA GLN G 39 15.82 3.09 29.11
C GLN G 39 15.82 1.57 29.32
N VAL G 40 14.73 0.90 28.96
CA VAL G 40 14.71 -0.56 29.03
C VAL G 40 15.67 -1.12 27.99
N TRP G 41 15.58 -0.57 26.78
CA TRP G 41 16.49 -0.94 25.70
C TRP G 41 17.94 -0.67 26.08
N GLY G 42 18.18 0.51 26.64
CA GLY G 42 19.52 0.91 27.07
C GLY G 42 20.14 -0.09 28.02
N TRP G 43 19.35 -0.54 29.00
CA TRP G 43 19.86 -1.47 30.00
C TRP G 43 20.30 -2.77 29.35
N ASP G 44 19.46 -3.35 28.50
CA ASP G 44 19.81 -4.61 27.85
C ASP G 44 21.00 -4.46 26.95
N TYR G 45 21.16 -3.27 26.36
CA TYR G 45 22.38 -2.95 25.61
C TYR G 45 23.62 -3.05 26.52
N LEU G 46 23.55 -2.44 27.70
CA LEU G 46 24.68 -2.52 28.61
C LEU G 46 25.04 -3.97 28.90
N MET G 47 24.02 -4.80 29.08
CA MET G 47 24.24 -6.22 29.37
C MET G 47 24.79 -6.97 28.14
N ARG G 48 24.29 -6.64 26.97
CA ARG G 48 24.77 -7.23 25.72
C ARG G 48 26.28 -6.93 25.54
N GLN G 49 26.71 -5.74 25.97
CA GLN G 49 28.11 -5.31 25.83
C GLN G 49 29.00 -5.90 26.91
N ARG G 50 28.49 -5.97 28.12
CA ARG G 50 29.18 -6.67 29.21
C ARG G 50 29.50 -8.14 28.83
N ALA G 51 28.57 -8.79 28.15
CA ALA G 51 28.72 -10.17 27.71
C ALA G 51 29.78 -10.32 26.63
N LEU G 52 29.83 -9.39 25.68
CA LEU G 52 30.88 -9.41 24.65
C LEU G 52 32.28 -9.14 25.24
N LYS G 53 32.35 -8.62 26.47
CA LYS G 53 33.59 -8.39 27.20
C LYS G 53 34.50 -7.34 26.52
N ARG G 54 33.86 -6.32 25.95
CA ARG G 54 34.56 -5.24 25.27
C ARG G 54 35.09 -4.24 26.29
N PRO G 55 36.31 -3.74 26.07
CA PRO G 55 36.82 -2.75 27.01
C PRO G 55 36.06 -1.43 26.87
N ILE G 56 35.93 -0.70 27.96
CA ILE G 56 35.36 0.64 27.91
C ILE G 56 36.47 1.64 27.66
N ALA G 57 36.28 2.49 26.64
CA ALA G 57 37.28 3.49 26.27
C ALA G 57 37.51 4.40 27.44
N PRO G 58 38.78 4.74 27.72
CA PRO G 58 39.09 5.56 28.89
C PRO G 58 38.50 6.98 28.80
N HIS G 59 38.41 7.63 29.95
CA HIS G 59 37.65 8.88 30.06
C HIS G 59 38.25 9.87 31.03
N LEU G 60 38.21 9.56 32.33
CA LEU G 60 38.73 10.47 33.36
C LEU G 60 40.19 10.71 33.19
N THR G 61 40.91 9.63 32.89
CA THR G 61 42.36 9.64 32.90
C THR G 61 42.95 10.35 31.69
N ILE G 62 42.15 10.54 30.65
CA ILE G 62 42.63 11.10 29.39
C ILE G 62 41.98 12.43 28.98
N TYR G 63 40.84 12.79 29.55
CA TYR G 63 40.19 13.99 29.08
C TYR G 63 40.97 15.23 29.54
N LYS G 64 40.98 16.26 28.72
CA LYS G 64 41.70 17.49 29.05
C LYS G 64 40.99 18.23 30.16
N PRO G 65 41.73 18.69 31.17
CA PRO G 65 41.10 19.55 32.16
C PRO G 65 40.64 20.89 31.56
N GLN G 66 39.43 21.31 31.93
CA GLN G 66 38.85 22.53 31.40
C GLN G 66 37.96 23.17 32.46
N MET G 67 37.66 24.45 32.28
CA MET G 67 36.92 25.23 33.28
C MET G 67 35.44 24.89 33.32
N THR G 68 34.95 24.23 32.28
CA THR G 68 33.59 23.69 32.29
C THR G 68 33.39 22.69 33.44
N TRP G 69 34.10 21.56 33.39
CA TRP G 69 33.93 20.46 34.36
C TRP G 69 34.76 20.56 35.64
N MET G 70 35.93 21.22 35.60
CA MET G 70 36.71 21.46 36.82
C MET G 70 35.87 22.26 37.84
N VAL G 71 35.14 23.26 37.34
CA VAL G 71 34.28 24.09 38.17
C VAL G 71 33.00 23.35 38.55
N SER G 72 32.45 22.55 37.62
CA SER G 72 31.35 21.66 37.99
C SER G 72 31.78 20.72 39.11
N GLY G 73 32.97 20.14 38.97
CA GLY G 73 33.50 19.19 39.96
C GLY G 73 33.65 19.84 41.32
N LEU G 74 34.14 21.06 41.32
CA LEU G 74 34.28 21.84 42.54
C LEU G 74 32.92 22.16 43.17
N HIS G 75 31.89 22.36 42.36
CA HIS G 75 30.54 22.54 42.88
C HIS G 75 30.01 21.27 43.56
N ARG G 76 30.36 20.11 43.03
CA ARG G 76 29.96 18.85 43.66
C ARG G 76 30.76 18.59 44.94
N VAL G 77 32.07 18.81 44.87
CA VAL G 77 32.93 18.53 46.01
C VAL G 77 32.60 19.46 47.18
N THR G 78 32.53 20.76 46.93
CA THR G 78 32.10 21.72 47.95
C THR G 78 30.81 21.28 48.62
N GLY G 79 29.79 21.04 47.80
CA GLY G 79 28.47 20.62 48.30
C GLY G 79 28.55 19.41 49.21
N CYS G 80 29.24 18.38 48.76
CA CYS G 80 29.34 17.15 49.53
C CYS G 80 30.24 17.32 50.76
N ALA G 81 31.34 18.04 50.60
CA ALA G 81 32.22 18.34 51.72
C ALA G 81 31.44 19.02 52.84
N MET G 82 30.56 19.95 52.46
CA MET G 82 29.75 20.69 53.43
C MET G 82 28.63 19.83 53.99
N ALA G 83 28.02 19.02 53.14
CA ALA G 83 26.95 18.11 53.60
C ALA G 83 27.53 17.12 54.59
N GLY G 84 28.68 16.54 54.24
CA GLY G 84 29.42 15.65 55.12
C GLY G 84 29.79 16.32 56.44
N THR G 85 30.20 17.58 56.38
CA THR G 85 30.63 18.32 57.57
C THR G 85 29.49 18.53 58.57
N LEU G 86 28.33 18.96 58.09
CA LEU G 86 27.18 19.14 58.95
C LEU G 86 26.72 17.83 59.60
N LEU G 87 26.92 16.72 58.89
CA LEU G 87 26.58 15.41 59.41
C LEU G 87 27.54 15.00 60.51
N ILE G 88 28.84 15.09 60.24
CA ILE G 88 29.87 14.69 61.22
C ILE G 88 29.75 15.57 62.47
N GLY G 89 29.65 16.88 62.26
CA GLY G 89 29.50 17.82 63.36
C GLY G 89 28.19 17.62 64.10
N GLY G 90 27.10 17.50 63.36
CA GLY G 90 25.77 17.42 63.97
C GLY G 90 25.57 16.16 64.79
N VAL G 91 25.78 15.01 64.16
CA VAL G 91 25.68 13.72 64.84
C VAL G 91 26.87 13.51 65.78
N GLY G 92 28.05 14.01 65.41
CA GLY G 92 29.25 13.84 66.23
C GLY G 92 29.12 14.45 67.62
N PHE G 93 28.88 15.76 67.66
CA PHE G 93 28.76 16.48 68.94
C PHE G 93 27.54 16.03 69.73
N SER G 94 26.49 15.66 69.01
CA SER G 94 25.31 15.10 69.61
C SER G 94 25.62 13.80 70.37
N VAL G 95 26.16 12.81 69.66
CA VAL G 95 26.35 11.46 70.22
C VAL G 95 27.53 11.36 71.19
N LEU G 96 28.47 12.30 71.11
CA LEU G 96 29.62 12.30 72.02
C LEU G 96 29.34 13.08 73.30
N PRO G 97 29.93 12.62 74.44
CA PRO G 97 30.00 13.37 75.70
C PRO G 97 30.47 14.81 75.50
N LEU G 98 31.55 14.96 74.72
CA LEU G 98 32.04 16.28 74.30
C LEU G 98 30.91 17.15 73.74
N ASP G 99 30.88 18.41 74.18
CA ASP G 99 29.99 19.42 73.59
C ASP G 99 30.83 20.33 72.71
N PHE G 100 30.21 21.35 72.10
CA PHE G 100 30.93 22.24 71.21
C PHE G 100 31.76 23.27 71.97
N THR G 101 31.17 23.88 72.98
CA THR G 101 31.81 24.97 73.72
C THR G 101 33.15 24.54 74.34
N THR G 102 33.24 23.28 74.75
CA THR G 102 34.50 22.73 75.26
C THR G 102 35.46 22.40 74.12
N PHE G 103 34.94 22.06 72.94
CA PHE G 103 35.77 21.88 71.75
C PHE G 103 36.43 23.20 71.30
N VAL G 104 35.73 24.32 71.49
CA VAL G 104 36.27 25.64 71.14
C VAL G 104 37.35 26.08 72.16
N GLU G 105 37.32 25.47 73.35
CA GLU G 105 38.35 25.69 74.38
C GLU G 105 39.65 24.95 74.03
N PHE G 106 39.50 23.70 73.57
CA PHE G 106 40.64 22.85 73.20
C PHE G 106 41.49 23.51 72.12
N ILE G 107 40.81 24.00 71.07
CA ILE G 107 41.49 24.70 69.97
C ILE G 107 42.06 26.07 70.41
N ARG G 108 41.32 26.79 71.27
CA ARG G 108 41.80 28.04 71.85
C ARG G 108 43.15 27.82 72.55
N GLY G 109 43.17 26.87 73.48
CA GLY G 109 44.34 26.58 74.31
C GLY G 109 45.57 26.12 73.54
N LEU G 110 45.38 25.51 72.37
CA LEU G 110 46.50 25.19 71.47
C LEU G 110 47.16 26.47 70.97
N GLY G 111 46.39 27.55 70.86
CA GLY G 111 46.92 28.90 70.67
C GLY G 111 47.48 29.25 69.30
N ILE G 112 47.43 28.28 68.37
CA ILE G 112 48.10 28.38 67.05
C ILE G 112 47.97 29.77 66.35
N PRO G 113 48.97 30.14 65.49
CA PRO G 113 49.30 31.51 65.02
C PRO G 113 48.19 32.51 64.64
N TRP G 114 48.62 33.75 64.42
CA TRP G 114 47.74 34.88 64.12
C TRP G 114 47.09 34.80 62.73
N VAL G 115 47.73 34.08 61.80
CA VAL G 115 47.20 33.88 60.44
C VAL G 115 46.74 32.44 60.17
N ILE G 116 47.40 31.45 60.78
CA ILE G 116 47.04 30.03 60.56
C ILE G 116 45.61 29.68 61.01
N LEU G 117 45.04 30.47 61.92
CA LEU G 117 43.63 30.34 62.28
C LEU G 117 42.72 30.89 61.18
N ASP G 118 43.05 32.07 60.67
CA ASP G 118 42.26 32.72 59.60
C ASP G 118 42.48 32.10 58.22
N THR G 119 43.51 31.28 58.09
CA THR G 119 43.68 30.42 56.92
C THR G 119 42.60 29.33 56.93
N PHE G 120 42.48 28.63 58.07
CA PHE G 120 41.45 27.61 58.24
C PHE G 120 40.06 28.20 58.12
N LYS G 121 39.89 29.46 58.49
CA LYS G 121 38.61 30.15 58.27
C LYS G 121 38.35 30.38 56.79
N PHE G 122 39.41 30.67 56.03
CA PHE G 122 39.29 30.81 54.58
C PHE G 122 38.84 29.49 53.98
N ILE G 123 39.57 28.42 54.30
CA ILE G 123 39.20 27.07 53.85
C ILE G 123 37.74 26.73 54.15
N ILE G 124 37.18 27.30 55.22
CA ILE G 124 35.79 27.00 55.60
C ILE G 124 34.78 27.88 54.85
N ALA G 125 35.11 29.15 54.68
CA ALA G 125 34.17 30.11 54.08
C ALA G 125 34.09 29.98 52.56
N PHE G 126 35.19 29.57 51.94
CA PHE G 126 35.27 29.52 50.47
C PHE G 126 34.25 28.56 49.85
N PRO G 127 34.18 27.31 50.34
CA PRO G 127 33.11 26.41 49.90
C PRO G 127 31.72 27.04 49.93
N ILE G 128 31.41 27.79 50.98
CA ILE G 128 30.08 28.37 51.16
C ILE G 128 29.83 29.45 50.10
N ALA G 129 30.81 30.31 49.90
CA ALA G 129 30.67 31.42 48.97
C ALA G 129 30.63 30.92 47.52
N PHE G 130 31.63 30.11 47.16
CA PHE G 130 31.73 29.55 45.82
C PHE G 130 30.48 28.76 45.42
N HIS G 131 30.16 27.75 46.21
CA HIS G 131 29.02 26.90 45.90
C HIS G 131 27.72 27.70 45.80
N THR G 132 27.59 28.73 46.62
CA THR G 132 26.39 29.56 46.59
C THR G 132 26.35 30.41 45.31
N LEU G 133 27.47 31.04 44.99
CA LEU G 133 27.60 31.88 43.79
C LEU G 133 27.48 31.03 42.54
N ASN G 134 28.28 29.98 42.49
CA ASN G 134 28.27 29.06 41.35
C ASN G 134 26.93 28.39 41.21
N GLY G 135 26.19 28.33 42.31
CA GLY G 135 24.81 27.87 42.29
C GLY G 135 23.93 28.79 41.47
N ILE G 136 24.10 30.10 41.63
CA ILE G 136 23.25 31.06 40.91
C ILE G 136 23.61 31.00 39.43
N ARG G 137 24.91 30.82 39.14
CA ARG G 137 25.41 30.65 37.77
C ARG G 137 24.70 29.46 37.13
N PHE G 138 24.77 28.32 37.83
CA PHE G 138 24.13 27.08 37.41
C PHE G 138 22.61 27.19 37.27
N ILE G 139 21.95 27.91 38.19
CA ILE G 139 20.50 28.10 38.04
C ILE G 139 20.26 28.87 36.74
N GLY G 140 21.20 29.77 36.42
CA GLY G 140 21.17 30.49 35.15
C GLY G 140 21.23 29.54 33.98
N PHE G 141 22.22 28.64 34.01
CA PHE G 141 22.37 27.64 32.96
C PHE G 141 21.11 26.80 32.77
N ASP G 142 20.45 26.46 33.88
CA ASP G 142 19.20 25.71 33.82
C ASP G 142 18.13 26.44 33.03
N MET G 143 18.18 27.78 33.06
CA MET G 143 17.24 28.64 32.33
C MET G 143 17.85 29.21 31.03
N ALA G 144 18.73 28.47 30.38
CA ALA G 144 19.32 28.87 29.10
C ALA G 144 20.15 30.15 29.11
N LYS G 145 20.36 30.72 30.29
CA LYS G 145 21.07 32.00 30.42
C LYS G 145 22.56 31.74 30.50
N GLY G 146 23.33 32.55 29.79
CA GLY G 146 24.79 32.55 29.95
C GLY G 146 25.53 31.35 29.40
N THR G 147 24.94 30.64 28.43
CA THR G 147 25.51 29.37 27.98
C THR G 147 26.47 29.44 26.78
N ASP G 148 26.60 30.60 26.16
CA ASP G 148 27.59 30.74 25.10
C ASP G 148 28.95 30.60 25.75
N ILE G 149 29.90 30.06 24.99
CA ILE G 149 31.23 29.78 25.53
C ILE G 149 31.86 30.98 26.23
N PRO G 150 31.88 32.16 25.58
CA PRO G 150 32.43 33.35 26.26
C PRO G 150 31.82 33.61 27.64
N SER G 151 30.50 33.45 27.76
CA SER G 151 29.80 33.64 29.04
C SER G 151 30.17 32.56 30.05
N ILE G 152 30.19 31.31 29.62
CA ILE G 152 30.58 30.19 30.48
C ILE G 152 31.90 30.48 31.20
N TYR G 153 32.91 30.91 30.45
CA TYR G 153 34.22 31.28 31.00
C TYR G 153 34.18 32.56 31.87
N ARG G 154 33.43 33.58 31.45
CA ARG G 154 33.33 34.81 32.25
C ARG G 154 32.71 34.49 33.60
N GLY G 155 31.54 33.85 33.57
CA GLY G 155 30.83 33.41 34.78
C GLY G 155 31.68 32.59 35.75
N ALA G 156 32.52 31.72 35.21
CA ALA G 156 33.37 30.88 36.03
C ALA G 156 34.46 31.67 36.72
N TYR G 157 35.12 32.55 35.98
CA TYR G 157 36.19 33.37 36.55
C TYR G 157 35.63 34.29 37.62
N LEU G 158 34.63 35.07 37.24
CA LEU G 158 33.95 35.96 38.19
C LEU G 158 33.56 35.21 39.45
N VAL G 159 33.03 33.99 39.29
CA VAL G 159 32.54 33.21 40.44
C VAL G 159 33.65 32.83 41.39
N LEU G 160 34.78 32.30 40.90
CA LEU G 160 35.94 32.09 41.77
C LEU G 160 36.30 33.41 42.45
N GLY G 161 36.53 34.44 41.63
CA GLY G 161 36.88 35.78 42.10
C GLY G 161 36.03 36.28 43.24
N LEU G 162 34.75 36.51 42.97
CA LEU G 162 33.81 36.99 43.99
C LEU G 162 33.87 36.13 45.25
N ALA G 163 33.89 34.81 45.05
CA ALA G 163 33.88 33.87 46.15
C ALA G 163 35.12 34.01 47.02
N ALA G 164 36.29 34.20 46.41
CA ALA G 164 37.52 34.38 47.17
C ALA G 164 37.55 35.74 47.89
N LEU G 165 37.13 36.80 47.19
CA LEU G 165 36.99 38.15 47.79
C LEU G 165 35.98 38.22 48.93
N ILE G 166 34.87 37.49 48.81
CA ILE G 166 33.87 37.45 49.88
C ILE G 166 34.36 36.54 51.01
N SER G 167 35.23 35.59 50.71
CA SER G 167 35.89 34.83 51.76
C SER G 167 37.00 35.65 52.42
N LEU G 168 37.52 36.63 51.69
CA LEU G 168 38.52 37.54 52.24
C LEU G 168 37.84 38.52 53.21
N ALA G 169 36.78 39.17 52.74
CA ALA G 169 36.04 40.14 53.55
C ALA G 169 35.52 39.53 54.85
N VAL G 170 34.80 38.43 54.71
CA VAL G 170 34.18 37.76 55.84
C VAL G 170 35.20 37.38 56.93
N VAL G 171 36.35 36.86 56.51
CA VAL G 171 37.40 36.45 57.45
C VAL G 171 38.06 37.67 58.11
N VAL G 172 38.73 38.49 57.32
CA VAL G 172 39.53 39.58 57.87
C VAL G 172 38.77 40.91 57.87
N TYR G 173 37.70 40.95 58.65
CA TYR G 173 37.13 42.21 59.14
C TYR G 173 36.94 42.12 60.66
N PRO G 174 36.31 41.02 61.15
CA PRO G 174 36.44 40.64 62.55
C PRO G 174 37.89 40.58 63.09
N ARG G 175 38.84 40.06 62.33
CA ARG G 175 40.24 39.99 62.76
C ARG G 175 40.95 41.34 62.69
N TRP G 176 40.29 42.33 62.09
CA TRP G 176 40.75 43.73 62.11
C TRP G 176 39.98 44.51 63.20
N GLU G 177 39.29 43.78 64.07
CA GLU G 177 38.86 44.27 65.40
C GLU G 177 39.76 43.64 66.47
N ARG G 178 40.80 42.91 66.04
CA ARG G 178 41.67 42.13 66.94
C ARG G 178 43.18 42.28 66.69
N HIS G 179 43.60 42.45 65.42
CA HIS G 179 44.97 42.90 65.12
C HIS G 179 45.03 44.42 65.20
N LYS G 180 43.96 45.08 64.73
CA LYS G 180 43.80 46.52 64.89
C LYS G 180 43.12 46.87 66.23
N LYS G 181 43.30 45.97 67.21
CA LYS G 181 43.16 46.30 68.62
C LYS G 181 44.39 45.82 69.42
N ALA G 182 45.46 45.42 68.72
CA ALA G 182 46.68 44.88 69.35
C ALA G 182 48.00 45.55 68.90
N THR G 183 47.94 46.49 67.95
CA THR G 183 49.15 47.19 67.45
C THR G 183 48.84 48.41 66.55
N LEU G 184 48.54 49.56 67.16
CA LEU G 184 48.22 50.80 66.43
C LEU G 184 48.32 52.03 67.39
N PRO G 185 48.23 53.29 66.87
CA PRO G 185 48.76 54.50 67.53
C PRO G 185 48.75 54.61 69.07
N THR G 186 47.72 54.11 69.75
CA THR G 186 47.64 54.21 71.22
C THR G 186 48.79 53.47 71.90
N THR H 28 31.78 -23.95 3.08
CA THR H 28 30.55 -23.86 2.25
C THR H 28 29.50 -22.92 2.88
N SER H 29 28.41 -22.71 2.14
CA SER H 29 27.23 -22.07 2.70
C SER H 29 26.25 -23.15 3.16
N ALA H 30 26.68 -23.94 4.14
CA ALA H 30 25.80 -24.87 4.87
C ALA H 30 25.75 -24.33 6.30
N ALA H 31 24.74 -23.51 6.58
CA ALA H 31 24.82 -22.57 7.70
C ALA H 31 23.48 -22.16 8.31
N VAL H 32 23.60 -21.57 9.49
CA VAL H 32 22.46 -21.19 10.34
C VAL H 32 21.55 -20.15 9.69
N THR H 33 20.40 -19.93 10.29
CA THR H 33 19.47 -18.85 9.91
C THR H 33 19.51 -17.76 10.98
N GLY H 34 19.35 -16.51 10.55
CA GLY H 34 19.63 -15.38 11.42
C GLY H 34 18.45 -14.60 11.91
N ALA H 35 18.71 -13.73 12.89
CA ALA H 35 17.74 -12.78 13.41
C ALA H 35 18.11 -11.37 12.98
N ALA H 36 17.13 -10.48 13.02
CA ALA H 36 17.37 -9.05 12.79
C ALA H 36 18.18 -8.53 13.97
N PRO H 37 19.04 -7.52 13.73
CA PRO H 37 19.87 -7.02 14.83
C PRO H 37 19.04 -6.34 15.91
N PRO H 38 19.65 -6.05 17.07
CA PRO H 38 18.94 -5.28 18.06
C PRO H 38 18.65 -3.90 17.49
N GLN H 39 17.38 -3.54 17.45
CA GLN H 39 16.94 -2.29 16.85
C GLN H 39 15.79 -1.77 17.69
N PHE H 40 15.80 -0.47 17.96
CA PHE H 40 14.76 0.15 18.76
C PHE H 40 13.68 0.66 17.83
N ASP H 41 12.53 0.00 17.79
CA ASP H 41 11.40 0.49 17.01
C ASP H 41 10.69 1.50 17.90
N PRO H 42 10.68 2.78 17.52
CA PRO H 42 10.02 3.79 18.32
C PRO H 42 8.50 3.82 18.16
N ILE H 43 7.98 3.01 17.24
CA ILE H 43 6.54 2.89 17.06
C ILE H 43 6.04 1.64 17.82
N ALA H 44 6.86 0.61 17.91
CA ALA H 44 6.60 -0.45 18.88
C ALA H 44 6.47 0.16 20.28
N ALA H 45 7.36 1.11 20.59
CA ALA H 45 7.41 1.76 21.92
C ALA H 45 6.19 2.64 22.26
N GLU H 46 5.51 3.15 21.24
CA GLU H 46 4.35 4.02 21.45
C GLU H 46 3.09 3.24 21.82
N LYS H 47 3.01 1.98 21.36
CA LYS H 47 1.96 1.05 21.80
C LYS H 47 2.37 0.48 23.16
N GLY H 48 1.86 1.09 24.23
CA GLY H 48 2.11 0.59 25.58
C GLY H 48 2.61 1.63 26.57
N PHE H 49 3.38 2.60 26.10
CA PHE H 49 3.94 3.64 26.98
C PHE H 49 2.83 4.54 27.54
N LYS H 50 2.15 4.06 28.57
CA LYS H 50 1.08 4.81 29.23
C LYS H 50 1.51 5.64 30.45
N PRO H 51 2.72 5.40 31.02
CA PRO H 51 3.12 6.23 32.17
C PRO H 51 3.14 7.75 31.93
N LEU H 52 2.77 8.50 32.97
CA LEU H 52 2.72 9.96 32.92
C LEU H 52 3.48 10.53 34.14
N HIS H 53 4.81 10.42 34.09
CA HIS H 53 5.69 10.93 35.15
C HIS H 53 5.76 12.45 35.07
N SER H 54 6.29 13.10 36.11
CA SER H 54 6.14 14.53 36.27
C SER H 54 7.25 15.11 37.13
N HIS H 55 8.49 14.91 36.71
CA HIS H 55 9.62 15.39 37.49
C HIS H 55 9.84 16.90 37.30
N GLY H 56 9.14 17.48 36.33
CA GLY H 56 9.28 18.90 36.04
C GLY H 56 9.00 19.79 37.24
N THR H 57 7.90 19.51 37.94
CA THR H 57 7.47 20.37 39.05
C THR H 57 8.45 20.21 40.22
N LEU H 58 8.86 18.97 40.46
CA LEU H 58 9.86 18.68 41.48
C LEU H 58 11.18 19.40 41.19
N PHE H 59 11.61 19.40 39.93
CA PHE H 59 12.84 20.10 39.53
C PHE H 59 12.67 21.60 39.73
N LYS H 60 11.47 22.10 39.50
CA LYS H 60 11.19 23.52 39.66
C LYS H 60 11.40 23.93 41.12
N ILE H 61 10.74 23.22 42.04
CA ILE H 61 10.82 23.63 43.45
C ILE H 61 12.25 23.44 43.98
N GLU H 62 12.99 22.44 43.47
CA GLU H 62 14.40 22.28 43.86
C GLU H 62 15.17 23.57 43.63
N ARG H 63 14.94 24.18 42.46
CA ARG H 63 15.72 25.36 42.07
C ARG H 63 15.16 26.66 42.68
N TYR H 64 13.84 26.77 42.82
CA TYR H 64 13.25 27.89 43.57
C TYR H 64 13.71 27.86 45.03
N PHE H 65 13.81 26.67 45.60
CA PHE H 65 14.26 26.52 46.97
C PHE H 65 15.72 26.91 47.14
N ALA H 66 16.57 26.53 46.18
CA ALA H 66 17.98 26.93 46.22
C ALA H 66 18.10 28.44 46.05
N ALA H 67 17.21 29.00 45.23
CA ALA H 67 17.16 30.43 45.01
C ALA H 67 16.74 31.15 46.28
N ALA H 68 15.66 30.67 46.92
CA ALA H 68 15.20 31.25 48.19
C ALA H 68 16.27 31.18 49.29
N MET H 69 17.19 30.22 49.21
CA MET H 69 18.31 30.13 50.15
C MET H 69 19.41 31.17 49.94
N VAL H 70 19.40 31.88 48.81
CA VAL H 70 20.46 32.85 48.51
C VAL H 70 20.51 34.00 49.51
N PRO H 71 19.38 34.66 49.78
CA PRO H 71 19.36 35.64 50.87
C PRO H 71 19.61 35.04 52.26
N LEU H 72 19.19 33.80 52.47
CA LEU H 72 19.23 33.19 53.79
C LEU H 72 20.65 33.12 54.34
N ILE H 73 21.59 32.70 53.50
CA ILE H 73 22.98 32.47 53.93
C ILE H 73 23.69 33.74 54.42
N PRO H 74 23.58 34.87 53.68
CA PRO H 74 24.08 36.12 54.24
C PRO H 74 23.22 36.62 55.41
N ALA H 75 21.91 36.43 55.34
CA ALA H 75 21.02 36.80 56.45
C ALA H 75 21.40 36.10 57.77
N ALA H 76 21.98 34.91 57.67
CA ALA H 76 22.42 34.18 58.87
C ALA H 76 23.78 34.66 59.39
N TYR H 77 24.41 35.59 58.66
CA TYR H 77 25.65 36.21 59.14
C TYR H 77 25.33 37.25 60.20
N PHE H 78 24.27 38.02 59.96
CA PHE H 78 23.90 39.12 60.83
C PHE H 78 22.85 38.67 61.84
N ILE H 79 21.68 38.27 61.35
CA ILE H 79 20.57 37.91 62.23
C ILE H 79 20.83 36.49 62.78
N HIS H 80 20.60 36.32 64.08
CA HIS H 80 20.95 35.08 64.80
C HIS H 80 19.76 34.58 65.62
N GLY H 81 19.96 33.53 66.40
CA GLY H 81 18.96 33.07 67.35
C GLY H 81 18.40 31.71 67.05
N ARG H 82 17.39 31.32 67.83
CA ARG H 82 16.80 29.99 67.76
C ARG H 82 16.10 29.70 66.44
N GLU H 83 15.46 30.72 65.88
CA GLU H 83 14.60 30.56 64.71
C GLU H 83 15.40 30.61 63.40
N MET H 84 16.53 31.31 63.38
CA MET H 84 17.43 31.20 62.25
C MET H 84 18.01 29.79 62.21
N ASP H 85 18.36 29.27 63.38
CA ASP H 85 18.86 27.91 63.48
C ASP H 85 17.84 26.87 62.97
N LEU H 86 16.55 27.15 63.19
CA LEU H 86 15.48 26.29 62.69
C LEU H 86 15.30 26.39 61.18
N CYS H 87 15.40 27.62 60.67
CA CYS H 87 15.40 27.86 59.23
C CYS H 87 16.57 27.16 58.56
N LEU H 88 17.77 27.46 59.04
CA LEU H 88 18.99 26.86 58.48
C LEU H 88 18.95 25.35 58.57
N ALA H 89 18.49 24.82 59.69
CA ALA H 89 18.42 23.38 59.86
C ALA H 89 17.45 22.77 58.85
N LEU H 90 16.26 23.34 58.70
CA LEU H 90 15.26 22.78 57.79
C LEU H 90 15.67 22.93 56.33
N ALA H 91 16.14 24.12 55.97
CA ALA H 91 16.48 24.42 54.59
C ALA H 91 17.70 23.62 54.09
N LEU H 92 18.75 23.56 54.91
CA LEU H 92 19.95 22.79 54.54
C LEU H 92 19.65 21.30 54.37
N THR H 93 18.86 20.76 55.28
CA THR H 93 18.52 19.33 55.26
C THR H 93 17.84 18.97 53.95
N LEU H 94 16.83 19.75 53.61
CA LEU H 94 16.02 19.50 52.43
C LEU H 94 16.84 19.67 51.15
N HIS H 95 17.74 20.64 51.15
CA HIS H 95 18.58 20.89 49.99
C HIS H 95 19.60 19.77 49.78
N VAL H 96 20.33 19.45 50.85
CA VAL H 96 21.32 18.37 50.83
C VAL H 96 20.63 17.07 50.44
N HIS H 97 19.40 16.87 50.90
CA HIS H 97 18.67 15.66 50.58
C HIS H 97 18.57 15.48 49.06
N TRP H 98 17.99 16.47 48.39
CA TRP H 98 17.90 16.47 46.94
C TRP H 98 19.27 16.45 46.31
N GLY H 99 20.20 17.15 46.94
CA GLY H 99 21.58 17.16 46.48
C GLY H 99 22.18 15.78 46.44
N VAL H 100 22.31 15.13 47.61
CA VAL H 100 22.95 13.80 47.68
C VAL H 100 22.13 12.76 46.95
N TRP H 101 20.80 12.92 46.91
CA TRP H 101 19.99 12.02 46.11
C TRP H 101 20.54 11.97 44.68
N GLY H 102 20.85 13.13 44.12
CA GLY H 102 21.38 13.25 42.77
C GLY H 102 22.74 12.61 42.59
N VAL H 103 23.64 12.95 43.49
CA VAL H 103 25.00 12.42 43.48
C VAL H 103 24.99 10.90 43.64
N VAL H 104 24.09 10.41 44.50
CA VAL H 104 23.97 8.98 44.75
C VAL H 104 23.48 8.26 43.50
N ASN H 105 22.55 8.85 42.78
CA ASN H 105 22.08 8.24 41.52
C ASN H 105 23.13 8.21 40.41
N ASP H 106 24.09 9.14 40.44
CA ASP H 106 25.22 9.11 39.51
C ASP H 106 26.18 7.95 39.80
N TYR H 107 26.75 7.91 41.00
CA TYR H 107 27.78 6.93 41.31
C TYR H 107 27.24 5.61 41.86
N GLY H 108 25.99 5.60 42.31
CA GLY H 108 25.36 4.37 42.77
C GLY H 108 24.55 3.66 41.70
N ARG H 109 25.22 3.18 40.67
CA ARG H 109 24.60 2.57 39.49
C ARG H 109 24.46 1.07 39.58
N PRO H 110 23.32 0.52 39.15
CA PRO H 110 23.24 -0.95 39.10
C PRO H 110 24.27 -1.61 38.18
N PHE H 111 24.60 -0.99 37.05
CA PHE H 111 25.57 -1.59 36.11
C PHE H 111 26.90 -1.93 36.79
N VAL H 112 27.32 -1.10 37.73
CA VAL H 112 28.63 -1.28 38.37
C VAL H 112 28.54 -1.95 39.75
N LEU H 113 27.52 -1.61 40.54
CA LEU H 113 27.37 -2.15 41.90
C LEU H 113 26.53 -3.42 42.01
N GLY H 114 25.70 -3.68 41.01
CA GLY H 114 24.65 -4.70 41.14
C GLY H 114 23.37 -4.12 41.74
N ASP H 115 22.24 -4.74 41.45
CA ASP H 115 20.95 -4.19 41.80
C ASP H 115 20.79 -3.92 43.29
N THR H 116 21.11 -4.91 44.12
CA THR H 116 20.83 -4.82 45.55
C THR H 116 21.74 -3.80 46.24
N LEU H 117 23.03 -3.81 45.93
CA LEU H 117 23.93 -2.79 46.49
C LEU H 117 23.51 -1.37 46.06
N ALA H 118 22.98 -1.26 44.84
CA ALA H 118 22.43 0.01 44.35
C ALA H 118 21.16 0.36 45.12
N ALA H 119 20.28 -0.62 45.29
CA ALA H 119 19.09 -0.43 46.15
C ALA H 119 19.48 -0.01 47.57
N ALA H 120 20.60 -0.51 48.07
CA ALA H 120 21.08 -0.13 49.40
C ALA H 120 21.41 1.36 49.49
N VAL H 121 22.27 1.83 48.60
CA VAL H 121 22.74 3.20 48.66
C VAL H 121 21.61 4.23 48.53
N ARG H 122 20.58 3.91 47.76
CA ARG H 122 19.40 4.78 47.65
C ARG H 122 18.69 4.92 48.98
N VAL H 123 18.41 3.78 49.61
CA VAL H 123 17.90 3.74 50.97
C VAL H 123 18.85 4.51 51.91
N GLY H 124 20.16 4.34 51.70
CA GLY H 124 21.18 4.98 52.51
C GLY H 124 21.17 6.48 52.37
N ALA H 125 20.73 6.97 51.21
CA ALA H 125 20.64 8.41 50.99
C ALA H 125 19.50 8.99 51.82
N TYR H 126 18.41 8.23 51.96
CA TYR H 126 17.33 8.65 52.84
C TYR H 126 17.74 8.59 54.32
N ILE H 127 18.48 7.53 54.70
CA ILE H 127 19.02 7.41 56.05
C ILE H 127 19.91 8.60 56.36
N PHE H 128 20.76 8.97 55.41
CA PHE H 128 21.69 10.09 55.55
C PHE H 128 20.93 11.38 55.84
N THR H 129 19.83 11.60 55.15
CA THR H 129 19.03 12.81 55.33
C THR H 129 18.46 12.84 56.74
N ALA H 130 17.86 11.72 57.12
CA ALA H 130 17.26 11.54 58.44
C ALA H 130 18.26 11.80 59.55
N CYS H 131 19.42 11.16 59.46
CA CYS H 131 20.47 11.41 60.43
C CYS H 131 20.80 12.89 60.46
N LEU H 132 21.22 13.42 59.32
CA LEU H 132 21.59 14.83 59.19
C LEU H 132 20.62 15.76 59.94
N LEU H 133 19.33 15.49 59.82
CA LEU H 133 18.33 16.30 60.53
C LEU H 133 18.36 16.13 62.05
N ALA H 134 18.39 14.88 62.51
CA ALA H 134 18.46 14.56 63.94
C ALA H 134 19.67 15.26 64.53
N GLY H 135 20.81 15.06 63.88
CA GLY H 135 22.07 15.70 64.26
C GLY H 135 21.98 17.23 64.36
N LEU H 136 21.23 17.84 63.44
CA LEU H 136 21.10 19.31 63.43
C LEU H 136 20.11 19.81 64.47
N LEU H 137 18.93 19.23 64.50
CA LEU H 137 17.97 19.56 65.54
C LEU H 137 18.56 19.38 66.93
N TYR H 138 19.26 18.28 67.17
CA TYR H 138 19.86 18.03 68.49
C TYR H 138 20.85 19.13 68.88
N PHE H 139 21.80 19.41 68.02
CA PHE H 139 22.77 20.49 68.22
C PHE H 139 22.10 21.87 68.37
N ASN H 140 20.94 22.07 67.74
CA ASN H 140 20.17 23.31 67.92
C ASN H 140 19.48 23.41 69.28
N GLU H 141 19.14 22.26 69.85
CA GLU H 141 18.32 22.20 71.06
C GLU H 141 19.10 21.82 72.33
N HIS H 142 20.34 21.36 72.18
CA HIS H 142 21.17 20.93 73.32
C HIS H 142 22.64 21.33 73.20
N ASP H 143 22.88 22.38 72.42
CA ASP H 143 24.21 22.94 72.26
C ASP H 143 24.08 24.39 71.78
N VAL H 144 25.19 24.96 71.32
CA VAL H 144 25.23 26.40 71.02
C VAL H 144 24.27 26.81 69.90
N GLY H 145 23.99 25.88 68.97
CA GLY H 145 23.18 26.17 67.80
C GLY H 145 24.08 26.63 66.66
N LEU H 146 23.57 26.60 65.44
CA LEU H 146 24.38 26.87 64.26
C LEU H 146 24.87 28.32 64.19
N THR H 147 23.95 29.26 64.35
CA THR H 147 24.31 30.67 64.24
C THR H 147 25.44 31.01 65.21
N ARG H 148 25.33 30.54 66.45
CA ARG H 148 26.40 30.72 67.43
C ARG H 148 27.65 29.91 67.05
N ALA H 149 27.46 28.61 66.80
CA ALA H 149 28.58 27.70 66.46
C ALA H 149 29.60 28.37 65.56
N PHE H 150 29.11 29.01 64.50
CA PHE H 150 29.98 29.75 63.60
C PHE H 150 30.56 30.99 64.27
N GLU H 151 29.69 31.82 64.86
CA GLU H 151 30.15 32.99 65.61
C GLU H 151 31.34 32.64 66.50
N MET H 152 31.24 31.52 67.20
CA MET H 152 32.27 31.12 68.16
C MET H 152 33.59 30.74 67.49
N VAL H 153 33.52 30.06 66.35
CA VAL H 153 34.74 29.72 65.61
C VAL H 153 35.29 30.95 64.87
N TRP H 154 34.42 31.95 64.64
CA TRP H 154 34.81 33.22 64.02
C TRP H 154 35.50 34.21 64.97
N GLU H 155 35.40 33.97 66.28
CA GLU H 155 36.10 34.78 67.26
C GLU H 155 37.58 34.43 67.34
N LEU H 156 37.85 33.12 67.50
CA LEU H 156 39.22 32.59 67.55
C LEU H 156 40.22 33.45 66.77
#